data_5CHO
#
_entry.id   5CHO
#
_cell.length_a   278.010
_cell.length_b   62.340
_cell.length_c   101.880
_cell.angle_alpha   90.000
_cell.angle_beta   110.840
_cell.angle_gamma   90.000
#
_symmetry.space_group_name_H-M   'C 1 2 1'
#
loop_
_entity.id
_entity.type
_entity.pdbx_description
1 polymer 'Flavin reductase'
2 non-polymer 'FLAVIN-ADENINE DINUCLEOTIDE'
3 water water
#
_entity_poly.entity_id   1
_entity_poly.type   'polypeptide(L)'
_entity_poly.pdbx_seq_one_letter_code
;MEGSVNGSQRGNGSQRERVPEPGAGPTTDLLRDSRSLRGIFSSFATGVTVVTVGGDSPHAMTANSFTSVSLDPPLILVCV
ECDAAMHGSLLEVGSFGVSVLAADQQHVALLYANRWRPRDPTQFDRPGWARGARTGAPLARGALAWFECALWRAYDAGDH
SIFVGRLLTAERHDRRDALVYHSGQFRGLPDRAPVE
;
_entity_poly.pdbx_strand_id   A,B,C,D,E,F,G,H
#
loop_
_chem_comp.id
_chem_comp.type
_chem_comp.name
_chem_comp.formula
FAD non-polymer 'FLAVIN-ADENINE DINUCLEOTIDE' 'C27 H33 N9 O15 P2'
#
# COMPACT_ATOMS: atom_id res chain seq x y z
N LEU A 30 6.01 24.61 -0.28
CA LEU A 30 6.35 23.34 0.37
C LEU A 30 5.11 22.69 0.97
N LEU A 31 4.11 23.50 1.31
CA LEU A 31 2.83 22.97 1.77
C LEU A 31 2.11 22.28 0.61
N ARG A 32 2.53 22.57 -0.61
CA ARG A 32 1.94 21.98 -1.80
C ARG A 32 2.52 20.60 -2.07
N ASP A 33 3.64 20.30 -1.43
CA ASP A 33 4.34 19.03 -1.60
C ASP A 33 3.85 18.01 -0.58
N SER A 34 3.35 16.88 -1.06
CA SER A 34 2.78 15.85 -0.20
C SER A 34 3.82 15.14 0.65
N ARG A 35 4.96 14.78 0.07
CA ARG A 35 5.96 14.02 0.79
C ARG A 35 6.60 14.88 1.87
N SER A 36 6.77 16.17 1.58
CA SER A 36 7.39 17.09 2.52
C SER A 36 6.48 17.24 3.73
N LEU A 37 5.21 17.51 3.48
CA LEU A 37 4.25 17.75 4.53
C LEU A 37 3.97 16.51 5.37
N ARG A 38 3.87 15.35 4.72
CA ARG A 38 3.68 14.08 5.41
C ARG A 38 4.84 13.80 6.36
N GLY A 39 6.03 14.23 5.96
CA GLY A 39 7.22 14.08 6.79
C GLY A 39 7.10 14.89 8.06
N ILE A 40 6.55 16.10 7.95
CA ILE A 40 6.35 16.96 9.10
C ILE A 40 5.26 16.41 10.01
N PHE A 41 4.11 16.06 9.44
CA PHE A 41 3.06 15.36 10.18
C PHE A 41 3.61 14.17 10.96
N SER A 42 4.63 13.50 10.41
CA SER A 42 5.13 12.26 11.00
C SER A 42 5.89 12.48 12.28
N SER A 43 6.23 13.75 12.57
CA SER A 43 6.94 14.08 13.80
C SER A 43 6.07 13.83 15.04
N PHE A 44 4.76 13.82 14.84
CA PHE A 44 3.82 13.49 15.92
C PHE A 44 3.56 11.98 16.00
N ALA A 45 4.05 11.35 17.06
CA ALA A 45 3.89 9.92 17.25
C ALA A 45 2.44 9.57 17.49
N THR A 46 2.06 8.36 17.11
CA THR A 46 0.72 7.85 17.33
C THR A 46 0.77 6.36 17.62
N GLY A 47 -0.29 5.85 18.25
CA GLY A 47 -0.53 4.42 18.27
C GLY A 47 -1.10 4.03 16.92
N VAL A 48 -1.59 2.81 16.80
CA VAL A 48 -2.17 2.36 15.54
C VAL A 48 -3.40 1.52 15.80
N THR A 49 -4.48 1.79 15.06
CA THR A 49 -5.70 0.99 15.16
C THR A 49 -6.09 0.31 13.86
N VAL A 50 -7.03 -0.62 13.97
CA VAL A 50 -7.76 -1.12 12.82
C VAL A 50 -9.24 -0.80 13.00
N VAL A 51 -9.77 -0.01 12.07
CA VAL A 51 -11.18 0.34 12.04
C VAL A 51 -11.94 -0.67 11.19
N THR A 52 -13.06 -1.19 11.71
CA THR A 52 -13.79 -2.26 11.02
C THR A 52 -15.30 -2.03 11.01
N VAL A 53 -15.98 -2.61 10.03
CA VAL A 53 -17.44 -2.70 10.05
C VAL A 53 -17.85 -4.16 9.90
N GLY A 54 -19.06 -4.48 10.34
CA GLY A 54 -19.63 -5.80 10.13
C GLY A 54 -20.63 -5.75 8.99
N GLY A 55 -21.74 -6.46 9.15
CA GLY A 55 -22.78 -6.48 8.13
C GLY A 55 -22.56 -7.51 7.04
N ASP A 56 -23.12 -7.22 5.87
CA ASP A 56 -23.06 -8.15 4.73
C ASP A 56 -21.68 -8.18 4.11
N SER A 57 -21.04 -7.01 4.10
CA SER A 57 -19.72 -6.85 3.51
C SER A 57 -18.74 -6.35 4.57
N PRO A 58 -18.40 -7.20 5.55
CA PRO A 58 -17.41 -6.81 6.55
C PRO A 58 -16.13 -6.29 5.91
N HIS A 59 -15.52 -5.31 6.54
CA HIS A 59 -14.35 -4.66 6.00
C HIS A 59 -13.48 -4.12 7.12
N ALA A 60 -12.21 -3.87 6.82
CA ALA A 60 -11.29 -3.32 7.80
C ALA A 60 -10.25 -2.44 7.12
N MET A 61 -9.72 -1.48 7.87
CA MET A 61 -8.67 -0.59 7.39
C MET A 61 -7.84 -0.12 8.57
N THR A 62 -6.58 0.20 8.28
CA THR A 62 -5.65 0.65 9.31
C THR A 62 -5.75 2.17 9.46
N ALA A 63 -5.88 2.62 10.69
CA ALA A 63 -6.02 4.05 10.97
C ALA A 63 -5.22 4.45 12.20
N ASN A 64 -4.53 5.59 12.11
CA ASN A 64 -3.84 6.18 13.25
C ASN A 64 -4.41 7.55 13.59
N SER A 65 -5.48 7.94 12.90
CA SER A 65 -6.13 9.22 13.15
C SER A 65 -7.14 9.11 14.29
N PHE A 66 -7.15 7.95 14.95
CA PHE A 66 -8.07 7.71 16.06
C PHE A 66 -7.76 8.66 17.22
N THR A 67 -8.79 9.28 17.77
CA THR A 67 -8.64 10.28 18.82
C THR A 67 -9.84 10.27 19.77
N SER A 68 -9.55 10.22 21.07
CA SER A 68 -10.58 10.35 22.09
C SER A 68 -11.08 11.78 22.14
N VAL A 69 -12.40 11.96 22.11
CA VAL A 69 -12.98 13.28 21.91
C VAL A 69 -13.75 13.81 23.12
N SER A 70 -14.59 12.96 23.69
CA SER A 70 -15.52 13.40 24.73
C SER A 70 -15.85 12.27 25.70
N LEU A 71 -16.17 12.63 26.94
CA LEU A 71 -16.52 11.67 27.96
C LEU A 71 -18.00 11.63 28.22
N ASP A 72 -18.64 12.79 28.09
CA ASP A 72 -20.07 12.90 28.28
C ASP A 72 -20.69 13.77 27.18
N PRO A 73 -21.28 13.14 26.15
CA PRO A 73 -21.34 11.70 25.90
C PRO A 73 -20.00 11.10 25.45
N PRO A 74 -19.80 9.80 25.65
CA PRO A 74 -18.56 9.12 25.25
C PRO A 74 -18.40 9.08 23.73
N LEU A 75 -17.46 9.88 23.22
CA LEU A 75 -17.26 10.01 21.78
C LEU A 75 -15.79 9.78 21.39
N ILE A 76 -15.58 9.24 20.19
CA ILE A 76 -14.25 9.19 19.59
C ILE A 76 -14.36 9.65 18.14
N LEU A 77 -13.22 9.87 17.49
CA LEU A 77 -13.24 10.16 16.06
C LEU A 77 -12.12 9.47 15.31
N VAL A 78 -12.34 9.29 14.02
CA VAL A 78 -11.33 8.83 13.09
C VAL A 78 -11.46 9.64 11.81
N CYS A 79 -10.35 9.86 11.12
CA CYS A 79 -10.37 10.56 9.84
C CYS A 79 -10.13 9.58 8.71
N VAL A 80 -11.09 9.52 7.78
CA VAL A 80 -11.01 8.57 6.67
C VAL A 80 -11.06 9.29 5.32
N GLU A 81 -10.07 8.96 4.50
CA GLU A 81 -9.97 9.45 3.12
C GLU A 81 -11.28 9.31 2.36
N CYS A 82 -11.64 10.34 1.62
CA CYS A 82 -12.90 10.35 0.87
C CYS A 82 -12.93 9.21 -0.16
N ASP A 83 -11.80 8.97 -0.81
CA ASP A 83 -11.70 7.94 -1.84
C ASP A 83 -11.52 6.53 -1.30
N ALA A 84 -11.42 6.39 0.02
CA ALA A 84 -11.22 5.07 0.61
C ALA A 84 -12.55 4.35 0.76
N ALA A 85 -12.51 3.02 0.61
CA ALA A 85 -13.71 2.20 0.65
C ALA A 85 -14.38 2.28 2.02
N MET A 86 -13.61 2.40 3.08
CA MET A 86 -14.19 2.43 4.42
C MET A 86 -15.05 3.68 4.62
N HIS A 87 -14.74 4.74 3.88
CA HIS A 87 -15.54 5.97 3.91
C HIS A 87 -16.99 5.62 3.59
N GLY A 88 -17.19 4.82 2.55
CA GLY A 88 -18.51 4.36 2.18
C GLY A 88 -19.11 3.36 3.14
N SER A 89 -18.30 2.40 3.58
CA SER A 89 -18.75 1.37 4.52
C SER A 89 -19.24 1.97 5.84
N LEU A 90 -18.52 2.98 6.32
CA LEU A 90 -18.89 3.59 7.60
C LEU A 90 -20.26 4.26 7.46
N LEU A 91 -20.43 5.04 6.39
CA LEU A 91 -21.72 5.66 6.11
C LEU A 91 -22.84 4.65 5.84
N GLU A 92 -22.54 3.59 5.10
CA GLU A 92 -23.55 2.58 4.77
C GLU A 92 -24.00 1.81 6.01
N VAL A 93 -23.05 1.36 6.81
CA VAL A 93 -23.34 0.47 7.94
C VAL A 93 -23.73 1.22 9.23
N GLY A 94 -23.24 2.45 9.37
CA GLY A 94 -23.60 3.29 10.50
C GLY A 94 -23.05 2.90 11.86
N SER A 95 -22.26 1.83 11.93
CA SER A 95 -21.54 1.49 13.16
C SER A 95 -20.19 0.85 12.81
N PHE A 96 -19.27 0.84 13.76
CA PHE A 96 -17.94 0.32 13.50
C PHE A 96 -17.17 -0.06 14.75
N GLY A 97 -16.11 -0.83 14.52
CA GLY A 97 -15.22 -1.27 15.58
C GLY A 97 -13.87 -0.59 15.48
N VAL A 98 -13.16 -0.52 16.59
CA VAL A 98 -11.81 0.01 16.63
C VAL A 98 -10.97 -0.87 17.54
N SER A 99 -9.83 -1.34 17.05
CA SER A 99 -8.91 -2.15 17.85
C SER A 99 -7.56 -1.47 17.92
N VAL A 100 -7.08 -1.23 19.14
CA VAL A 100 -5.80 -0.57 19.35
C VAL A 100 -4.71 -1.64 19.33
N LEU A 101 -3.73 -1.48 18.46
CA LEU A 101 -2.81 -2.57 18.16
C LEU A 101 -1.60 -2.65 19.06
N ALA A 102 -1.30 -3.88 19.49
CA ALA A 102 -0.07 -4.17 20.22
C ALA A 102 1.12 -4.20 19.27
N ALA A 103 2.32 -4.19 19.84
CA ALA A 103 3.55 -4.08 19.07
C ALA A 103 3.81 -5.30 18.18
N ASP A 104 3.31 -6.47 18.60
CA ASP A 104 3.47 -7.69 17.81
C ASP A 104 2.35 -7.86 16.78
N GLN A 105 1.66 -6.77 16.46
CA GLN A 105 0.57 -6.79 15.49
C GLN A 105 0.87 -5.81 14.38
N GLN A 106 2.15 -5.51 14.20
CA GLN A 106 2.62 -4.70 13.09
C GLN A 106 2.14 -5.26 11.76
N HIS A 107 2.13 -6.57 11.64
CA HIS A 107 1.76 -7.23 10.39
C HIS A 107 0.29 -6.97 10.09
N VAL A 108 -0.53 -6.87 11.14
CA VAL A 108 -1.93 -6.49 10.97
C VAL A 108 -2.07 -5.07 10.43
N ALA A 109 -1.29 -4.14 10.99
CA ALA A 109 -1.33 -2.76 10.55
C ALA A 109 -0.95 -2.66 9.09
N LEU A 110 0.10 -3.38 8.71
CA LEU A 110 0.57 -3.34 7.33
C LEU A 110 -0.47 -3.91 6.37
N LEU A 111 -0.98 -5.10 6.70
CA LEU A 111 -1.98 -5.76 5.85
C LEU A 111 -3.17 -4.87 5.54
N TYR A 112 -3.78 -4.28 6.56
CA TYR A 112 -5.01 -3.52 6.34
C TYR A 112 -4.74 -2.08 5.98
N ALA A 113 -3.47 -1.76 5.76
CA ALA A 113 -3.09 -0.51 5.11
C ALA A 113 -2.78 -0.74 3.62
N ASN A 114 -2.76 -2.00 3.21
CA ASN A 114 -2.41 -2.37 1.84
C ASN A 114 -3.63 -2.38 0.89
N ARG A 115 -3.73 -1.37 0.03
CA ARG A 115 -4.84 -1.24 -0.91
C ARG A 115 -4.97 -2.43 -1.86
N TRP A 116 -3.88 -3.18 -2.00
CA TRP A 116 -3.83 -4.31 -2.92
C TRP A 116 -4.28 -5.60 -2.23
N ARG A 117 -4.71 -5.48 -0.98
CA ARG A 117 -4.98 -6.65 -0.15
C ARG A 117 -6.22 -7.42 -0.61
N PRO A 118 -6.26 -8.73 -0.33
CA PRO A 118 -7.48 -9.52 -0.54
C PRO A 118 -8.61 -8.94 0.30
N ARG A 119 -9.79 -8.73 -0.29
CA ARG A 119 -10.91 -8.09 0.41
C ARG A 119 -12.07 -9.03 0.72
N ASP A 120 -11.81 -10.34 0.68
CA ASP A 120 -12.82 -11.35 0.95
C ASP A 120 -13.31 -11.22 2.41
N PRO A 121 -14.63 -11.04 2.63
CA PRO A 121 -15.19 -10.95 3.98
C PRO A 121 -14.93 -12.18 4.84
N THR A 122 -14.63 -13.29 4.17
CA THR A 122 -14.37 -14.55 4.85
C THR A 122 -13.19 -14.46 5.82
N GLN A 123 -12.26 -13.54 5.56
CA GLN A 123 -11.07 -13.39 6.38
C GLN A 123 -11.39 -13.01 7.82
N PHE A 124 -12.52 -12.34 8.00
CA PHE A 124 -12.95 -11.88 9.32
C PHE A 124 -13.65 -12.98 10.10
N ASP A 125 -13.71 -14.17 9.51
CA ASP A 125 -14.19 -15.36 10.20
C ASP A 125 -13.04 -16.19 10.76
N ARG A 126 -11.81 -15.81 10.43
CA ARG A 126 -10.64 -16.52 10.93
C ARG A 126 -10.46 -16.30 12.43
N PRO A 127 -9.61 -17.11 13.08
CA PRO A 127 -9.61 -17.05 14.55
C PRO A 127 -8.95 -15.82 15.18
N GLY A 128 -8.16 -15.06 14.43
CA GLY A 128 -7.55 -13.85 14.96
C GLY A 128 -8.55 -12.72 15.20
N TRP A 129 -9.81 -12.96 14.83
CA TRP A 129 -10.87 -11.95 14.96
C TRP A 129 -11.98 -12.38 15.90
N ALA A 130 -12.45 -11.42 16.68
CA ALA A 130 -13.68 -11.58 17.44
C ALA A 130 -14.72 -10.68 16.78
N ARG A 131 -15.99 -10.89 17.10
CA ARG A 131 -17.06 -10.06 16.58
C ARG A 131 -17.70 -9.28 17.72
N GLY A 132 -17.80 -7.97 17.55
CA GLY A 132 -18.34 -7.13 18.60
C GLY A 132 -19.79 -7.48 18.84
N ALA A 133 -20.15 -7.63 20.11
CA ALA A 133 -21.49 -8.10 20.50
C ALA A 133 -22.58 -7.14 20.04
N ARG A 134 -22.29 -5.84 20.02
CA ARG A 134 -23.30 -4.83 19.70
C ARG A 134 -23.39 -4.48 18.23
N THR A 135 -22.27 -4.57 17.52
CA THR A 135 -22.20 -4.11 16.14
C THR A 135 -21.85 -5.22 15.16
N GLY A 136 -21.37 -6.34 15.69
CA GLY A 136 -20.86 -7.42 14.86
C GLY A 136 -19.58 -7.05 14.10
N ALA A 137 -18.99 -5.92 14.44
CA ALA A 137 -17.76 -5.48 13.77
C ALA A 137 -16.58 -6.35 14.21
N PRO A 138 -15.69 -6.71 13.28
CA PRO A 138 -14.52 -7.46 13.72
C PRO A 138 -13.61 -6.69 14.68
N LEU A 139 -13.16 -7.37 15.72
CA LEU A 139 -12.22 -6.82 16.69
C LEU A 139 -11.04 -7.77 16.78
N ALA A 140 -9.83 -7.23 16.68
CA ALA A 140 -8.63 -8.04 16.64
C ALA A 140 -8.23 -8.57 18.02
N ARG A 141 -8.11 -9.89 18.12
CA ARG A 141 -7.61 -10.53 19.32
C ARG A 141 -6.16 -10.14 19.55
N GLY A 142 -5.78 -9.96 20.81
CA GLY A 142 -4.43 -9.57 21.16
C GLY A 142 -4.24 -8.06 21.18
N ALA A 143 -5.29 -7.32 20.83
CA ALA A 143 -5.24 -5.86 20.84
C ALA A 143 -5.13 -5.32 22.27
N LEU A 144 -4.61 -4.11 22.39
CA LEU A 144 -4.53 -3.43 23.68
C LEU A 144 -5.91 -3.01 24.18
N ALA A 145 -6.83 -2.76 23.24
CA ALA A 145 -8.17 -2.32 23.60
C ALA A 145 -9.18 -2.50 22.46
N TRP A 146 -10.46 -2.62 22.81
CA TRP A 146 -11.55 -2.68 21.83
C TRP A 146 -12.56 -1.56 22.05
N PHE A 147 -13.10 -1.04 20.96
CA PHE A 147 -14.23 -0.11 21.02
C PHE A 147 -15.27 -0.51 19.98
N GLU A 148 -16.54 -0.38 20.33
CA GLU A 148 -17.62 -0.40 19.34
C GLU A 148 -18.30 0.95 19.35
N CYS A 149 -18.64 1.43 18.17
CA CYS A 149 -19.18 2.78 18.04
C CYS A 149 -20.35 2.83 17.07
N ALA A 150 -21.26 3.77 17.34
CA ALA A 150 -22.30 4.12 16.40
C ALA A 150 -21.94 5.46 15.78
N LEU A 151 -22.11 5.58 14.47
CA LEU A 151 -21.77 6.82 13.80
C LEU A 151 -22.70 7.95 14.27
N TRP A 152 -22.09 8.98 14.84
CA TRP A 152 -22.80 10.13 15.40
C TRP A 152 -22.91 11.16 14.30
N ARG A 153 -21.75 11.54 13.78
CA ARG A 153 -21.68 12.49 12.67
C ARG A 153 -20.47 12.25 11.80
N ALA A 154 -20.60 12.65 10.54
CA ALA A 154 -19.51 12.63 9.60
C ALA A 154 -19.34 14.07 9.12
N TYR A 155 -18.17 14.63 9.39
CA TYR A 155 -17.91 16.05 9.11
C TYR A 155 -16.94 16.17 7.95
N ASP A 156 -17.20 17.13 7.07
CA ASP A 156 -16.30 17.43 5.97
C ASP A 156 -14.97 17.92 6.50
N ALA A 157 -13.89 17.50 5.85
CA ALA A 157 -12.54 17.90 6.26
C ALA A 157 -11.58 17.71 5.10
N GLY A 158 -11.83 18.42 4.00
CA GLY A 158 -10.99 18.33 2.82
C GLY A 158 -11.06 16.96 2.17
N ASP A 159 -9.91 16.35 1.94
CA ASP A 159 -9.85 15.06 1.25
C ASP A 159 -10.14 13.89 2.21
N HIS A 160 -10.43 14.21 3.47
CA HIS A 160 -10.89 13.25 4.45
C HIS A 160 -12.25 13.69 4.98
N SER A 161 -12.94 12.77 5.66
CA SER A 161 -14.06 13.14 6.51
C SER A 161 -13.75 12.72 7.94
N ILE A 162 -14.23 13.50 8.90
CA ILE A 162 -14.08 13.17 10.30
C ILE A 162 -15.31 12.43 10.78
N PHE A 163 -15.12 11.16 11.14
CA PHE A 163 -16.23 10.32 11.60
C PHE A 163 -16.24 10.27 13.12
N VAL A 164 -17.27 10.85 13.72
CA VAL A 164 -17.42 10.86 15.17
C VAL A 164 -18.31 9.71 15.59
N GLY A 165 -17.80 8.83 16.45
CA GLY A 165 -18.55 7.69 16.92
C GLY A 165 -18.91 7.83 18.39
N ARG A 166 -20.17 7.55 18.73
CA ARG A 166 -20.54 7.42 20.12
C ARG A 166 -20.33 5.99 20.56
N LEU A 167 -19.61 5.81 21.67
CA LEU A 167 -19.24 4.49 22.13
C LEU A 167 -20.46 3.70 22.59
N LEU A 168 -20.53 2.43 22.18
CA LEU A 168 -21.54 1.50 22.66
C LEU A 168 -20.88 0.57 23.65
N THR A 169 -19.62 0.24 23.36
CA THR A 169 -18.80 -0.55 24.27
C THR A 169 -17.36 -0.09 24.20
N ALA A 170 -16.62 -0.40 25.26
CA ALA A 170 -15.21 -0.10 25.34
C ALA A 170 -14.64 -1.04 26.37
N GLU A 171 -13.42 -1.51 26.13
CA GLU A 171 -12.83 -2.56 26.94
C GLU A 171 -11.33 -2.54 26.77
N ARG A 172 -10.63 -2.52 27.90
CA ARG A 172 -9.17 -2.56 27.87
C ARG A 172 -8.67 -3.94 28.21
N HIS A 173 -7.67 -4.40 27.47
CA HIS A 173 -7.08 -5.72 27.70
C HIS A 173 -5.72 -5.59 28.37
N ASP A 174 -5.05 -6.73 28.49
CA ASP A 174 -3.73 -6.78 29.11
C ASP A 174 -2.81 -5.74 28.50
N ARG A 175 -2.11 -5.02 29.37
CA ARG A 175 -1.11 -4.08 28.92
C ARG A 175 0.12 -4.84 28.48
N ARG A 176 0.58 -4.56 27.27
CA ARG A 176 1.83 -5.08 26.79
C ARG A 176 2.36 -4.09 25.74
N ASP A 177 3.52 -4.39 25.16
CA ASP A 177 4.17 -3.46 24.24
C ASP A 177 3.22 -2.97 23.15
N ALA A 178 3.27 -1.66 22.90
CA ALA A 178 2.33 -1.01 22.00
C ALA A 178 2.95 -0.72 20.64
N LEU A 179 2.11 -0.77 19.61
CA LEU A 179 2.55 -0.42 18.27
C LEU A 179 2.45 1.08 18.11
N VAL A 180 3.55 1.69 17.69
CA VAL A 180 3.62 3.12 17.53
C VAL A 180 4.12 3.46 16.13
N TYR A 181 3.55 4.50 15.55
CA TYR A 181 3.93 4.96 14.23
C TYR A 181 4.51 6.36 14.32
N HIS A 182 5.81 6.47 14.06
CA HIS A 182 6.51 7.75 14.17
C HIS A 182 7.63 7.88 13.15
N SER A 183 7.75 9.08 12.57
CA SER A 183 8.76 9.35 11.55
C SER A 183 8.63 8.36 10.40
N GLY A 184 7.39 7.96 10.11
CA GLY A 184 7.14 7.01 9.05
C GLY A 184 7.64 5.61 9.35
N GLN A 185 7.98 5.36 10.61
CA GLN A 185 8.46 4.06 11.04
C GLN A 185 7.51 3.43 12.04
N PHE A 186 7.41 2.10 12.00
CA PHE A 186 6.70 1.39 13.05
C PHE A 186 7.69 1.13 14.18
N ARG A 187 7.21 1.31 15.41
CA ARG A 187 8.04 1.17 16.59
C ARG A 187 7.29 0.41 17.65
N GLY A 188 8.05 -0.21 18.55
CA GLY A 188 7.50 -0.87 19.70
C GLY A 188 7.71 0.03 20.92
N LEU A 189 6.64 0.27 21.65
CA LEU A 189 6.70 1.06 22.87
C LEU A 189 6.54 0.11 24.04
N PRO A 190 7.59 -0.04 24.87
CA PRO A 190 7.49 -1.02 25.96
C PRO A 190 6.41 -0.63 26.95
N ASP A 191 5.65 -1.61 27.42
CA ASP A 191 4.65 -1.37 28.45
C ASP A 191 4.31 -2.68 29.13
N ARG A 192 4.10 -2.63 30.43
CA ARG A 192 3.71 -3.82 31.16
C ARG A 192 2.93 -3.41 32.41
N ALA A 193 1.90 -4.19 32.74
CA ALA A 193 1.20 -4.01 34.00
C ALA A 193 2.16 -4.20 35.17
N PRO A 194 1.93 -3.51 36.29
CA PRO A 194 2.79 -3.79 37.45
C PRO A 194 2.43 -5.12 38.12
N LEU B 31 -18.87 2.67 31.21
CA LEU B 31 -18.84 3.69 30.18
C LEU B 31 -19.20 5.07 30.71
N ARG B 32 -19.90 5.13 31.84
CA ARG B 32 -20.27 6.39 32.45
C ARG B 32 -19.15 6.85 33.37
N ASP B 33 -18.21 5.95 33.66
CA ASP B 33 -17.14 6.23 34.61
C ASP B 33 -15.94 6.85 33.88
N SER B 34 -15.58 8.05 34.33
CA SER B 34 -14.51 8.82 33.70
C SER B 34 -13.13 8.20 33.92
N ARG B 35 -12.88 7.73 35.13
CA ARG B 35 -11.56 7.21 35.46
C ARG B 35 -11.31 5.93 34.66
N SER B 36 -12.35 5.13 34.52
CA SER B 36 -12.25 3.87 33.78
C SER B 36 -12.07 4.10 32.27
N LEU B 37 -12.95 4.92 31.71
CA LEU B 37 -12.95 5.20 30.27
C LEU B 37 -11.68 5.93 29.86
N ARG B 38 -11.23 6.85 30.71
CA ARG B 38 -9.97 7.55 30.46
C ARG B 38 -8.84 6.52 30.41
N GLY B 39 -8.98 5.48 31.23
CA GLY B 39 -8.01 4.39 31.25
C GLY B 39 -7.96 3.59 29.96
N ILE B 40 -9.11 3.32 29.37
CA ILE B 40 -9.16 2.57 28.12
C ILE B 40 -8.57 3.44 27.01
N PHE B 41 -9.04 4.69 26.93
CA PHE B 41 -8.45 5.68 26.02
C PHE B 41 -6.94 5.75 26.09
N SER B 42 -6.38 5.55 27.28
CA SER B 42 -4.94 5.76 27.48
C SER B 42 -4.11 4.65 26.82
N SER B 43 -4.78 3.58 26.40
CA SER B 43 -4.09 2.48 25.73
C SER B 43 -3.56 2.91 24.37
N PHE B 44 -4.16 3.94 23.80
CA PHE B 44 -3.71 4.53 22.54
C PHE B 44 -2.64 5.59 22.74
N ALA B 45 -1.41 5.27 22.34
CA ALA B 45 -0.27 6.17 22.52
C ALA B 45 -0.38 7.42 21.65
N THR B 46 0.22 8.52 22.11
CA THR B 46 0.24 9.78 21.37
C THR B 46 1.55 10.52 21.54
N GLY B 47 1.84 11.43 20.60
CA GLY B 47 2.83 12.45 20.84
C GLY B 47 2.20 13.48 21.75
N VAL B 48 2.88 14.61 21.96
CA VAL B 48 2.35 15.66 22.81
C VAL B 48 2.68 17.03 22.22
N THR B 49 1.68 17.89 22.16
CA THR B 49 1.88 19.25 21.70
C THR B 49 1.47 20.32 22.69
N VAL B 50 1.89 21.54 22.40
CA VAL B 50 1.32 22.72 23.02
C VAL B 50 0.68 23.60 21.95
N VAL B 51 -0.63 23.80 22.11
CA VAL B 51 -1.41 24.66 21.24
C VAL B 51 -1.39 26.07 21.79
N THR B 52 -1.12 27.05 20.94
CA THR B 52 -0.96 28.42 21.39
C THR B 52 -1.73 29.41 20.53
N VAL B 53 -2.07 30.54 21.13
CA VAL B 53 -2.56 31.69 20.41
C VAL B 53 -1.69 32.89 20.76
N GLY B 54 -1.64 33.85 19.83
CA GLY B 54 -0.99 35.12 20.06
C GLY B 54 -2.06 36.14 20.36
N GLY B 55 -1.90 37.32 19.78
CA GLY B 55 -2.87 38.38 19.96
C GLY B 55 -2.61 39.18 21.22
N ASP B 56 -3.67 39.80 21.74
CA ASP B 56 -3.57 40.65 22.92
C ASP B 56 -3.40 39.82 24.18
N SER B 57 -4.07 38.67 24.21
CA SER B 57 -4.07 37.79 25.37
C SER B 57 -3.49 36.42 24.99
N PRO B 58 -2.19 36.35 24.73
CA PRO B 58 -1.53 35.07 24.41
C PRO B 58 -1.80 33.98 25.44
N HIS B 59 -1.90 32.75 24.98
CA HIS B 59 -2.22 31.64 25.86
C HIS B 59 -1.63 30.34 25.30
N ALA B 60 -1.49 29.34 26.15
CA ALA B 60 -0.94 28.05 25.74
C ALA B 60 -1.60 26.94 26.54
N MET B 61 -1.70 25.76 25.94
CA MET B 61 -2.29 24.61 26.62
C MET B 61 -1.72 23.35 26.00
N THR B 62 -1.67 22.28 26.79
CA THR B 62 -1.13 21.01 26.35
C THR B 62 -2.23 20.16 25.70
N ALA B 63 -1.94 19.64 24.51
CA ALA B 63 -2.90 18.85 23.76
C ALA B 63 -2.24 17.65 23.08
N ASN B 64 -2.89 16.49 23.19
CA ASN B 64 -2.45 15.29 22.50
C ASN B 64 -3.54 14.79 21.53
N SER B 65 -4.59 15.59 21.38
CA SER B 65 -5.66 15.28 20.43
C SER B 65 -5.29 15.78 19.04
N PHE B 66 -4.06 16.25 18.88
CA PHE B 66 -3.59 16.75 17.60
C PHE B 66 -3.56 15.63 16.58
N THR B 67 -4.10 15.91 15.39
CA THR B 67 -4.27 14.89 14.37
C THR B 67 -4.14 15.49 12.98
N SER B 68 -3.30 14.89 12.14
CA SER B 68 -3.22 15.29 10.74
C SER B 68 -4.48 14.82 10.02
N VAL B 69 -5.10 15.72 9.27
CA VAL B 69 -6.44 15.46 8.73
C VAL B 69 -6.47 15.35 7.20
N SER B 70 -5.82 16.28 6.52
CA SER B 70 -5.92 16.37 5.07
C SER B 70 -4.66 16.98 4.48
N LEU B 71 -4.34 16.63 3.23
CA LEU B 71 -3.18 17.16 2.54
C LEU B 71 -3.59 18.22 1.53
N ASP B 72 -4.77 18.05 0.94
CA ASP B 72 -5.32 19.03 0.01
C ASP B 72 -6.80 19.31 0.29
N PRO B 73 -7.12 20.42 0.98
CA PRO B 73 -6.16 21.38 1.54
C PRO B 73 -5.46 20.80 2.76
N PRO B 74 -4.26 21.31 3.10
CA PRO B 74 -3.54 20.84 4.28
C PRO B 74 -4.25 21.18 5.59
N LEU B 75 -4.79 20.17 6.27
CA LEU B 75 -5.58 20.37 7.49
C LEU B 75 -5.07 19.54 8.67
N ILE B 76 -5.26 20.10 9.87
CA ILE B 76 -5.06 19.36 11.12
C ILE B 76 -6.25 19.65 12.03
N LEU B 77 -6.39 18.88 13.12
CA LEU B 77 -7.40 19.20 14.12
C LEU B 77 -6.88 18.98 15.54
N VAL B 78 -7.51 19.65 16.50
CA VAL B 78 -7.30 19.40 17.93
C VAL B 78 -8.65 19.42 18.60
N CYS B 79 -8.80 18.66 19.67
CA CYS B 79 -10.03 18.64 20.43
C CYS B 79 -9.84 19.38 21.74
N VAL B 80 -10.67 20.40 21.96
CA VAL B 80 -10.56 21.24 23.15
C VAL B 80 -11.86 21.23 23.96
N GLU B 81 -11.70 20.94 25.24
CA GLU B 81 -12.79 20.97 26.21
C GLU B 81 -13.62 22.25 26.10
N CYS B 82 -14.93 22.12 26.15
CA CYS B 82 -15.81 23.28 26.03
C CYS B 82 -15.56 24.26 27.18
N ASP B 83 -15.36 23.72 28.37
CA ASP B 83 -15.13 24.55 29.56
C ASP B 83 -13.69 25.06 29.71
N ALA B 84 -12.82 24.72 28.77
CA ALA B 84 -11.42 25.17 28.83
C ALA B 84 -11.29 26.57 28.27
N ALA B 85 -10.34 27.34 28.82
CA ALA B 85 -10.13 28.72 28.41
C ALA B 85 -9.70 28.83 26.95
N MET B 86 -8.91 27.85 26.48
CA MET B 86 -8.41 27.88 25.11
C MET B 86 -9.54 27.75 24.11
N HIS B 87 -10.64 27.11 24.51
CA HIS B 87 -11.81 26.98 23.64
C HIS B 87 -12.28 28.34 23.15
N GLY B 88 -12.41 29.29 24.08
CA GLY B 88 -12.80 30.65 23.73
C GLY B 88 -11.72 31.42 23.02
N SER B 89 -10.47 31.28 23.46
CA SER B 89 -9.34 31.98 22.85
C SER B 89 -9.19 31.63 21.38
N LEU B 90 -9.38 30.35 21.04
CA LEU B 90 -9.21 29.89 19.68
C LEU B 90 -10.25 30.56 18.80
N LEU B 91 -11.49 30.55 19.28
CA LEU B 91 -12.59 31.23 18.60
C LEU B 91 -12.36 32.74 18.48
N GLU B 92 -11.82 33.37 19.52
CA GLU B 92 -11.59 34.81 19.48
C GLU B 92 -10.53 35.18 18.45
N VAL B 93 -9.41 34.46 18.50
CA VAL B 93 -8.21 34.82 17.76
C VAL B 93 -8.22 34.30 16.32
N GLY B 94 -8.91 33.18 16.10
CA GLY B 94 -9.07 32.62 14.76
C GLY B 94 -7.84 31.99 14.11
N SER B 95 -6.70 31.99 14.80
CA SER B 95 -5.53 31.26 14.34
C SER B 95 -4.74 30.73 15.53
N PHE B 96 -3.88 29.74 15.31
CA PHE B 96 -3.14 29.14 16.41
C PHE B 96 -1.87 28.44 15.98
N GLY B 97 -1.01 28.20 16.97
CA GLY B 97 0.26 27.53 16.76
C GLY B 97 0.23 26.15 17.40
N VAL B 98 1.09 25.27 16.91
CA VAL B 98 1.24 23.95 17.49
C VAL B 98 2.71 23.58 17.51
N SER B 99 3.19 23.16 18.68
CA SER B 99 4.58 22.71 18.83
C SER B 99 4.56 21.27 19.27
N VAL B 100 5.23 20.41 18.49
CA VAL B 100 5.28 18.99 18.80
C VAL B 100 6.49 18.78 19.71
N LEU B 101 6.27 18.19 20.89
CA LEU B 101 7.29 18.23 21.93
C LEU B 101 8.28 17.08 21.87
N ALA B 102 9.56 17.41 22.05
CA ALA B 102 10.61 16.41 22.22
C ALA B 102 10.53 15.85 23.64
N ALA B 103 11.24 14.74 23.86
CA ALA B 103 11.15 14.04 25.14
C ALA B 103 11.71 14.86 26.31
N ASP B 104 12.63 15.76 26.03
CA ASP B 104 13.21 16.60 27.09
C ASP B 104 12.37 17.85 27.34
N GLN B 105 11.11 17.82 26.91
CA GLN B 105 10.18 18.94 27.11
C GLN B 105 8.95 18.47 27.89
N GLN B 106 9.12 17.39 28.65
CA GLN B 106 8.07 16.89 29.52
C GLN B 106 7.54 17.98 30.46
N HIS B 107 8.43 18.82 30.96
CA HIS B 107 8.06 19.87 31.91
C HIS B 107 7.19 20.93 31.25
N VAL B 108 7.42 21.20 29.97
CA VAL B 108 6.57 22.10 29.21
C VAL B 108 5.17 21.53 29.11
N ALA B 109 5.10 20.23 28.83
CA ALA B 109 3.83 19.52 28.73
C ALA B 109 3.07 19.59 30.05
N LEU B 110 3.77 19.35 31.13
CA LEU B 110 3.17 19.35 32.46
C LEU B 110 2.64 20.74 32.82
N LEU B 111 3.48 21.75 32.63
CA LEU B 111 3.08 23.11 32.95
C LEU B 111 1.79 23.54 32.27
N TYR B 112 1.68 23.35 30.96
CA TYR B 112 0.55 23.88 30.22
C TYR B 112 -0.63 22.93 30.20
N ALA B 113 -0.52 21.85 30.98
CA ALA B 113 -1.67 20.99 31.33
C ALA B 113 -2.18 21.33 32.74
N ASN B 114 -1.47 22.20 33.44
CA ASN B 114 -1.76 22.57 34.83
C ASN B 114 -2.75 23.74 34.94
N ARG B 115 -4.00 23.46 35.33
CA ARG B 115 -5.01 24.52 35.45
C ARG B 115 -4.64 25.60 36.46
N TRP B 116 -3.70 25.29 37.35
CA TRP B 116 -3.33 26.21 38.40
C TRP B 116 -2.20 27.14 37.96
N ARG B 117 -1.80 27.03 36.70
CA ARG B 117 -0.61 27.73 36.22
C ARG B 117 -0.83 29.23 36.10
N PRO B 118 0.27 30.01 36.15
CA PRO B 118 0.24 31.44 35.84
C PRO B 118 -0.21 31.65 34.40
N ARG B 119 -1.15 32.57 34.17
CA ARG B 119 -1.69 32.78 32.83
C ARG B 119 -1.20 34.12 32.26
N ASP B 120 -0.15 34.61 32.90
CA ASP B 120 0.54 35.84 32.54
C ASP B 120 1.22 35.83 31.17
N PRO B 121 0.89 36.81 30.29
CA PRO B 121 1.52 36.89 28.97
C PRO B 121 3.04 37.04 28.96
N THR B 122 3.62 37.49 30.07
CA THR B 122 5.07 37.68 30.15
C THR B 122 5.88 36.40 29.94
N GLN B 123 5.27 35.26 30.29
CA GLN B 123 5.97 33.98 30.21
C GLN B 123 6.37 33.63 28.78
N PHE B 124 5.61 34.13 27.82
CA PHE B 124 5.89 33.85 26.40
C PHE B 124 6.89 34.83 25.77
N ASP B 125 7.41 35.75 26.56
CA ASP B 125 8.45 36.67 26.09
C ASP B 125 9.83 36.14 26.44
N ARG B 126 9.84 35.04 27.19
CA ARG B 126 11.07 34.39 27.59
C ARG B 126 11.76 33.71 26.40
N PRO B 127 13.03 33.33 26.59
CA PRO B 127 13.83 32.88 25.44
C PRO B 127 13.41 31.49 24.99
N GLY B 128 12.64 30.80 25.83
CA GLY B 128 12.13 29.50 25.48
C GLY B 128 11.03 29.53 24.43
N TRP B 129 10.61 30.73 24.03
CA TRP B 129 9.56 30.88 23.02
C TRP B 129 10.00 31.66 21.79
N ALA B 130 9.58 31.18 20.64
CA ALA B 130 9.68 31.91 19.38
C ALA B 130 8.28 32.37 19.00
N ARG B 131 8.19 33.30 18.05
CA ARG B 131 6.89 33.79 17.60
C ARG B 131 6.69 33.41 16.15
N GLY B 132 5.53 32.83 15.83
CA GLY B 132 5.27 32.35 14.48
C GLY B 132 5.31 33.50 13.51
N ALA B 133 6.01 33.30 12.40
CA ALA B 133 6.23 34.39 11.44
C ALA B 133 4.89 34.96 10.92
N ARG B 134 3.95 34.04 10.81
CA ARG B 134 2.66 34.33 10.16
C ARG B 134 1.56 34.79 11.09
N THR B 135 1.58 34.32 12.34
CA THR B 135 0.51 34.63 13.27
C THR B 135 0.99 35.30 14.54
N GLY B 136 2.30 35.28 14.77
CA GLY B 136 2.86 35.72 16.03
C GLY B 136 2.54 34.81 17.22
N ALA B 137 2.02 33.62 16.94
CA ALA B 137 1.69 32.68 18.02
C ALA B 137 2.98 32.14 18.62
N PRO B 138 3.00 31.97 19.97
CA PRO B 138 4.20 31.39 20.57
C PRO B 138 4.48 29.98 20.08
N LEU B 139 5.74 29.69 19.76
CA LEU B 139 6.16 28.35 19.38
C LEU B 139 7.34 27.97 20.27
N ALA B 140 7.28 26.77 20.82
CA ALA B 140 8.26 26.33 21.80
C ALA B 140 9.59 25.99 21.13
N ARG B 141 10.65 26.65 21.57
CA ARG B 141 11.98 26.33 21.06
C ARG B 141 12.38 24.92 21.47
N GLY B 142 13.08 24.22 20.58
CA GLY B 142 13.51 22.86 20.84
C GLY B 142 12.50 21.80 20.44
N ALA B 143 11.35 22.22 19.94
CA ALA B 143 10.32 21.28 19.50
C ALA B 143 10.75 20.45 18.29
N LEU B 144 10.12 19.30 18.13
CA LEU B 144 10.32 18.46 16.97
C LEU B 144 9.75 19.11 15.71
N ALA B 145 8.71 19.91 15.87
CA ALA B 145 8.08 20.57 14.73
C ALA B 145 7.21 21.73 15.17
N TRP B 146 7.01 22.68 14.25
CA TRP B 146 6.10 23.82 14.46
C TRP B 146 5.00 23.86 13.41
N PHE B 147 3.81 24.25 13.82
CA PHE B 147 2.72 24.53 12.90
C PHE B 147 2.05 25.85 13.24
N GLU B 148 1.66 26.61 12.21
CA GLU B 148 0.72 27.71 12.36
C GLU B 148 -0.52 27.40 11.53
N CYS B 149 -1.69 27.71 12.07
CA CYS B 149 -2.94 27.35 11.42
C CYS B 149 -3.95 28.47 11.48
N ALA B 150 -4.84 28.51 10.49
CA ALA B 150 -6.01 29.37 10.54
C ALA B 150 -7.19 28.49 10.90
N LEU B 151 -8.02 28.96 11.82
CA LEU B 151 -9.17 28.17 12.23
C LEU B 151 -10.14 28.09 11.05
N TRP B 152 -10.40 26.86 10.65
CA TRP B 152 -11.22 26.57 9.48
C TRP B 152 -12.65 26.37 9.94
N ARG B 153 -12.84 25.41 10.85
CA ARG B 153 -14.13 25.15 11.46
C ARG B 153 -14.00 24.60 12.85
N ALA B 154 -15.03 24.84 13.66
CA ALA B 154 -15.14 24.28 14.99
C ALA B 154 -16.43 23.47 15.04
N TYR B 155 -16.30 22.17 15.30
CA TYR B 155 -17.43 21.26 15.27
C TYR B 155 -17.78 20.80 16.67
N ASP B 156 -19.07 20.73 16.96
CA ASP B 156 -19.53 20.22 18.25
C ASP B 156 -19.15 18.75 18.38
N ALA B 157 -18.78 18.36 19.59
CA ALA B 157 -18.34 16.99 19.84
C ALA B 157 -18.49 16.67 21.32
N GLY B 158 -19.73 16.72 21.80
CA GLY B 158 -20.01 16.46 23.20
C GLY B 158 -19.41 17.54 24.09
N ASP B 159 -18.64 17.13 25.08
CA ASP B 159 -18.06 18.07 26.03
C ASP B 159 -16.77 18.72 25.51
N HIS B 160 -16.38 18.40 24.28
CA HIS B 160 -15.28 19.06 23.59
C HIS B 160 -15.78 19.65 22.29
N SER B 161 -14.97 20.49 21.66
CA SER B 161 -15.17 20.87 20.27
C SER B 161 -13.97 20.45 19.43
N ILE B 162 -14.23 20.10 18.18
CA ILE B 162 -13.17 19.74 17.24
C ILE B 162 -12.76 20.98 16.45
N PHE B 163 -11.54 21.44 16.65
CA PHE B 163 -11.05 22.63 15.97
C PHE B 163 -10.20 22.20 14.78
N VAL B 164 -10.69 22.47 13.57
CA VAL B 164 -9.97 22.13 12.34
C VAL B 164 -9.20 23.34 11.86
N GLY B 165 -7.89 23.17 11.71
CA GLY B 165 -7.02 24.25 11.25
C GLY B 165 -6.44 23.97 9.87
N ARG B 166 -6.49 24.98 9.00
CA ARG B 166 -5.79 24.92 7.72
C ARG B 166 -4.38 25.47 7.90
N LEU B 167 -3.37 24.72 7.48
CA LEU B 167 -1.98 25.14 7.70
C LEU B 167 -1.61 26.40 6.93
N LEU B 168 -0.94 27.32 7.62
CA LEU B 168 -0.35 28.51 7.00
C LEU B 168 1.16 28.33 6.89
N THR B 169 1.74 27.68 7.90
CA THR B 169 3.16 27.35 7.87
C THR B 169 3.39 26.04 8.59
N ALA B 170 4.50 25.39 8.29
CA ALA B 170 4.85 24.13 8.90
C ALA B 170 6.35 23.93 8.77
N GLU B 171 6.95 23.33 9.77
CA GLU B 171 8.40 23.22 9.80
C GLU B 171 8.85 22.13 10.73
N ARG B 172 9.70 21.26 10.20
CA ARG B 172 10.25 20.16 10.97
C ARG B 172 11.68 20.49 11.37
N HIS B 173 12.00 20.21 12.62
CA HIS B 173 13.32 20.44 13.17
C HIS B 173 14.06 19.12 13.30
N ASP B 174 15.23 19.19 13.90
CA ASP B 174 16.06 18.02 14.10
C ASP B 174 15.27 16.89 14.74
N ARG B 175 15.42 15.69 14.20
CA ARG B 175 14.82 14.53 14.81
C ARG B 175 15.62 14.17 16.04
N ARG B 176 14.91 14.04 17.15
CA ARG B 176 15.51 13.55 18.38
C ARG B 176 14.38 12.89 19.15
N ASP B 177 14.69 12.35 20.32
CA ASP B 177 13.70 11.61 21.09
C ASP B 177 12.42 12.41 21.28
N ALA B 178 11.28 11.74 21.09
CA ALA B 178 9.98 12.38 21.11
C ALA B 178 9.26 12.12 22.42
N LEU B 179 8.45 13.08 22.85
CA LEU B 179 7.67 12.92 24.06
C LEU B 179 6.39 12.15 23.72
N VAL B 180 6.16 11.08 24.47
CA VAL B 180 5.00 10.23 24.24
C VAL B 180 4.18 10.07 25.51
N TYR B 181 2.87 10.07 25.34
CA TYR B 181 1.93 9.91 26.44
C TYR B 181 1.14 8.62 26.24
N HIS B 182 1.38 7.64 27.11
CA HIS B 182 0.72 6.33 26.99
C HIS B 182 0.48 5.71 28.36
N SER B 183 -0.70 5.11 28.52
CA SER B 183 -1.11 4.53 29.79
C SER B 183 -1.02 5.58 30.91
N GLY B 184 -1.32 6.83 30.56
CA GLY B 184 -1.28 7.93 31.52
C GLY B 184 0.11 8.29 31.99
N GLN B 185 1.13 7.79 31.30
CA GLN B 185 2.52 8.07 31.64
C GLN B 185 3.19 8.84 30.55
N PHE B 186 4.14 9.70 30.92
CA PHE B 186 4.99 10.31 29.90
C PHE B 186 6.13 9.36 29.63
N ARG B 187 6.47 9.25 28.37
CA ARG B 187 7.46 8.29 27.92
C ARG B 187 8.36 8.99 26.90
N GLY B 188 9.59 8.51 26.76
CA GLY B 188 10.49 8.97 25.72
C GLY B 188 10.55 7.94 24.62
N LEU B 189 10.39 8.39 23.38
CA LEU B 189 10.49 7.51 22.22
C LEU B 189 11.79 7.80 21.47
N PRO B 190 12.72 6.83 21.45
CA PRO B 190 13.99 7.12 20.78
C PRO B 190 13.82 7.36 19.29
N ASP B 191 14.56 8.32 18.77
CA ASP B 191 14.57 8.61 17.35
C ASP B 191 15.85 9.38 17.03
N ARG B 192 16.38 9.13 15.84
CA ARG B 192 17.57 9.80 15.36
C ARG B 192 17.45 9.87 13.86
N ALA B 193 17.98 10.93 13.26
CA ALA B 193 17.98 11.05 11.81
C ALA B 193 18.58 9.82 11.13
N LEU C 31 -12.61 7.84 -19.04
CA LEU C 31 -11.19 7.50 -19.02
C LEU C 31 -10.43 8.25 -17.93
N ARG C 32 -11.04 9.32 -17.42
CA ARG C 32 -10.40 10.16 -16.42
C ARG C 32 -10.52 9.54 -15.04
N ASP C 33 -11.37 8.51 -14.94
CA ASP C 33 -11.64 7.87 -13.67
C ASP C 33 -10.66 6.71 -13.44
N SER C 34 -9.90 6.78 -12.34
CA SER C 34 -8.86 5.78 -12.08
C SER C 34 -9.37 4.38 -11.69
N ARG C 35 -10.39 4.33 -10.84
CA ARG C 35 -10.87 3.04 -10.35
C ARG C 35 -11.53 2.25 -11.48
N SER C 36 -12.22 2.98 -12.36
CA SER C 36 -12.89 2.37 -13.49
C SER C 36 -11.88 1.80 -14.48
N LEU C 37 -10.90 2.62 -14.84
CA LEU C 37 -9.90 2.24 -15.81
C LEU C 37 -9.00 1.13 -15.27
N ARG C 38 -8.69 1.19 -13.98
CA ARG C 38 -7.91 0.14 -13.34
C ARG C 38 -8.64 -1.19 -13.43
N GLY C 39 -9.97 -1.14 -13.36
CA GLY C 39 -10.79 -2.33 -13.49
C GLY C 39 -10.72 -2.97 -14.87
N ILE C 40 -10.70 -2.13 -15.90
CA ILE C 40 -10.63 -2.61 -17.27
C ILE C 40 -9.24 -3.22 -17.51
N PHE C 41 -8.19 -2.50 -17.10
CA PHE C 41 -6.83 -3.05 -17.11
C PHE C 41 -6.71 -4.43 -16.45
N SER C 42 -7.50 -4.65 -15.40
CA SER C 42 -7.37 -5.85 -14.59
C SER C 42 -7.89 -7.09 -15.34
N SER C 43 -8.57 -6.87 -16.45
CA SER C 43 -9.04 -7.98 -17.27
C SER C 43 -7.86 -8.74 -17.88
N PHE C 44 -6.71 -8.08 -18.01
CA PHE C 44 -5.50 -8.76 -18.48
C PHE C 44 -4.71 -9.38 -17.34
N ALA C 45 -4.69 -10.71 -17.29
CA ALA C 45 -3.99 -11.43 -16.24
C ALA C 45 -2.48 -11.27 -16.38
N THR C 46 -1.78 -11.35 -15.24
CA THR C 46 -0.32 -11.28 -15.21
C THR C 46 0.26 -12.20 -14.15
N GLY C 47 1.54 -12.51 -14.31
CA GLY C 47 2.31 -13.06 -13.21
C GLY C 47 2.64 -11.90 -12.30
N VAL C 48 3.50 -12.14 -11.30
CA VAL C 48 3.91 -11.10 -10.38
C VAL C 48 5.38 -11.22 -10.04
N THR C 49 6.09 -10.10 -10.08
CA THR C 49 7.50 -10.06 -9.71
C THR C 49 7.79 -9.12 -8.56
N VAL C 50 8.98 -9.27 -8.02
CA VAL C 50 9.58 -8.26 -7.15
C VAL C 50 10.86 -7.74 -7.81
N VAL C 51 10.88 -6.44 -8.09
CA VAL C 51 12.05 -5.76 -8.65
C VAL C 51 12.91 -5.19 -7.53
N THR C 52 14.22 -5.44 -7.60
CA THR C 52 15.13 -5.04 -6.53
C THR C 52 16.42 -4.41 -7.04
N VAL C 53 17.06 -3.58 -6.20
CA VAL C 53 18.42 -3.13 -6.46
C VAL C 53 19.31 -3.48 -5.27
N GLY C 54 20.61 -3.53 -5.53
CA GLY C 54 21.60 -3.71 -4.48
C GLY C 54 22.21 -2.36 -4.16
N GLY C 55 23.52 -2.34 -3.98
CA GLY C 55 24.22 -1.11 -3.67
C GLY C 55 24.24 -0.79 -2.19
N ASP C 56 24.38 0.49 -1.89
CA ASP C 56 24.50 0.96 -0.52
C ASP C 56 23.16 0.91 0.21
N SER C 57 22.09 1.23 -0.52
CA SER C 57 20.74 1.26 0.04
C SER C 57 19.83 0.30 -0.76
N PRO C 58 20.02 -1.02 -0.60
CA PRO C 58 19.17 -1.98 -1.30
C PRO C 58 17.68 -1.71 -1.13
N HIS C 59 16.89 -2.02 -2.16
CA HIS C 59 15.47 -1.72 -2.13
C HIS C 59 14.72 -2.75 -2.96
N ALA C 60 13.42 -2.87 -2.71
CA ALA C 60 12.58 -3.81 -3.43
C ALA C 60 11.16 -3.28 -3.56
N MET C 61 10.50 -3.71 -4.62
CA MET C 61 9.12 -3.35 -4.88
C MET C 61 8.43 -4.39 -5.76
N THR C 62 7.11 -4.45 -5.65
CA THR C 62 6.32 -5.42 -6.40
C THR C 62 5.91 -4.84 -7.75
N ALA C 63 6.12 -5.63 -8.81
CA ALA C 63 5.77 -5.19 -10.17
C ALA C 63 5.16 -6.33 -10.98
N ASN C 64 4.10 -6.03 -11.73
CA ASN C 64 3.50 -6.97 -12.67
C ASN C 64 3.57 -6.44 -14.10
N SER C 65 4.24 -5.30 -14.28
CA SER C 65 4.42 -4.71 -15.61
C SER C 65 5.62 -5.35 -16.32
N PHE C 66 6.17 -6.41 -15.72
CA PHE C 66 7.32 -7.11 -16.28
C PHE C 66 6.94 -7.73 -17.62
N THR C 67 7.82 -7.53 -18.61
CA THR C 67 7.53 -7.96 -19.97
C THR C 67 8.84 -8.34 -20.65
N SER C 68 8.90 -9.53 -21.22
CA SER C 68 10.04 -9.92 -22.04
C SER C 68 9.97 -9.17 -23.36
N VAL C 69 11.08 -8.54 -23.77
CA VAL C 69 11.05 -7.60 -24.87
C VAL C 69 11.82 -8.10 -26.10
N SER C 70 13.02 -8.64 -25.90
CA SER C 70 13.89 -8.97 -27.02
C SER C 70 14.83 -10.13 -26.68
N LEU C 71 15.25 -10.87 -27.69
CA LEU C 71 16.16 -12.01 -27.50
C LEU C 71 17.59 -11.70 -27.91
N ASP C 72 17.73 -10.88 -28.94
CA ASP C 72 19.04 -10.45 -29.41
C ASP C 72 19.06 -8.93 -29.62
N PRO C 73 19.61 -8.18 -28.65
CA PRO C 73 20.12 -8.65 -27.35
C PRO C 73 18.99 -9.05 -26.40
N PRO C 74 19.31 -9.89 -25.39
CA PRO C 74 18.30 -10.30 -24.41
C PRO C 74 17.82 -9.13 -23.55
N LEU C 75 16.58 -8.69 -23.74
CA LEU C 75 16.05 -7.51 -23.05
C LEU C 75 14.73 -7.81 -22.33
N ILE C 76 14.52 -7.13 -21.20
CA ILE C 76 13.23 -7.10 -20.51
C ILE C 76 12.88 -5.66 -20.15
N LEU C 77 11.64 -5.43 -19.73
CA LEU C 77 11.25 -4.11 -19.24
C LEU C 77 10.35 -4.18 -18.03
N VAL C 78 10.34 -3.10 -17.25
CA VAL C 78 9.37 -2.91 -16.18
C VAL C 78 8.93 -1.46 -16.23
N CYS C 79 7.68 -1.20 -15.84
CA CYS C 79 7.18 0.17 -15.79
C CYS C 79 7.08 0.58 -14.33
N VAL C 80 7.76 1.67 -13.99
CA VAL C 80 7.82 2.13 -12.62
C VAL C 80 7.32 3.56 -12.51
N GLU C 81 6.39 3.74 -11.57
CA GLU C 81 5.83 5.04 -11.25
C GLU C 81 6.91 6.09 -11.05
N CYS C 82 6.70 7.28 -11.61
CA CYS C 82 7.69 8.36 -11.52
C CYS C 82 7.94 8.73 -10.06
N ASP C 83 6.86 8.75 -9.28
CA ASP C 83 6.94 9.12 -7.86
C ASP C 83 7.38 7.98 -6.95
N ALA C 84 7.64 6.80 -7.51
CA ALA C 84 8.05 5.67 -6.70
C ALA C 84 9.54 5.74 -6.41
N ALA C 85 9.93 5.30 -5.23
CA ALA C 85 11.32 5.37 -4.79
C ALA C 85 12.21 4.52 -5.71
N MET C 86 11.68 3.42 -6.21
CA MET C 86 12.46 2.53 -7.07
C MET C 86 12.84 3.22 -8.38
N HIS C 87 12.02 4.19 -8.80
CA HIS C 87 12.32 4.97 -9.99
C HIS C 87 13.69 5.63 -9.84
N GLY C 88 13.92 6.24 -8.68
CA GLY C 88 15.21 6.83 -8.39
C GLY C 88 16.32 5.81 -8.15
N SER C 89 16.02 4.75 -7.41
CA SER C 89 17.01 3.70 -7.14
C SER C 89 17.53 3.07 -8.42
N LEU C 90 16.64 2.82 -9.38
CA LEU C 90 17.04 2.16 -10.62
C LEU C 90 17.99 3.05 -11.41
N LEU C 91 17.65 4.33 -11.56
CA LEU C 91 18.53 5.27 -12.24
C LEU C 91 19.88 5.40 -11.53
N GLU C 92 19.85 5.43 -10.19
CA GLU C 92 21.04 5.59 -9.39
C GLU C 92 21.99 4.39 -9.49
N VAL C 93 21.45 3.19 -9.33
CA VAL C 93 22.26 1.97 -9.23
C VAL C 93 22.63 1.38 -10.59
N GLY C 94 21.79 1.61 -11.59
CA GLY C 94 22.07 1.14 -12.94
C GLY C 94 21.98 -0.35 -13.18
N SER C 95 21.62 -1.12 -12.15
CA SER C 95 21.33 -2.54 -12.33
C SER C 95 20.23 -2.98 -11.35
N PHE C 96 19.59 -4.11 -11.65
CA PHE C 96 18.49 -4.57 -10.83
C PHE C 96 18.20 -6.05 -11.00
N GLY C 97 17.45 -6.59 -10.05
CA GLY C 97 17.05 -7.98 -10.06
C GLY C 97 15.55 -8.11 -10.28
N VAL C 98 15.14 -9.26 -10.78
CA VAL C 98 13.72 -9.55 -10.93
C VAL C 98 13.51 -10.99 -10.49
N SER C 99 12.54 -11.21 -9.61
CA SER C 99 12.18 -12.55 -9.19
C SER C 99 10.72 -12.76 -9.54
N VAL C 100 10.44 -13.81 -10.30
CA VAL C 100 9.07 -14.13 -10.68
C VAL C 100 8.47 -15.00 -9.59
N LEU C 101 7.33 -14.55 -9.06
CA LEU C 101 6.82 -15.13 -7.82
C LEU C 101 5.94 -16.35 -7.99
N ALA C 102 6.19 -17.34 -7.13
CA ALA C 102 5.37 -18.52 -7.00
C ALA C 102 4.07 -18.22 -6.27
N ALA C 103 3.10 -19.14 -6.34
CA ALA C 103 1.78 -18.93 -5.78
C ALA C 103 1.80 -18.81 -4.25
N ASP C 104 2.74 -19.48 -3.61
CA ASP C 104 2.87 -19.43 -2.15
C ASP C 104 3.74 -18.25 -1.69
N GLN C 105 3.87 -17.24 -2.55
CA GLN C 105 4.64 -16.03 -2.24
C GLN C 105 3.77 -14.78 -2.35
N GLN C 106 2.47 -14.96 -2.21
CA GLN C 106 1.54 -13.83 -2.15
C GLN C 106 1.94 -12.81 -1.09
N HIS C 107 2.43 -13.33 0.05
CA HIS C 107 2.79 -12.45 1.16
C HIS C 107 3.97 -11.58 0.78
N VAL C 108 4.86 -12.12 -0.06
CA VAL C 108 5.96 -11.34 -0.61
C VAL C 108 5.48 -10.23 -1.54
N ALA C 109 4.54 -10.55 -2.42
CA ALA C 109 3.99 -9.57 -3.34
C ALA C 109 3.31 -8.44 -2.59
N LEU C 110 2.51 -8.80 -1.59
CA LEU C 110 1.79 -7.80 -0.81
C LEU C 110 2.74 -6.89 -0.03
N LEU C 111 3.69 -7.46 0.70
CA LEU C 111 4.61 -6.66 1.51
C LEU C 111 5.30 -5.59 0.68
N TYR C 112 5.87 -5.96 -0.47
CA TYR C 112 6.66 -5.03 -1.24
C TYR C 112 5.81 -4.22 -2.22
N ALA C 113 4.49 -4.35 -2.09
CA ALA C 113 3.54 -3.44 -2.72
C ALA C 113 3.06 -2.39 -1.71
N ASN C 114 3.42 -2.56 -0.44
CA ASN C 114 2.95 -1.70 0.64
C ASN C 114 3.84 -0.47 0.86
N ARG C 115 3.36 0.70 0.47
CA ARG C 115 4.12 1.94 0.61
C ARG C 115 4.48 2.26 2.06
N TRP C 116 3.77 1.65 3.00
CA TRP C 116 3.97 1.92 4.42
C TRP C 116 5.00 0.96 5.03
N ARG C 117 5.59 0.11 4.20
CA ARG C 117 6.44 -0.97 4.70
C ARG C 117 7.75 -0.47 5.27
N PRO C 118 8.35 -1.26 6.18
CA PRO C 118 9.72 -0.98 6.64
C PRO C 118 10.72 -1.03 5.48
N ARG C 119 11.59 -0.03 5.38
CA ARG C 119 12.52 0.08 4.27
C ARG C 119 13.97 -0.15 4.68
N ASP C 120 14.17 -0.72 5.86
CA ASP C 120 15.52 -0.96 6.38
C ASP C 120 16.22 -1.99 5.46
N PRO C 121 17.40 -1.63 4.90
CA PRO C 121 18.10 -2.57 4.01
C PRO C 121 18.47 -3.91 4.64
N THR C 122 18.48 -3.97 5.96
CA THR C 122 18.81 -5.18 6.68
C THR C 122 17.88 -6.35 6.35
N GLN C 123 16.66 -6.03 5.95
CA GLN C 123 15.65 -7.05 5.67
C GLN C 123 16.11 -7.99 4.55
N PHE C 124 16.98 -7.47 3.69
CA PHE C 124 17.49 -8.22 2.55
C PHE C 124 18.71 -9.10 2.89
N ASP C 125 19.12 -9.10 4.16
CA ASP C 125 20.18 -10.02 4.61
C ASP C 125 19.59 -11.28 5.22
N ARG C 126 18.27 -11.29 5.40
CA ARG C 126 17.58 -12.45 5.97
C ARG C 126 17.59 -13.62 5.01
N PRO C 127 17.22 -14.82 5.50
CA PRO C 127 17.49 -16.01 4.67
C PRO C 127 16.56 -16.18 3.46
N GLY C 128 15.42 -15.50 3.44
CA GLY C 128 14.52 -15.58 2.30
C GLY C 128 15.05 -14.88 1.06
N TRP C 129 16.19 -14.21 1.20
CA TRP C 129 16.80 -13.49 0.09
C TRP C 129 18.16 -14.02 -0.25
N ALA C 130 18.42 -14.11 -1.56
CA ALA C 130 19.76 -14.33 -2.07
C ALA C 130 20.22 -13.05 -2.71
N ARG C 131 21.51 -12.95 -2.97
CA ARG C 131 22.07 -11.78 -3.64
C ARG C 131 22.59 -12.16 -5.01
N GLY C 132 22.18 -11.41 -6.02
CA GLY C 132 22.59 -11.70 -7.38
C GLY C 132 24.09 -11.54 -7.48
N ALA C 133 24.75 -12.52 -8.08
CA ALA C 133 26.21 -12.54 -8.14
C ALA C 133 26.79 -11.36 -8.92
N ARG C 134 26.09 -10.91 -9.96
CA ARG C 134 26.60 -9.86 -10.84
C ARG C 134 26.26 -8.46 -10.34
N THR C 135 25.12 -8.33 -9.67
CA THR C 135 24.59 -7.02 -9.30
C THR C 135 24.42 -6.81 -7.80
N GLY C 136 24.45 -7.90 -7.04
CA GLY C 136 24.13 -7.81 -5.62
C GLY C 136 22.68 -7.49 -5.34
N ALA C 137 21.82 -7.53 -6.36
CA ALA C 137 20.41 -7.22 -6.15
C ALA C 137 19.77 -8.38 -5.39
N PRO C 138 18.89 -8.09 -4.41
CA PRO C 138 18.21 -9.20 -3.73
C PRO C 138 17.32 -10.02 -4.66
N LEU C 139 17.38 -11.33 -4.50
CA LEU C 139 16.54 -12.25 -5.25
C LEU C 139 15.78 -13.15 -4.29
N ALA C 140 14.48 -13.28 -4.52
CA ALA C 140 13.62 -14.03 -3.60
C ALA C 140 13.83 -15.52 -3.76
N ARG C 141 14.22 -16.18 -2.67
CA ARG C 141 14.31 -17.63 -2.67
C ARG C 141 12.92 -18.22 -2.84
N GLY C 142 12.81 -19.31 -3.59
CA GLY C 142 11.53 -19.94 -3.85
C GLY C 142 10.82 -19.38 -5.07
N ALA C 143 11.40 -18.37 -5.70
CA ALA C 143 10.81 -17.78 -6.91
C ALA C 143 10.87 -18.77 -8.07
N LEU C 144 9.97 -18.59 -9.04
CA LEU C 144 9.97 -19.41 -10.24
C LEU C 144 11.18 -19.13 -11.13
N ALA C 145 11.69 -17.89 -11.06
CA ALA C 145 12.81 -17.49 -11.90
C ALA C 145 13.53 -16.26 -11.35
N TRP C 146 14.81 -16.14 -11.70
CA TRP C 146 15.60 -14.97 -11.35
C TRP C 146 16.16 -14.30 -12.61
N PHE C 147 16.22 -12.98 -12.58
CA PHE C 147 16.91 -12.21 -13.60
C PHE C 147 17.79 -11.15 -12.95
N GLU C 148 18.98 -10.93 -13.51
CA GLU C 148 19.75 -9.74 -13.20
C GLU C 148 19.93 -8.94 -14.48
N CYS C 149 19.83 -7.61 -14.37
CA CYS C 149 19.86 -6.75 -15.54
C CYS C 149 20.71 -5.51 -15.33
N ALA C 150 21.26 -5.02 -16.43
CA ALA C 150 21.89 -3.71 -16.45
C ALA C 150 20.90 -2.78 -17.13
N LEU C 151 20.72 -1.60 -16.54
CA LEU C 151 19.77 -0.65 -17.10
C LEU C 151 20.31 -0.15 -18.44
N TRP C 152 19.51 -0.40 -19.46
CA TRP C 152 19.84 -0.11 -20.84
C TRP C 152 19.30 1.28 -21.15
N ARG C 153 17.99 1.44 -20.95
CA ARG C 153 17.33 2.73 -21.11
C ARG C 153 16.11 2.91 -20.23
N ALA C 154 15.82 4.18 -19.96
CA ALA C 154 14.62 4.59 -19.26
C ALA C 154 13.87 5.55 -20.18
N TYR C 155 12.65 5.17 -20.54
CA TYR C 155 11.84 5.94 -21.49
C TYR C 155 10.66 6.60 -20.80
N ASP C 156 10.35 7.83 -21.20
CA ASP C 156 9.18 8.52 -20.67
C ASP C 156 7.90 7.81 -21.05
N ALA C 157 6.94 7.80 -20.12
CA ALA C 157 5.67 7.13 -20.32
C ALA C 157 4.61 7.69 -19.38
N GLY C 158 4.32 8.98 -19.51
CA GLY C 158 3.33 9.61 -18.65
C GLY C 158 3.77 9.60 -17.20
N ASP C 159 2.93 9.09 -16.31
CA ASP C 159 3.21 9.08 -14.88
C ASP C 159 4.15 7.93 -14.48
N HIS C 160 4.57 7.13 -15.47
CA HIS C 160 5.57 6.09 -15.28
C HIS C 160 6.75 6.32 -16.20
N SER C 161 7.83 5.58 -15.95
CA SER C 161 8.91 5.43 -16.93
C SER C 161 9.05 3.96 -17.29
N ILE C 162 9.41 3.66 -18.53
CA ILE C 162 9.66 2.29 -18.96
C ILE C 162 11.14 2.00 -18.82
N PHE C 163 11.49 1.09 -17.92
CA PHE C 163 12.88 0.74 -17.66
C PHE C 163 13.25 -0.51 -18.43
N VAL C 164 14.12 -0.37 -19.43
CA VAL C 164 14.56 -1.50 -20.25
C VAL C 164 15.89 -2.03 -19.74
N GLY C 165 15.92 -3.31 -19.41
CA GLY C 165 17.12 -3.95 -18.89
C GLY C 165 17.71 -4.97 -19.84
N ARG C 166 19.02 -4.94 -20.03
CA ARG C 166 19.72 -6.01 -20.73
C ARG C 166 20.12 -7.09 -19.73
N LEU C 167 19.78 -8.32 -20.04
CA LEU C 167 20.04 -9.43 -19.14
C LEU C 167 21.53 -9.71 -18.96
N LEU C 168 21.95 -9.90 -17.71
CA LEU C 168 23.29 -10.36 -17.39
C LEU C 168 23.24 -11.81 -16.97
N THR C 169 22.17 -12.18 -16.29
CA THR C 169 21.95 -13.56 -15.91
C THR C 169 20.45 -13.84 -15.93
N ALA C 170 20.13 -15.12 -16.07
CA ALA C 170 18.76 -15.58 -16.07
C ALA C 170 18.80 -17.04 -15.67
N GLU C 171 17.80 -17.45 -14.91
CA GLU C 171 17.80 -18.76 -14.31
C GLU C 171 16.39 -19.15 -13.95
N ARG C 172 15.99 -20.30 -14.43
CA ARG C 172 14.67 -20.82 -14.15
C ARG C 172 14.78 -21.90 -13.10
N HIS C 173 13.88 -21.87 -12.13
CA HIS C 173 13.87 -22.86 -11.07
C HIS C 173 12.75 -23.86 -11.27
N ASP C 174 12.57 -24.73 -10.29
CA ASP C 174 11.53 -25.75 -10.35
C ASP C 174 10.18 -25.14 -10.69
N ARG C 175 9.48 -25.77 -11.63
CA ARG C 175 8.14 -25.33 -11.96
C ARG C 175 7.22 -25.77 -10.85
N ARG C 176 6.46 -24.81 -10.35
CA ARG C 176 5.40 -25.06 -9.40
C ARG C 176 4.36 -23.96 -9.58
N ASP C 177 3.29 -24.03 -8.81
CA ASP C 177 2.17 -23.10 -8.97
C ASP C 177 2.61 -21.64 -8.95
N ALA C 178 2.06 -20.87 -9.88
CA ALA C 178 2.50 -19.50 -10.12
C ALA C 178 1.54 -18.48 -9.52
N LEU C 179 2.08 -17.34 -9.10
CA LEU C 179 1.26 -16.26 -8.58
C LEU C 179 0.74 -15.46 -9.75
N VAL C 180 -0.58 -15.29 -9.78
CA VAL C 180 -1.23 -14.55 -10.84
C VAL C 180 -2.09 -13.46 -10.25
N TYR C 181 -2.07 -12.31 -10.91
CA TYR C 181 -2.88 -11.18 -10.51
C TYR C 181 -3.86 -10.86 -11.64
N HIS C 182 -5.14 -11.07 -11.36
CA HIS C 182 -6.18 -10.88 -12.36
C HIS C 182 -7.45 -10.40 -11.67
N SER C 183 -8.13 -9.44 -12.29
CA SER C 183 -9.35 -8.85 -11.74
C SER C 183 -9.16 -8.27 -10.32
N GLY C 184 -8.00 -7.68 -10.06
CA GLY C 184 -7.74 -7.12 -8.74
C GLY C 184 -7.59 -8.20 -7.68
N GLN C 185 -7.47 -9.46 -8.13
CA GLN C 185 -7.30 -10.60 -7.24
C GLN C 185 -5.97 -11.29 -7.43
N PHE C 186 -5.45 -11.84 -6.34
CA PHE C 186 -4.33 -12.76 -6.44
C PHE C 186 -4.86 -14.16 -6.66
N ARG C 187 -4.20 -14.89 -7.54
CA ARG C 187 -4.65 -16.21 -7.92
C ARG C 187 -3.46 -17.15 -8.03
N GLY C 188 -3.72 -18.44 -7.86
CA GLY C 188 -2.71 -19.45 -8.07
C GLY C 188 -2.96 -20.11 -9.40
N LEU C 189 -1.93 -20.20 -10.23
CA LEU C 189 -2.03 -20.87 -11.51
C LEU C 189 -1.28 -22.18 -11.41
N PRO C 190 -2.00 -23.31 -11.45
CA PRO C 190 -1.30 -24.59 -11.28
C PRO C 190 -0.30 -24.86 -12.40
N ASP C 191 0.85 -25.41 -12.02
CA ASP C 191 1.88 -25.78 -12.97
C ASP C 191 2.81 -26.80 -12.31
N ARG C 192 3.31 -27.72 -13.12
CA ARG C 192 4.25 -28.72 -12.66
C ARG C 192 5.09 -29.14 -13.87
N ALA C 193 6.36 -29.45 -13.66
CA ALA C 193 7.16 -29.97 -14.76
C ALA C 193 6.48 -31.21 -15.33
N PRO C 194 6.63 -31.45 -16.64
CA PRO C 194 6.00 -32.65 -17.25
C PRO C 194 6.78 -33.95 -17.04
N VAL C 195 6.15 -35.05 -17.44
CA VAL C 195 6.79 -36.37 -17.42
C VAL C 195 6.22 -37.25 -18.53
N LEU D 31 22.53 -17.51 -22.12
CA LEU D 31 21.80 -16.36 -22.65
C LEU D 31 21.81 -16.31 -24.18
N ARG D 32 22.73 -17.06 -24.79
CA ARG D 32 22.86 -17.04 -26.25
C ARG D 32 21.85 -17.95 -26.93
N ASP D 33 21.21 -18.82 -26.14
CA ASP D 33 20.26 -19.79 -26.65
C ASP D 33 18.81 -19.25 -26.60
N SER D 34 18.14 -19.20 -27.75
CA SER D 34 16.79 -18.65 -27.83
C SER D 34 15.74 -19.51 -27.12
N ARG D 35 15.81 -20.83 -27.33
CA ARG D 35 14.81 -21.73 -26.78
C ARG D 35 14.90 -21.76 -25.27
N SER D 36 16.12 -21.71 -24.77
CA SER D 36 16.36 -21.75 -23.34
C SER D 36 15.82 -20.47 -22.71
N LEU D 37 16.19 -19.34 -23.30
CA LEU D 37 15.83 -18.04 -22.77
C LEU D 37 14.31 -17.82 -22.84
N ARG D 38 13.68 -18.28 -23.92
CA ARG D 38 12.23 -18.19 -24.04
C ARG D 38 11.54 -18.98 -22.93
N GLY D 39 12.15 -20.08 -22.54
CA GLY D 39 11.62 -20.90 -21.46
C GLY D 39 11.63 -20.18 -20.13
N ILE D 40 12.70 -19.43 -19.87
CA ILE D 40 12.79 -18.68 -18.62
C ILE D 40 11.75 -17.56 -18.64
N PHE D 41 11.72 -16.79 -19.73
CA PHE D 41 10.66 -15.80 -19.94
C PHE D 41 9.26 -16.37 -19.74
N SER D 42 9.06 -17.63 -20.10
CA SER D 42 7.72 -18.22 -20.08
C SER D 42 7.24 -18.47 -18.66
N SER D 43 8.16 -18.38 -17.70
CA SER D 43 7.81 -18.54 -16.29
C SER D 43 6.90 -17.42 -15.79
N PHE D 44 6.91 -16.27 -16.48
CA PHE D 44 5.98 -15.18 -16.17
C PHE D 44 4.67 -15.32 -16.93
N ALA D 45 3.60 -15.60 -16.21
CA ALA D 45 2.28 -15.80 -16.81
C ALA D 45 1.72 -14.50 -17.39
N THR D 46 0.90 -14.63 -18.43
CA THR D 46 0.27 -13.47 -19.04
C THR D 46 -1.13 -13.80 -19.54
N GLY D 47 -1.95 -12.78 -19.73
CA GLY D 47 -3.16 -12.91 -20.52
C GLY D 47 -2.74 -12.94 -21.98
N VAL D 48 -3.71 -12.87 -22.88
CA VAL D 48 -3.40 -12.89 -24.30
C VAL D 48 -4.32 -11.91 -25.02
N THR D 49 -3.75 -11.10 -25.91
CA THR D 49 -4.54 -10.18 -26.71
C THR D 49 -4.37 -10.39 -28.21
N VAL D 50 -5.26 -9.77 -28.96
CA VAL D 50 -5.04 -9.58 -30.39
C VAL D 50 -4.99 -8.08 -30.68
N VAL D 51 -3.84 -7.64 -31.18
CA VAL D 51 -3.62 -6.25 -31.59
C VAL D 51 -3.94 -6.06 -33.05
N THR D 52 -4.72 -5.02 -33.36
CA THR D 52 -5.22 -4.82 -34.72
C THR D 52 -5.11 -3.37 -35.20
N VAL D 53 -5.07 -3.20 -36.52
CA VAL D 53 -5.25 -1.88 -37.12
C VAL D 53 -6.42 -1.95 -38.11
N GLY D 54 -7.03 -0.80 -38.36
CA GLY D 54 -8.06 -0.67 -39.37
C GLY D 54 -7.47 -0.05 -40.61
N GLY D 55 -8.23 0.84 -41.24
CA GLY D 55 -7.77 1.51 -42.43
C GLY D 55 -8.04 0.72 -43.70
N ASP D 56 -7.25 0.96 -44.72
CA ASP D 56 -7.42 0.32 -46.02
C ASP D 56 -6.97 -1.13 -45.99
N SER D 57 -5.90 -1.38 -45.23
CA SER D 57 -5.31 -2.70 -45.13
C SER D 57 -5.35 -3.21 -43.69
N PRO D 58 -6.56 -3.52 -43.20
CA PRO D 58 -6.70 -4.06 -41.84
C PRO D 58 -5.82 -5.29 -41.58
N HIS D 59 -5.36 -5.41 -40.35
CA HIS D 59 -4.48 -6.49 -39.97
C HIS D 59 -4.64 -6.80 -38.51
N ALA D 60 -4.20 -8.00 -38.12
CA ALA D 60 -4.27 -8.42 -36.72
C ALA D 60 -3.10 -9.34 -36.40
N MET D 61 -2.71 -9.34 -35.15
CA MET D 61 -1.66 -10.22 -34.67
C MET D 61 -1.85 -10.48 -33.19
N THR D 62 -1.37 -11.63 -32.73
CA THR D 62 -1.51 -12.03 -31.35
C THR D 62 -0.34 -11.50 -30.51
N ALA D 63 -0.67 -10.88 -29.38
CA ALA D 63 0.34 -10.28 -28.51
C ALA D 63 0.03 -10.52 -27.03
N ASN D 64 1.05 -10.91 -26.27
CA ASN D 64 0.94 -11.05 -24.82
C ASN D 64 1.85 -10.08 -24.08
N SER D 65 2.51 -9.20 -24.82
CA SER D 65 3.40 -8.19 -24.24
C SER D 65 2.61 -6.98 -23.79
N PHE D 66 1.28 -7.09 -23.86
CA PHE D 66 0.40 -5.99 -23.49
C PHE D 66 0.57 -5.65 -22.01
N THR D 67 0.70 -4.36 -21.71
CA THR D 67 1.00 -3.91 -20.36
C THR D 67 0.37 -2.54 -20.10
N SER D 68 -0.37 -2.43 -19.00
CA SER D 68 -0.88 -1.12 -18.58
C SER D 68 0.26 -0.27 -18.03
N VAL D 69 0.36 0.97 -18.51
CA VAL D 69 1.56 1.78 -18.27
C VAL D 69 1.31 3.01 -17.39
N SER D 70 0.27 3.76 -17.70
CA SER D 70 0.05 5.04 -17.04
C SER D 70 -1.44 5.34 -17.01
N LEU D 71 -1.83 6.11 -16.01
CA LEU D 71 -3.22 6.49 -15.83
C LEU D 71 -3.45 7.92 -16.26
N ASP D 72 -2.43 8.75 -16.10
CA ASP D 72 -2.49 10.15 -16.49
C ASP D 72 -1.22 10.58 -17.23
N PRO D 73 -1.25 10.62 -18.57
CA PRO D 73 -2.35 10.22 -19.46
C PRO D 73 -2.55 8.71 -19.48
N PRO D 74 -3.76 8.25 -19.85
CA PRO D 74 -4.02 6.80 -19.90
C PRO D 74 -3.22 6.12 -21.00
N LEU D 75 -2.21 5.34 -20.61
CA LEU D 75 -1.31 4.71 -21.58
C LEU D 75 -1.20 3.20 -21.37
N ILE D 76 -1.00 2.49 -22.48
CA ILE D 76 -0.65 1.07 -22.49
C ILE D 76 0.52 0.89 -23.44
N LEU D 77 1.15 -0.29 -23.44
CA LEU D 77 2.17 -0.60 -24.44
C LEU D 77 2.08 -2.03 -24.95
N VAL D 78 2.65 -2.24 -26.13
CA VAL D 78 2.88 -3.57 -26.66
C VAL D 78 4.24 -3.58 -27.31
N CYS D 79 4.91 -4.73 -27.30
CA CYS D 79 6.21 -4.87 -27.94
C CYS D 79 6.04 -5.70 -29.21
N VAL D 80 6.44 -5.13 -30.35
CA VAL D 80 6.28 -5.82 -31.63
C VAL D 80 7.61 -6.01 -32.33
N GLU D 81 7.84 -7.26 -32.74
CA GLU D 81 8.99 -7.66 -33.52
C GLU D 81 9.24 -6.70 -34.68
N CYS D 82 10.50 -6.31 -34.88
CA CYS D 82 10.84 -5.39 -35.96
C CYS D 82 10.47 -5.95 -37.32
N ASP D 83 10.75 -7.24 -37.49
CA ASP D 83 10.51 -7.92 -38.76
C ASP D 83 9.07 -8.34 -38.99
N ALA D 84 8.19 -8.04 -38.02
CA ALA D 84 6.77 -8.38 -38.16
C ALA D 84 6.03 -7.31 -38.95
N ALA D 85 5.01 -7.73 -39.70
CA ALA D 85 4.24 -6.83 -40.56
C ALA D 85 3.52 -5.76 -39.73
N MET D 86 3.07 -6.13 -38.53
CA MET D 86 2.32 -5.20 -37.67
C MET D 86 3.19 -4.02 -37.24
N HIS D 87 4.50 -4.24 -37.15
CA HIS D 87 5.44 -3.17 -36.81
C HIS D 87 5.29 -1.99 -37.75
N GLY D 88 5.28 -2.27 -39.04
CA GLY D 88 5.09 -1.24 -40.05
C GLY D 88 3.68 -0.69 -40.07
N SER D 89 2.70 -1.58 -39.94
CA SER D 89 1.29 -1.17 -39.95
C SER D 89 0.95 -0.19 -38.84
N LEU D 90 1.51 -0.39 -37.65
CA LEU D 90 1.19 0.47 -36.52
C LEU D 90 1.66 1.89 -36.81
N LEU D 91 2.89 2.02 -37.29
CA LEU D 91 3.42 3.31 -37.69
C LEU D 91 2.62 3.97 -38.81
N GLU D 92 2.21 3.19 -39.79
CA GLU D 92 1.47 3.75 -40.93
C GLU D 92 0.09 4.23 -40.50
N VAL D 93 -0.63 3.43 -39.73
CA VAL D 93 -2.03 3.74 -39.41
C VAL D 93 -2.18 4.68 -38.19
N GLY D 94 -1.22 4.63 -37.26
CA GLY D 94 -1.21 5.51 -36.11
C GLY D 94 -2.27 5.28 -35.05
N SER D 95 -3.11 4.26 -35.23
CA SER D 95 -4.04 3.84 -34.19
C SER D 95 -4.24 2.34 -34.23
N PHE D 96 -4.73 1.77 -33.14
CA PHE D 96 -4.89 0.33 -33.06
C PHE D 96 -5.88 -0.10 -31.98
N GLY D 97 -6.33 -1.34 -32.10
CA GLY D 97 -7.26 -1.92 -31.15
C GLY D 97 -6.56 -3.02 -30.38
N VAL D 98 -7.07 -3.32 -29.19
CA VAL D 98 -6.55 -4.42 -28.40
C VAL D 98 -7.74 -5.15 -27.80
N SER D 99 -7.78 -6.47 -27.99
CA SER D 99 -8.84 -7.30 -27.42
C SER D 99 -8.22 -8.32 -26.49
N VAL D 100 -8.67 -8.32 -25.24
CA VAL D 100 -8.16 -9.25 -24.25
C VAL D 100 -8.98 -10.53 -24.35
N LEU D 101 -8.30 -11.65 -24.53
CA LEU D 101 -8.98 -12.88 -24.94
C LEU D 101 -9.52 -13.73 -23.79
N ALA D 102 -10.72 -14.23 -23.98
CA ALA D 102 -11.32 -15.21 -23.08
C ALA D 102 -10.69 -16.57 -23.33
N ALA D 103 -10.88 -17.49 -22.39
CA ALA D 103 -10.26 -18.80 -22.46
C ALA D 103 -10.80 -19.61 -23.65
N ASP D 104 -12.04 -19.33 -24.05
CA ASP D 104 -12.64 -20.03 -25.19
C ASP D 104 -12.30 -19.36 -26.53
N GLN D 105 -11.25 -18.54 -26.53
CA GLN D 105 -10.80 -17.86 -27.74
C GLN D 105 -9.35 -18.22 -28.02
N GLN D 106 -8.93 -19.37 -27.51
CA GLN D 106 -7.61 -19.92 -27.80
C GLN D 106 -7.36 -19.99 -29.30
N HIS D 107 -8.38 -20.38 -30.06
CA HIS D 107 -8.22 -20.59 -31.49
C HIS D 107 -7.93 -19.26 -32.17
N VAL D 108 -8.51 -18.19 -31.65
CA VAL D 108 -8.22 -16.84 -32.15
C VAL D 108 -6.76 -16.46 -31.88
N ALA D 109 -6.29 -16.77 -30.68
CA ALA D 109 -4.91 -16.48 -30.29
C ALA D 109 -3.96 -17.20 -31.23
N LEU D 110 -4.26 -18.47 -31.47
CA LEU D 110 -3.44 -19.32 -32.33
C LEU D 110 -3.40 -18.83 -33.78
N LEU D 111 -4.58 -18.57 -34.35
CA LEU D 111 -4.67 -18.14 -35.74
C LEU D 111 -3.81 -16.91 -36.02
N TYR D 112 -3.93 -15.88 -35.20
CA TYR D 112 -3.26 -14.61 -35.48
C TYR D 112 -1.84 -14.56 -34.94
N ALA D 113 -1.35 -15.69 -34.44
CA ALA D 113 0.07 -15.88 -34.19
C ALA D 113 0.74 -16.67 -35.33
N ASN D 114 -0.07 -17.16 -36.27
CA ASN D 114 0.40 -18.01 -37.36
C ASN D 114 0.87 -17.21 -38.58
N ARG D 115 2.18 -17.16 -38.78
CA ARG D 115 2.76 -16.40 -39.90
C ARG D 115 2.29 -16.90 -41.26
N TRP D 116 1.75 -18.11 -41.29
CA TRP D 116 1.31 -18.73 -42.54
C TRP D 116 -0.15 -18.43 -42.83
N ARG D 117 -0.76 -17.59 -41.99
CA ARG D 117 -2.20 -17.36 -42.04
C ARG D 117 -2.62 -16.53 -43.26
N PRO D 118 -3.89 -16.70 -43.70
CA PRO D 118 -4.46 -15.80 -44.72
C PRO D 118 -4.48 -14.37 -44.21
N ARG D 119 -4.04 -13.42 -45.05
CA ARG D 119 -3.97 -12.03 -44.64
C ARG D 119 -4.97 -11.17 -45.39
N ASP D 120 -5.98 -11.81 -45.98
CA ASP D 120 -7.02 -11.10 -46.69
C ASP D 120 -7.79 -10.24 -45.67
N PRO D 121 -7.84 -8.91 -45.90
CA PRO D 121 -8.58 -7.99 -45.01
C PRO D 121 -10.07 -8.32 -44.88
N THR D 122 -10.62 -9.11 -45.80
CA THR D 122 -12.02 -9.49 -45.78
C THR D 122 -12.44 -10.22 -44.52
N GLN D 123 -11.50 -10.93 -43.90
CA GLN D 123 -11.79 -11.75 -42.72
C GLN D 123 -12.29 -10.92 -41.54
N PHE D 124 -11.91 -9.65 -41.51
CA PHE D 124 -12.30 -8.76 -40.42
C PHE D 124 -13.68 -8.15 -40.67
N ASP D 125 -14.30 -8.54 -41.77
CA ASP D 125 -15.69 -8.17 -42.06
C ASP D 125 -16.64 -9.29 -41.66
N ARG D 126 -16.10 -10.43 -41.22
CA ARG D 126 -16.93 -11.53 -40.77
C ARG D 126 -17.58 -11.11 -39.45
N PRO D 127 -18.60 -11.87 -39.02
CA PRO D 127 -19.40 -11.38 -37.90
C PRO D 127 -18.75 -11.49 -36.51
N GLY D 128 -17.66 -12.25 -36.39
CA GLY D 128 -16.95 -12.35 -35.12
C GLY D 128 -16.18 -11.08 -34.73
N TRP D 129 -16.20 -10.09 -35.61
CA TRP D 129 -15.48 -8.83 -35.37
C TRP D 129 -16.40 -7.64 -35.31
N ALA D 130 -16.10 -6.73 -34.39
CA ALA D 130 -16.69 -5.40 -34.38
C ALA D 130 -15.62 -4.44 -34.85
N ARG D 131 -16.02 -3.24 -35.24
CA ARG D 131 -15.06 -2.21 -35.65
C ARG D 131 -15.10 -1.07 -34.66
N GLY D 132 -13.93 -0.70 -34.15
CA GLY D 132 -13.84 0.34 -33.15
C GLY D 132 -14.28 1.66 -33.74
N ALA D 133 -15.13 2.38 -33.01
CA ALA D 133 -15.74 3.61 -33.50
C ALA D 133 -14.70 4.68 -33.80
N ARG D 134 -13.63 4.71 -33.02
CA ARG D 134 -12.63 5.77 -33.13
C ARG D 134 -11.49 5.47 -34.11
N THR D 135 -11.16 4.20 -34.26
CA THR D 135 -9.95 3.82 -35.00
C THR D 135 -10.28 2.94 -36.20
N GLY D 136 -11.50 2.41 -36.23
CA GLY D 136 -11.88 1.42 -37.23
C GLY D 136 -11.16 0.09 -37.07
N ALA D 137 -10.46 -0.09 -35.95
CA ALA D 137 -9.71 -1.32 -35.73
C ALA D 137 -10.68 -2.47 -35.40
N PRO D 138 -10.41 -3.66 -35.95
CA PRO D 138 -11.26 -4.80 -35.58
C PRO D 138 -11.15 -5.14 -34.10
N LEU D 139 -12.28 -5.41 -33.47
CA LEU D 139 -12.32 -5.82 -32.08
C LEU D 139 -13.08 -7.13 -31.99
N ALA D 140 -12.50 -8.10 -31.29
CA ALA D 140 -13.05 -9.44 -31.25
C ALA D 140 -14.26 -9.51 -30.34
N ARG D 141 -15.39 -9.94 -30.90
CA ARG D 141 -16.57 -10.19 -30.10
C ARG D 141 -16.30 -11.33 -29.13
N GLY D 142 -16.83 -11.21 -27.91
CA GLY D 142 -16.63 -12.23 -26.89
C GLY D 142 -15.40 -12.04 -26.03
N ALA D 143 -14.60 -11.01 -26.32
CA ALA D 143 -13.40 -10.71 -25.54
C ALA D 143 -13.74 -10.22 -24.13
N LEU D 144 -12.77 -10.35 -23.23
CA LEU D 144 -12.92 -9.83 -21.86
C LEU D 144 -12.93 -8.32 -21.85
N ALA D 145 -12.23 -7.70 -22.80
CA ALA D 145 -12.16 -6.24 -22.86
C ALA D 145 -11.71 -5.74 -24.22
N TRP D 146 -12.08 -4.50 -24.53
CA TRP D 146 -11.64 -3.82 -25.75
C TRP D 146 -10.91 -2.54 -25.39
N PHE D 147 -9.86 -2.22 -26.15
CA PHE D 147 -9.19 -0.93 -26.05
C PHE D 147 -9.00 -0.39 -27.47
N GLU D 148 -9.15 0.92 -27.62
CA GLU D 148 -8.67 1.59 -28.82
C GLU D 148 -7.60 2.59 -28.42
N CYS D 149 -6.56 2.68 -29.25
CA CYS D 149 -5.43 3.50 -28.92
C CYS D 149 -4.96 4.32 -30.10
N ALA D 150 -4.42 5.49 -29.78
CA ALA D 150 -3.70 6.32 -30.74
C ALA D 150 -2.24 6.13 -30.42
N LEU D 151 -1.42 5.99 -31.45
CA LEU D 151 0.00 5.78 -31.24
C LEU D 151 0.63 7.00 -30.60
N TRP D 152 1.20 6.81 -29.42
CA TRP D 152 1.82 7.88 -28.64
C TRP D 152 3.33 7.95 -28.90
N ARG D 153 4.03 6.83 -28.68
CA ARG D 153 5.48 6.77 -28.98
C ARG D 153 5.85 5.36 -29.43
N ALA D 154 6.91 5.27 -30.23
CA ALA D 154 7.50 3.98 -30.58
C ALA D 154 8.97 4.02 -30.20
N TYR D 155 9.38 3.13 -29.30
CA TYR D 155 10.75 3.13 -28.77
C TYR D 155 11.54 1.92 -29.25
N ASP D 156 12.80 2.12 -29.59
CA ASP D 156 13.68 1.01 -29.96
C ASP D 156 13.93 0.10 -28.76
N ALA D 157 14.00 -1.20 -29.02
CA ALA D 157 14.20 -2.20 -27.97
C ALA D 157 14.77 -3.49 -28.56
N GLY D 158 15.97 -3.38 -29.13
CA GLY D 158 16.60 -4.54 -29.73
C GLY D 158 15.81 -5.01 -30.95
N ASP D 159 15.46 -6.29 -30.98
CA ASP D 159 14.77 -6.87 -32.11
C ASP D 159 13.25 -6.61 -32.10
N HIS D 160 12.78 -5.86 -31.09
CA HIS D 160 11.40 -5.41 -31.03
C HIS D 160 11.35 -3.89 -30.95
N SER D 161 10.16 -3.33 -31.14
CA SER D 161 9.91 -1.96 -30.74
C SER D 161 8.82 -1.94 -29.69
N ILE D 162 8.92 -0.99 -28.78
CA ILE D 162 7.92 -0.77 -27.76
C ILE D 162 6.96 0.31 -28.24
N PHE D 163 5.72 -0.08 -28.50
CA PHE D 163 4.72 0.86 -29.00
C PHE D 163 3.81 1.28 -27.83
N VAL D 164 3.88 2.57 -27.47
CA VAL D 164 3.04 3.08 -26.39
C VAL D 164 1.81 3.74 -27.00
N GLY D 165 0.63 3.28 -26.59
CA GLY D 165 -0.64 3.79 -27.10
C GLY D 165 -1.39 4.58 -26.05
N ARG D 166 -1.92 5.74 -26.46
CA ARG D 166 -2.80 6.52 -25.61
C ARG D 166 -4.25 6.08 -25.79
N LEU D 167 -4.94 5.77 -24.69
CA LEU D 167 -6.30 5.26 -24.80
C LEU D 167 -7.28 6.33 -25.28
N LEU D 168 -8.12 5.93 -26.24
CA LEU D 168 -9.23 6.75 -26.71
C LEU D 168 -10.54 6.20 -26.19
N THR D 169 -10.62 4.88 -26.12
CA THR D 169 -11.77 4.18 -25.55
C THR D 169 -11.30 2.92 -24.86
N ALA D 170 -12.11 2.44 -23.93
CA ALA D 170 -11.81 1.22 -23.20
C ALA D 170 -13.11 0.69 -22.65
N GLU D 171 -13.25 -0.63 -22.58
CA GLU D 171 -14.52 -1.23 -22.21
C GLU D 171 -14.32 -2.62 -21.69
N ARG D 172 -14.89 -2.88 -20.52
CA ARG D 172 -14.83 -4.21 -19.94
C ARG D 172 -16.15 -4.93 -20.14
N HIS D 173 -16.05 -6.18 -20.55
CA HIS D 173 -17.22 -7.00 -20.80
C HIS D 173 -17.41 -8.01 -19.67
N ASP D 174 -18.39 -8.90 -19.85
CA ASP D 174 -18.69 -9.92 -18.87
C ASP D 174 -17.45 -10.72 -18.51
N ARG D 175 -17.25 -10.91 -17.21
CA ARG D 175 -16.15 -11.72 -16.71
C ARG D 175 -16.44 -13.19 -16.88
N ARG D 176 -15.50 -13.89 -17.49
CA ARG D 176 -15.55 -15.33 -17.59
C ARG D 176 -14.11 -15.81 -17.70
N ASP D 177 -13.93 -17.12 -17.82
CA ASP D 177 -12.58 -17.69 -17.83
C ASP D 177 -11.69 -17.00 -18.86
N ALA D 178 -10.47 -16.70 -18.42
CA ALA D 178 -9.52 -15.92 -19.21
C ALA D 178 -8.47 -16.82 -19.83
N LEU D 179 -7.99 -16.41 -21.00
CA LEU D 179 -6.93 -17.14 -21.68
C LEU D 179 -5.60 -16.72 -21.10
N VAL D 180 -4.81 -17.70 -20.66
CA VAL D 180 -3.51 -17.42 -20.09
C VAL D 180 -2.45 -18.22 -20.82
N TYR D 181 -1.31 -17.57 -21.01
CA TYR D 181 -0.17 -18.17 -21.68
C TYR D 181 0.96 -18.26 -20.68
N HIS D 182 1.28 -19.48 -20.27
CA HIS D 182 2.31 -19.69 -19.25
C HIS D 182 3.07 -20.98 -19.51
N SER D 183 4.38 -20.93 -19.32
CA SER D 183 5.25 -22.07 -19.54
C SER D 183 5.06 -22.62 -20.96
N GLY D 184 4.81 -21.70 -21.89
CA GLY D 184 4.59 -22.07 -23.28
C GLY D 184 3.29 -22.81 -23.55
N GLN D 185 2.38 -22.80 -22.58
CA GLN D 185 1.09 -23.47 -22.72
C GLN D 185 -0.04 -22.46 -22.67
N PHE D 186 -1.13 -22.75 -23.36
CA PHE D 186 -2.35 -21.97 -23.16
C PHE D 186 -3.10 -22.61 -22.00
N ARG D 187 -3.65 -21.76 -21.15
CA ARG D 187 -4.36 -22.22 -19.96
C ARG D 187 -5.63 -21.41 -19.77
N GLY D 188 -6.58 -22.00 -19.06
CA GLY D 188 -7.79 -21.30 -18.68
C GLY D 188 -7.66 -20.88 -17.24
N LEU D 189 -7.91 -19.60 -16.99
CA LEU D 189 -7.91 -19.08 -15.64
C LEU D 189 -9.36 -18.82 -15.26
N PRO D 190 -9.91 -19.60 -14.32
CA PRO D 190 -11.32 -19.41 -14.00
C PRO D 190 -11.59 -18.02 -13.44
N ASP D 191 -12.75 -17.47 -13.82
CA ASP D 191 -13.18 -16.19 -13.31
C ASP D 191 -14.68 -16.08 -13.52
N ARG D 192 -15.34 -15.40 -12.60
CA ARG D 192 -16.77 -15.19 -12.68
C ARG D 192 -17.07 -13.87 -12.01
N ALA D 193 -18.08 -13.17 -12.52
CA ALA D 193 -18.54 -11.93 -11.90
C ALA D 193 -18.85 -12.14 -10.42
N PRO D 194 -18.74 -11.08 -9.62
CA PRO D 194 -19.03 -11.21 -8.19
C PRO D 194 -20.52 -11.31 -7.91
N ASP E 33 18.80 -12.93 -49.42
CA ASP E 33 17.59 -12.56 -48.70
C ASP E 33 16.58 -13.70 -48.64
N SER E 34 16.19 -14.07 -47.42
CA SER E 34 15.27 -15.17 -47.20
C SER E 34 13.84 -14.86 -47.64
N ARG E 35 13.36 -13.66 -47.35
CA ARG E 35 11.98 -13.30 -47.66
C ARG E 35 11.79 -13.26 -49.17
N SER E 36 12.80 -12.78 -49.87
CA SER E 36 12.78 -12.67 -51.32
C SER E 36 12.80 -14.08 -51.92
N LEU E 37 13.72 -14.91 -51.44
CA LEU E 37 13.90 -16.26 -51.95
C LEU E 37 12.69 -17.17 -51.70
N ARG E 38 12.08 -17.07 -50.53
CA ARG E 38 10.88 -17.84 -50.22
C ARG E 38 9.79 -17.51 -51.22
N GLY E 39 9.78 -16.26 -51.67
CA GLY E 39 8.84 -15.78 -52.67
C GLY E 39 9.03 -16.44 -54.02
N ILE E 40 10.28 -16.66 -54.42
CA ILE E 40 10.57 -17.31 -55.70
C ILE E 40 10.15 -18.77 -55.64
N PHE E 41 10.59 -19.47 -54.59
CA PHE E 41 10.16 -20.83 -54.30
C PHE E 41 8.64 -20.99 -54.35
N SER E 42 7.90 -19.95 -53.93
CA SER E 42 6.45 -20.05 -53.81
C SER E 42 5.75 -20.05 -55.18
N SER E 43 6.49 -19.72 -56.23
CA SER E 43 5.92 -19.74 -57.59
C SER E 43 5.60 -21.17 -58.00
N PHE E 44 6.25 -22.13 -57.35
CA PHE E 44 5.98 -23.55 -57.56
C PHE E 44 4.86 -24.03 -56.65
N ALA E 45 3.70 -24.33 -57.24
CA ALA E 45 2.55 -24.78 -56.45
C ALA E 45 2.80 -26.18 -55.89
N THR E 46 2.14 -26.46 -54.77
CA THR E 46 2.24 -27.77 -54.12
C THR E 46 0.89 -28.12 -53.52
N GLY E 47 0.68 -29.40 -53.26
CA GLY E 47 -0.38 -29.81 -52.36
C GLY E 47 0.13 -29.54 -50.95
N VAL E 48 -0.59 -30.02 -49.95
CA VAL E 48 -0.16 -29.84 -48.56
C VAL E 48 -0.43 -31.11 -47.76
N THR E 49 0.57 -31.54 -46.98
CA THR E 49 0.41 -32.70 -46.11
C THR E 49 0.62 -32.37 -44.65
N VAL E 50 0.18 -33.30 -43.81
CA VAL E 50 0.55 -33.33 -42.41
C VAL E 50 1.34 -34.62 -42.15
N VAL E 51 2.60 -34.45 -41.79
CA VAL E 51 3.49 -35.55 -41.46
C VAL E 51 3.46 -35.83 -39.96
N THR E 52 3.29 -37.10 -39.59
CA THR E 52 3.11 -37.47 -38.19
C THR E 52 3.94 -38.67 -37.78
N VAL E 53 4.22 -38.77 -36.48
CA VAL E 53 4.78 -39.98 -35.88
C VAL E 53 3.86 -40.46 -34.78
N GLY E 54 3.93 -41.75 -34.47
CA GLY E 54 3.19 -42.33 -33.36
C GLY E 54 4.05 -42.56 -32.13
N GLY E 55 3.82 -43.68 -31.46
CA GLY E 55 4.57 -44.02 -30.26
C GLY E 55 3.98 -43.38 -29.03
N ASP E 56 4.81 -43.20 -28.01
CA ASP E 56 4.38 -42.61 -26.74
C ASP E 56 4.23 -41.11 -26.87
N SER E 57 5.05 -40.50 -27.73
CA SER E 57 5.02 -39.06 -27.93
C SER E 57 4.64 -38.69 -29.36
N PRO E 58 3.37 -38.95 -29.73
CA PRO E 58 2.88 -38.54 -31.04
C PRO E 58 3.11 -37.05 -31.30
N HIS E 59 3.37 -36.74 -32.56
CA HIS E 59 3.63 -35.37 -32.97
C HIS E 59 3.19 -35.25 -34.42
N ALA E 60 2.96 -34.02 -34.84
CA ALA E 60 2.53 -33.77 -36.20
C ALA E 60 3.07 -32.44 -36.66
N MET E 61 3.24 -32.30 -37.97
CA MET E 61 3.71 -31.06 -38.55
C MET E 61 3.22 -30.95 -39.98
N THR E 62 3.07 -29.72 -40.45
CA THR E 62 2.60 -29.49 -41.81
C THR E 62 3.80 -29.43 -42.75
N ALA E 63 3.71 -30.17 -43.85
CA ALA E 63 4.78 -30.25 -44.82
C ALA E 63 4.23 -30.23 -46.24
N ASN E 64 4.84 -29.43 -47.10
CA ASN E 64 4.49 -29.40 -48.52
C ASN E 64 5.68 -29.84 -49.37
N SER E 65 6.74 -30.27 -48.71
CA SER E 65 7.94 -30.74 -49.38
C SER E 65 7.80 -32.21 -49.78
N PHE E 66 6.60 -32.76 -49.61
CA PHE E 66 6.35 -34.14 -49.95
C PHE E 66 6.49 -34.39 -51.45
N THR E 67 7.21 -35.45 -51.79
CA THR E 67 7.52 -35.77 -53.18
C THR E 67 7.65 -37.27 -53.35
N SER E 68 6.94 -37.82 -54.33
CA SER E 68 7.07 -39.22 -54.70
C SER E 68 8.41 -39.44 -55.39
N VAL E 69 9.14 -40.46 -54.95
CA VAL E 69 10.54 -40.61 -55.36
C VAL E 69 10.76 -41.84 -56.24
N SER E 70 10.17 -42.98 -55.86
CA SER E 70 10.46 -44.24 -56.53
C SER E 70 9.29 -45.22 -56.45
N LEU E 71 9.20 -46.11 -57.44
CA LEU E 71 8.14 -47.13 -57.48
C LEU E 71 8.69 -48.49 -57.06
N ASP E 72 9.96 -48.75 -57.38
CA ASP E 72 10.63 -49.97 -56.97
C ASP E 72 12.05 -49.69 -56.46
N PRO E 73 12.25 -49.69 -55.13
CA PRO E 73 11.25 -49.86 -54.07
C PRO E 73 10.35 -48.64 -53.94
N PRO E 74 9.14 -48.82 -53.40
CA PRO E 74 8.24 -47.67 -53.24
C PRO E 74 8.77 -46.65 -52.23
N LEU E 75 9.22 -45.49 -52.72
CA LEU E 75 9.81 -44.48 -51.85
C LEU E 75 9.15 -43.11 -52.04
N ILE E 76 9.11 -42.34 -50.95
CA ILE E 76 8.71 -40.94 -50.96
C ILE E 76 9.74 -40.15 -50.16
N LEU E 77 9.69 -38.82 -50.23
CA LEU E 77 10.52 -38.02 -49.34
C LEU E 77 9.79 -36.79 -48.81
N VAL E 78 10.28 -36.28 -47.69
CA VAL E 78 9.89 -35.01 -47.11
C VAL E 78 11.14 -34.30 -46.62
N CYS E 79 11.15 -32.98 -46.67
CA CYS E 79 12.28 -32.19 -46.17
C CYS E 79 11.91 -31.52 -44.87
N VAL E 80 12.65 -31.80 -43.81
CA VAL E 80 12.34 -31.25 -42.49
C VAL E 80 13.53 -30.46 -41.93
N GLU E 81 13.20 -29.24 -41.52
CA GLU E 81 14.12 -28.31 -40.87
C GLU E 81 14.95 -28.96 -39.76
N CYS E 82 16.25 -28.69 -39.71
CA CYS E 82 17.11 -29.28 -38.69
C CYS E 82 16.67 -28.85 -37.29
N ASP E 83 16.27 -27.59 -37.14
CA ASP E 83 15.82 -27.07 -35.85
C ASP E 83 14.36 -27.39 -35.49
N ALA E 84 13.64 -28.09 -36.37
CA ALA E 84 12.25 -28.44 -36.09
C ALA E 84 12.19 -29.70 -35.22
N ALA E 85 11.18 -29.78 -34.36
CA ALA E 85 11.05 -30.90 -33.44
C ALA E 85 10.86 -32.23 -34.17
N MET E 86 10.16 -32.21 -35.31
CA MET E 86 9.87 -33.44 -36.05
C MET E 86 11.16 -34.05 -36.61
N HIS E 87 12.16 -33.22 -36.85
CA HIS E 87 13.47 -33.68 -37.28
C HIS E 87 14.02 -34.71 -36.31
N GLY E 88 13.94 -34.39 -35.03
CA GLY E 88 14.36 -35.30 -33.98
C GLY E 88 13.40 -36.48 -33.85
N SER E 89 12.10 -36.19 -33.90
CA SER E 89 11.07 -37.21 -33.77
C SER E 89 11.17 -38.33 -34.81
N LEU E 90 11.46 -37.96 -36.05
CA LEU E 90 11.52 -38.94 -37.13
C LEU E 90 12.71 -39.88 -36.92
N LEU E 91 13.87 -39.32 -36.61
CA LEU E 91 15.05 -40.11 -36.33
C LEU E 91 14.83 -41.04 -35.13
N GLU E 92 14.14 -40.54 -34.11
CA GLU E 92 13.87 -41.35 -32.92
C GLU E 92 12.91 -42.50 -33.21
N VAL E 93 11.80 -42.19 -33.88
CA VAL E 93 10.72 -43.17 -34.07
C VAL E 93 10.96 -44.06 -35.30
N GLY E 94 11.70 -43.56 -36.28
CA GLY E 94 12.08 -44.35 -37.45
C GLY E 94 10.96 -44.72 -38.42
N SER E 95 9.74 -44.26 -38.15
CA SER E 95 8.64 -44.42 -39.10
C SER E 95 7.68 -43.24 -38.98
N PHE E 96 6.86 -43.01 -40.01
CA PHE E 96 5.96 -41.86 -40.00
C PHE E 96 4.79 -42.00 -40.96
N GLY E 97 3.80 -41.13 -40.75
CA GLY E 97 2.61 -41.08 -41.57
C GLY E 97 2.54 -39.82 -42.40
N VAL E 98 1.79 -39.87 -43.49
CA VAL E 98 1.57 -38.70 -44.32
C VAL E 98 0.11 -38.66 -44.74
N SER E 99 -0.54 -37.52 -44.53
CA SER E 99 -1.91 -37.32 -44.98
C SER E 99 -1.96 -36.15 -45.94
N VAL E 100 -2.48 -36.39 -47.13
CA VAL E 100 -2.60 -35.35 -48.14
C VAL E 100 -3.91 -34.61 -47.92
N LEU E 101 -3.83 -33.29 -47.78
CA LEU E 101 -4.97 -32.52 -47.30
C LEU E 101 -5.94 -32.05 -48.37
N ALA E 102 -7.21 -32.21 -48.05
CA ALA E 102 -8.31 -31.67 -48.84
C ALA E 102 -8.44 -30.17 -48.61
N ALA E 103 -9.22 -29.50 -49.46
CA ALA E 103 -9.33 -28.06 -49.42
C ALA E 103 -10.02 -27.55 -48.15
N ASP E 104 -10.93 -28.36 -47.59
CA ASP E 104 -11.64 -27.97 -46.38
C ASP E 104 -10.87 -28.37 -45.12
N GLN E 105 -9.57 -28.60 -45.27
CA GLN E 105 -8.71 -28.96 -44.15
C GLN E 105 -7.59 -27.94 -44.02
N GLN E 106 -7.83 -26.74 -44.53
CA GLN E 106 -6.92 -25.61 -44.37
C GLN E 106 -6.57 -25.35 -42.90
N HIS E 107 -7.55 -25.46 -42.01
CA HIS E 107 -7.31 -25.19 -40.59
C HIS E 107 -6.38 -26.23 -40.01
N VAL E 108 -6.48 -27.45 -40.52
CA VAL E 108 -5.58 -28.53 -40.14
C VAL E 108 -4.16 -28.19 -40.57
N ALA E 109 -4.02 -27.69 -41.80
CA ALA E 109 -2.70 -27.30 -42.30
C ALA E 109 -2.11 -26.16 -41.46
N LEU E 110 -2.93 -25.16 -41.16
CA LEU E 110 -2.47 -24.01 -40.39
C LEU E 110 -2.07 -24.38 -38.97
N LEU E 111 -2.92 -25.12 -38.27
CA LEU E 111 -2.63 -25.51 -36.89
C LEU E 111 -1.27 -26.18 -36.77
N TYR E 112 -1.01 -27.17 -37.62
CA TYR E 112 0.21 -27.97 -37.49
C TYR E 112 1.39 -27.35 -38.22
N ALA E 113 1.20 -26.15 -38.72
CA ALA E 113 2.30 -25.28 -39.15
C ALA E 113 2.63 -24.25 -38.08
N ASN E 114 1.81 -24.19 -37.03
CA ASN E 114 1.93 -23.19 -35.97
C ASN E 114 2.86 -23.60 -34.81
N ARG E 115 4.03 -22.99 -34.75
CA ARG E 115 5.02 -23.31 -33.72
C ARG E 115 4.52 -23.06 -32.29
N TRP E 116 3.47 -22.26 -32.17
CA TRP E 116 2.93 -21.90 -30.86
C TRP E 116 1.85 -22.88 -30.42
N ARG E 117 1.61 -23.92 -31.22
CA ARG E 117 0.46 -24.79 -31.00
C ARG E 117 0.65 -25.67 -29.76
N PRO E 118 -0.48 -26.10 -29.15
CA PRO E 118 -0.43 -27.10 -28.09
C PRO E 118 0.20 -28.39 -28.59
N ARG E 119 1.13 -28.96 -27.85
CA ARG E 119 1.86 -30.15 -28.27
C ARG E 119 1.49 -31.40 -27.48
N ASP E 120 0.36 -31.34 -26.78
CA ASP E 120 -0.10 -32.48 -26.01
C ASP E 120 -0.44 -33.60 -26.99
N PRO E 121 0.21 -34.78 -26.86
CA PRO E 121 -0.10 -35.90 -27.76
C PRO E 121 -1.56 -36.35 -27.69
N THR E 122 -2.25 -35.98 -26.62
CA THR E 122 -3.65 -36.33 -26.41
C THR E 122 -4.55 -35.80 -27.52
N GLN E 123 -4.12 -34.73 -28.18
CA GLN E 123 -4.92 -34.11 -29.24
C GLN E 123 -5.15 -35.11 -30.37
N PHE E 124 -4.24 -36.07 -30.51
CA PHE E 124 -4.30 -37.06 -31.56
C PHE E 124 -5.21 -38.27 -31.28
N ASP E 125 -5.90 -38.28 -30.13
CA ASP E 125 -6.95 -39.29 -29.87
C ASP E 125 -8.34 -38.79 -30.22
N ARG E 126 -8.47 -37.53 -30.62
CA ARG E 126 -9.78 -37.00 -30.97
C ARG E 126 -10.25 -37.73 -32.23
N PRO E 127 -11.54 -37.60 -32.55
CA PRO E 127 -12.14 -38.43 -33.61
C PRO E 127 -11.68 -38.06 -35.03
N GLY E 128 -11.09 -36.88 -35.19
CA GLY E 128 -10.57 -36.48 -36.49
C GLY E 128 -9.31 -37.23 -36.89
N TRP E 129 -8.81 -38.10 -36.00
CA TRP E 129 -7.58 -38.84 -36.25
C TRP E 129 -7.77 -40.35 -36.25
N ALA E 130 -7.10 -41.03 -37.19
CA ALA E 130 -6.96 -42.48 -37.18
C ALA E 130 -5.51 -42.85 -36.86
N ARG E 131 -5.27 -44.13 -36.54
CA ARG E 131 -3.91 -44.61 -36.26
C ARG E 131 -3.48 -45.60 -37.34
N GLY E 132 -2.31 -45.36 -37.93
CA GLY E 132 -1.83 -46.20 -39.01
C GLY E 132 -1.57 -47.61 -38.55
N ALA E 133 -2.06 -48.58 -39.31
CA ALA E 133 -1.98 -49.98 -38.92
C ALA E 133 -0.54 -50.48 -38.80
N ARG E 134 0.34 -49.97 -39.66
CA ARG E 134 1.73 -50.44 -39.71
C ARG E 134 2.66 -49.67 -38.76
N THR E 135 2.38 -48.40 -38.54
CA THR E 135 3.27 -47.52 -37.77
C THR E 135 2.61 -46.92 -36.54
N GLY E 136 1.27 -46.99 -36.47
CA GLY E 136 0.51 -46.32 -35.42
C GLY E 136 0.53 -44.81 -35.49
N ALA E 137 1.06 -44.26 -36.59
CA ALA E 137 1.15 -42.82 -36.75
C ALA E 137 -0.24 -42.22 -36.99
N PRO E 138 -0.52 -41.04 -36.41
CA PRO E 138 -1.82 -40.42 -36.68
C PRO E 138 -2.04 -40.08 -38.15
N LEU E 139 -3.23 -40.38 -38.65
CA LEU E 139 -3.61 -40.03 -40.01
C LEU E 139 -4.93 -39.27 -39.95
N ALA E 140 -4.99 -38.13 -40.63
CA ALA E 140 -6.16 -37.26 -40.56
C ALA E 140 -7.33 -37.78 -41.39
N ARG E 141 -8.48 -37.96 -40.75
CA ARG E 141 -9.71 -38.33 -41.43
C ARG E 141 -10.10 -37.22 -42.40
N GLY E 142 -10.65 -37.60 -43.55
CA GLY E 142 -11.06 -36.63 -44.56
C GLY E 142 -9.95 -36.27 -45.54
N ALA E 143 -8.77 -36.85 -45.34
CA ALA E 143 -7.64 -36.61 -46.23
C ALA E 143 -7.90 -37.21 -47.62
N LEU E 144 -7.23 -36.67 -48.62
CA LEU E 144 -7.29 -37.23 -49.96
C LEU E 144 -6.56 -38.57 -50.03
N ALA E 145 -5.55 -38.76 -49.20
CA ALA E 145 -4.76 -39.98 -49.22
C ALA E 145 -3.95 -40.17 -47.93
N TRP E 146 -3.63 -41.42 -47.63
CA TRP E 146 -2.76 -41.77 -46.49
C TRP E 146 -1.52 -42.52 -46.95
N PHE E 147 -0.39 -42.26 -46.31
CA PHE E 147 0.83 -43.04 -46.51
C PHE E 147 1.44 -43.40 -45.16
N GLU E 148 1.97 -44.62 -45.06
CA GLU E 148 2.85 -44.97 -43.95
C GLU E 148 4.21 -45.33 -44.49
N CYS E 149 5.26 -44.92 -43.78
CA CYS E 149 6.61 -45.12 -44.27
C CYS E 149 7.53 -45.55 -43.13
N ALA E 150 8.55 -46.31 -43.47
CA ALA E 150 9.65 -46.59 -42.57
C ALA E 150 10.80 -45.73 -43.04
N LEU E 151 11.50 -45.08 -42.12
CA LEU E 151 12.58 -44.19 -42.51
C LEU E 151 13.68 -45.02 -43.16
N TRP E 152 13.97 -44.66 -44.41
CA TRP E 152 14.92 -45.37 -45.23
C TRP E 152 16.27 -44.73 -44.98
N ARG E 153 16.36 -43.44 -45.27
CA ARG E 153 17.59 -42.70 -45.04
C ARG E 153 17.33 -41.24 -44.74
N ALA E 154 18.28 -40.60 -44.05
CA ALA E 154 18.24 -39.16 -43.82
C ALA E 154 19.50 -38.55 -44.41
N TYR E 155 19.32 -37.63 -45.36
CA TYR E 155 20.44 -37.05 -46.10
C TYR E 155 20.60 -35.60 -45.67
N ASP E 156 21.84 -35.15 -45.47
CA ASP E 156 22.11 -33.76 -45.15
C ASP E 156 21.72 -32.89 -46.32
N ALA E 157 21.16 -31.72 -46.02
CA ALA E 157 20.69 -30.82 -47.06
C ALA E 157 20.63 -29.41 -46.50
N GLY E 158 21.78 -28.92 -46.05
CA GLY E 158 21.86 -27.61 -45.46
C GLY E 158 21.07 -27.51 -44.17
N ASP E 159 20.18 -26.53 -44.11
CA ASP E 159 19.40 -26.28 -42.90
C ASP E 159 18.18 -27.19 -42.76
N HIS E 160 18.01 -28.09 -43.73
CA HIS E 160 17.02 -29.15 -43.66
C HIS E 160 17.74 -30.47 -43.79
N SER E 161 17.04 -31.55 -43.48
CA SER E 161 17.48 -32.89 -43.88
C SER E 161 16.41 -33.51 -44.76
N ILE E 162 16.83 -34.33 -45.72
CA ILE E 162 15.91 -35.04 -46.59
C ILE E 162 15.61 -36.42 -46.03
N PHE E 163 14.36 -36.64 -45.65
CA PHE E 163 13.94 -37.90 -45.08
C PHE E 163 13.28 -38.76 -46.14
N VAL E 164 13.93 -39.85 -46.51
CA VAL E 164 13.42 -40.77 -47.52
C VAL E 164 12.73 -41.92 -46.81
N GLY E 165 11.45 -42.12 -47.12
CA GLY E 165 10.68 -43.19 -46.52
C GLY E 165 10.28 -44.27 -47.51
N ARG E 166 10.47 -45.53 -47.10
CA ARG E 166 9.95 -46.66 -47.86
C ARG E 166 8.52 -46.93 -47.41
N LEU E 167 7.60 -46.98 -48.38
CA LEU E 167 6.19 -47.11 -48.08
C LEU E 167 5.87 -48.46 -47.44
N LEU E 168 5.06 -48.46 -46.38
CA LEU E 168 4.56 -49.69 -45.79
C LEU E 168 3.10 -49.88 -46.20
N THR E 169 2.38 -48.76 -46.28
CA THR E 169 1.01 -48.75 -46.76
C THR E 169 0.74 -47.44 -47.49
N ALA E 170 -0.27 -47.46 -48.35
CA ALA E 170 -0.69 -46.30 -49.11
C ALA E 170 -2.13 -46.50 -49.52
N GLU E 171 -2.91 -45.42 -49.55
CA GLU E 171 -4.34 -45.54 -49.76
C GLU E 171 -4.96 -44.24 -50.22
N ARG E 172 -5.74 -44.29 -51.30
CA ARG E 172 -6.42 -43.11 -51.80
C ARG E 172 -7.91 -43.13 -51.44
N HIS E 173 -8.39 -41.97 -50.99
CA HIS E 173 -9.79 -41.79 -50.58
C HIS E 173 -10.57 -41.03 -51.64
N ASP E 174 -11.82 -40.69 -51.31
CA ASP E 174 -12.68 -39.96 -52.23
C ASP E 174 -11.99 -38.71 -52.74
N ARG E 175 -12.06 -38.52 -54.05
CA ARG E 175 -11.52 -37.34 -54.67
C ARG E 175 -12.45 -36.17 -54.43
N ARG E 176 -11.88 -35.08 -53.94
CA ARG E 176 -12.60 -33.83 -53.78
C ARG E 176 -11.56 -32.73 -53.86
N ASP E 177 -12.01 -31.49 -53.72
CA ASP E 177 -11.11 -30.35 -53.84
C ASP E 177 -9.87 -30.51 -52.97
N ALA E 178 -8.72 -30.16 -53.54
CA ALA E 178 -7.44 -30.38 -52.89
C ALA E 178 -6.89 -29.08 -52.31
N LEU E 179 -6.14 -29.20 -51.22
CA LEU E 179 -5.49 -28.04 -50.63
C LEU E 179 -4.21 -27.77 -51.40
N VAL E 180 -4.06 -26.54 -51.88
CA VAL E 180 -2.87 -26.16 -52.62
C VAL E 180 -2.26 -24.92 -52.00
N TYR E 181 -0.94 -24.90 -51.96
CA TYR E 181 -0.18 -23.80 -51.41
C TYR E 181 0.66 -23.19 -52.52
N HIS E 182 0.31 -21.97 -52.92
CA HIS E 182 0.99 -21.30 -54.02
C HIS E 182 1.04 -19.80 -53.79
N SER E 183 2.19 -19.21 -54.09
CA SER E 183 2.41 -17.78 -53.90
C SER E 183 2.15 -17.40 -52.44
N GLY E 184 2.49 -18.31 -51.53
CA GLY E 184 2.28 -18.09 -50.11
C GLY E 184 0.82 -18.07 -49.73
N GLN E 185 -0.05 -18.53 -50.63
CA GLN E 185 -1.48 -18.53 -50.37
C GLN E 185 -2.01 -19.95 -50.36
N PHE E 186 -3.04 -20.18 -49.55
CA PHE E 186 -3.76 -21.43 -49.62
C PHE E 186 -4.84 -21.29 -50.68
N ARG E 187 -5.03 -22.36 -51.44
CA ARG E 187 -5.97 -22.35 -52.55
C ARG E 187 -6.76 -23.64 -52.55
N GLY E 188 -7.94 -23.59 -53.14
CA GLY E 188 -8.73 -24.79 -53.35
C GLY E 188 -8.60 -25.17 -54.80
N LEU E 189 -8.23 -26.42 -55.06
CA LEU E 189 -8.13 -26.91 -56.42
C LEU E 189 -9.28 -27.86 -56.65
N PRO E 190 -10.26 -27.47 -57.49
CA PRO E 190 -11.40 -28.38 -57.63
C PRO E 190 -11.06 -29.72 -58.29
N ASP E 191 -11.68 -30.77 -57.80
CA ASP E 191 -11.52 -32.11 -58.34
C ASP E 191 -12.73 -32.93 -57.93
N ARG E 192 -13.14 -33.83 -58.82
CA ARG E 192 -14.28 -34.70 -58.57
C ARG E 192 -14.10 -35.99 -59.35
N ALA E 193 -14.60 -37.09 -58.79
CA ALA E 193 -14.59 -38.37 -59.51
C ALA E 193 -15.25 -38.22 -60.88
N ASP F 33 1.75 -52.82 -57.51
CA ASP F 33 1.11 -52.33 -58.73
C ASP F 33 1.47 -50.88 -59.02
N SER F 34 2.06 -50.67 -60.20
CA SER F 34 2.50 -49.34 -60.62
C SER F 34 1.35 -48.40 -60.95
N ARG F 35 0.32 -48.90 -61.62
CA ARG F 35 -0.79 -48.07 -62.06
C ARG F 35 -1.56 -47.57 -60.83
N SER F 36 -1.68 -48.45 -59.84
CA SER F 36 -2.39 -48.14 -58.63
C SER F 36 -1.67 -47.09 -57.79
N LEU F 37 -0.38 -47.32 -57.55
CA LEU F 37 0.42 -46.47 -56.68
C LEU F 37 0.58 -45.07 -57.26
N ARG F 38 0.78 -45.00 -58.58
CA ARG F 38 0.88 -43.72 -59.27
C ARG F 38 -0.41 -42.93 -59.09
N GLY F 39 -1.52 -43.65 -59.02
CA GLY F 39 -2.81 -43.05 -58.80
C GLY F 39 -2.92 -42.40 -57.44
N ILE F 40 -2.35 -43.05 -56.43
CA ILE F 40 -2.37 -42.51 -55.07
C ILE F 40 -1.48 -41.29 -54.96
N PHE F 41 -0.24 -41.41 -55.44
CA PHE F 41 0.68 -40.28 -55.54
C PHE F 41 0.03 -39.06 -56.19
N SER F 42 -0.87 -39.29 -57.13
CA SER F 42 -1.41 -38.21 -57.94
C SER F 42 -2.36 -37.32 -57.13
N SER F 43 -2.76 -37.78 -55.94
CA SER F 43 -3.63 -36.96 -55.09
C SER F 43 -2.89 -35.73 -54.57
N PHE F 44 -1.56 -35.81 -54.54
CA PHE F 44 -0.75 -34.66 -54.15
C PHE F 44 -0.43 -33.79 -55.37
N ALA F 45 -1.04 -32.61 -55.38
CA ALA F 45 -0.90 -31.65 -56.48
C ALA F 45 0.52 -31.12 -56.56
N THR F 46 0.93 -30.72 -57.75
CA THR F 46 2.26 -30.17 -57.98
C THR F 46 2.25 -29.07 -59.03
N GLY F 47 3.28 -28.24 -59.00
CA GLY F 47 3.61 -27.40 -60.12
C GLY F 47 4.32 -28.28 -61.15
N VAL F 48 4.86 -27.67 -62.19
CA VAL F 48 5.58 -28.42 -63.23
C VAL F 48 6.80 -27.64 -63.68
N THR F 49 7.94 -28.31 -63.76
CA THR F 49 9.15 -27.66 -64.26
C THR F 49 9.71 -28.37 -65.48
N VAL F 50 10.63 -27.68 -66.16
CA VAL F 50 11.49 -28.28 -67.14
C VAL F 50 12.94 -28.16 -66.66
N VAL F 51 13.57 -29.31 -66.45
CA VAL F 51 14.96 -29.38 -66.03
C VAL F 51 15.83 -29.45 -67.27
N THR F 52 16.86 -28.62 -67.33
CA THR F 52 17.69 -28.52 -68.52
C THR F 52 19.17 -28.52 -68.17
N VAL F 53 20.00 -28.96 -69.11
CA VAL F 53 21.45 -28.80 -69.01
C VAL F 53 21.98 -28.10 -70.25
N GLY F 54 23.14 -27.46 -70.10
CA GLY F 54 23.83 -26.88 -71.25
C GLY F 54 24.98 -27.76 -71.69
N GLY F 55 26.09 -27.13 -72.08
CA GLY F 55 27.28 -27.85 -72.52
C GLY F 55 27.22 -28.21 -74.01
N ASP F 56 27.94 -29.25 -74.40
CA ASP F 56 27.99 -29.69 -75.79
C ASP F 56 26.70 -30.40 -76.21
N SER F 57 26.10 -31.11 -75.25
CA SER F 57 24.89 -31.88 -75.52
C SER F 57 23.73 -31.37 -74.68
N PRO F 58 23.24 -30.15 -74.99
CA PRO F 58 22.07 -29.63 -74.29
C PRO F 58 20.90 -30.59 -74.32
N HIS F 59 20.15 -30.62 -73.23
CA HIS F 59 19.04 -31.54 -73.08
C HIS F 59 18.03 -30.94 -72.12
N ALA F 60 16.79 -31.43 -72.19
CA ALA F 60 15.72 -30.96 -71.33
C ALA F 60 14.75 -32.09 -71.03
N MET F 61 14.08 -32.00 -69.90
CA MET F 61 13.09 -32.99 -69.49
C MET F 61 12.08 -32.37 -68.56
N THR F 62 10.88 -32.95 -68.53
CA THR F 62 9.81 -32.45 -67.69
C THR F 62 9.87 -33.11 -66.31
N ALA F 63 9.82 -32.28 -65.26
CA ALA F 63 9.90 -32.75 -63.88
C ALA F 63 8.95 -31.98 -62.96
N ASN F 64 8.22 -32.70 -62.12
CA ASN F 64 7.36 -32.10 -61.11
C ASN F 64 7.77 -32.48 -59.68
N SER F 65 8.86 -33.22 -59.57
CA SER F 65 9.38 -33.64 -58.28
C SER F 65 10.25 -32.53 -57.68
N PHE F 66 10.21 -31.37 -58.33
CA PHE F 66 10.97 -30.22 -57.90
C PHE F 66 10.54 -29.76 -56.51
N THR F 67 11.51 -29.50 -55.64
CA THR F 67 11.24 -29.18 -54.25
C THR F 67 12.28 -28.24 -53.68
N SER F 68 11.82 -27.15 -53.08
CA SER F 68 12.71 -26.25 -52.35
C SER F 68 13.16 -26.92 -51.06
N VAL F 69 14.47 -26.90 -50.79
CA VAL F 69 15.06 -27.72 -49.74
C VAL F 69 15.65 -26.92 -48.58
N SER F 70 16.43 -25.89 -48.88
CA SER F 70 17.19 -25.18 -47.85
C SER F 70 17.43 -23.74 -48.25
N LEU F 71 17.55 -22.87 -47.25
CA LEU F 71 17.76 -21.44 -47.46
C LEU F 71 19.22 -21.05 -47.18
N ASP F 72 19.85 -21.74 -46.23
CA ASP F 72 21.27 -21.53 -45.94
C ASP F 72 21.97 -22.88 -45.74
N PRO F 73 22.69 -23.36 -46.77
CA PRO F 73 22.83 -22.77 -48.10
C PRO F 73 21.55 -22.90 -48.92
N PRO F 74 21.36 -22.02 -49.91
CA PRO F 74 20.18 -22.09 -50.77
C PRO F 74 20.21 -23.35 -51.65
N LEU F 75 19.33 -24.30 -51.35
CA LEU F 75 19.33 -25.59 -52.07
C LEU F 75 17.95 -25.92 -52.62
N ILE F 76 17.94 -26.64 -53.74
CA ILE F 76 16.73 -27.26 -54.26
C ILE F 76 17.06 -28.71 -54.62
N LEU F 77 16.04 -29.52 -54.92
CA LEU F 77 16.28 -30.87 -55.42
C LEU F 77 15.30 -31.26 -56.53
N VAL F 78 15.71 -32.21 -57.36
CA VAL F 78 14.81 -32.85 -58.30
C VAL F 78 15.13 -34.35 -58.31
N CYS F 79 14.13 -35.18 -58.55
CA CYS F 79 14.33 -36.62 -58.60
C CYS F 79 14.25 -37.10 -60.04
N VAL F 80 15.31 -37.78 -60.51
CA VAL F 80 15.41 -38.21 -61.90
C VAL F 80 15.57 -39.73 -62.02
N GLU F 81 14.72 -40.32 -62.85
CA GLU F 81 14.76 -41.75 -63.18
C GLU F 81 16.17 -42.24 -63.54
N CYS F 82 16.56 -43.39 -63.02
CA CYS F 82 17.89 -43.94 -63.30
C CYS F 82 18.08 -44.22 -64.79
N ASP F 83 17.05 -44.76 -65.42
CA ASP F 83 17.12 -45.12 -66.83
C ASP F 83 16.88 -43.93 -67.75
N ALA F 84 16.63 -42.76 -67.19
CA ALA F 84 16.38 -41.57 -67.99
C ALA F 84 17.68 -40.90 -68.41
N ALA F 85 17.65 -40.31 -69.60
CA ALA F 85 18.84 -39.69 -70.18
C ALA F 85 19.37 -38.52 -69.34
N MET F 86 18.47 -37.77 -68.73
CA MET F 86 18.87 -36.60 -67.94
C MET F 86 19.68 -37.01 -66.71
N HIS F 87 19.44 -38.22 -66.20
CA HIS F 87 20.22 -38.73 -65.05
C HIS F 87 21.71 -38.66 -65.32
N GLY F 88 22.10 -39.16 -66.50
CA GLY F 88 23.48 -39.13 -66.92
C GLY F 88 23.94 -37.72 -67.26
N SER F 89 23.07 -36.97 -67.91
CA SER F 89 23.39 -35.60 -68.32
C SER F 89 23.78 -34.72 -67.15
N LEU F 90 23.05 -34.85 -66.05
CA LEU F 90 23.28 -34.01 -64.88
C LEU F 90 24.65 -34.31 -64.25
N LEU F 91 24.92 -35.59 -64.06
CA LEU F 91 26.19 -36.05 -63.54
C LEU F 91 27.34 -35.63 -64.44
N GLU F 92 27.12 -35.73 -65.75
CA GLU F 92 28.14 -35.38 -66.73
C GLU F 92 28.42 -33.86 -66.72
N VAL F 93 27.35 -33.07 -66.73
CA VAL F 93 27.47 -31.61 -66.90
C VAL F 93 27.71 -30.84 -65.60
N GLY F 94 27.25 -31.38 -64.46
CA GLY F 94 27.49 -30.79 -63.16
C GLY F 94 26.78 -29.48 -62.86
N SER F 95 25.98 -28.97 -63.79
CA SER F 95 25.11 -27.84 -63.51
C SER F 95 23.85 -27.98 -64.36
N PHE F 96 22.78 -27.28 -63.99
CA PHE F 96 21.52 -27.42 -64.70
C PHE F 96 20.57 -26.25 -64.44
N GLY F 97 19.55 -26.14 -65.28
CA GLY F 97 18.53 -25.10 -65.14
C GLY F 97 17.19 -25.69 -64.76
N VAL F 98 16.33 -24.87 -64.14
CA VAL F 98 14.96 -25.27 -63.84
C VAL F 98 14.05 -24.10 -64.15
N SER F 99 13.00 -24.35 -64.91
CA SER F 99 12.01 -23.33 -65.23
C SER F 99 10.65 -23.78 -64.71
N VAL F 100 10.01 -22.96 -63.90
CA VAL F 100 8.70 -23.29 -63.35
C VAL F 100 7.67 -22.83 -64.36
N LEU F 101 6.82 -23.74 -64.79
CA LEU F 101 6.01 -23.49 -65.98
C LEU F 101 4.69 -22.79 -65.66
N ALA F 102 4.36 -21.80 -66.49
CA ALA F 102 3.06 -21.15 -66.44
C ALA F 102 2.01 -22.06 -67.06
N ALA F 103 0.74 -21.76 -66.83
CA ALA F 103 -0.36 -22.62 -67.24
C ALA F 103 -0.52 -22.71 -68.77
N ASP F 104 -0.13 -21.67 -69.49
CA ASP F 104 -0.22 -21.69 -70.95
C ASP F 104 1.02 -22.35 -71.57
N GLN F 105 1.73 -23.13 -70.78
CA GLN F 105 2.91 -23.85 -71.24
C GLN F 105 2.71 -25.34 -71.06
N GLN F 106 1.44 -25.75 -71.05
CA GLN F 106 1.08 -27.15 -71.01
C GLN F 106 1.78 -27.95 -72.11
N HIS F 107 1.88 -27.35 -73.29
CA HIS F 107 2.45 -28.04 -74.44
C HIS F 107 3.95 -28.29 -74.23
N VAL F 108 4.61 -27.38 -73.52
CA VAL F 108 6.00 -27.58 -73.14
C VAL F 108 6.17 -28.77 -72.19
N ALA F 109 5.27 -28.89 -71.23
CA ALA F 109 5.32 -29.98 -70.26
C ALA F 109 5.19 -31.33 -70.97
N LEU F 110 4.24 -31.40 -71.89
CA LEU F 110 3.98 -32.62 -72.63
C LEU F 110 5.17 -33.02 -73.52
N LEU F 111 5.67 -32.04 -74.27
CA LEU F 111 6.79 -32.29 -75.19
C LEU F 111 8.00 -32.94 -74.52
N TYR F 112 8.46 -32.36 -73.42
CA TYR F 112 9.68 -32.83 -72.76
C TYR F 112 9.37 -33.93 -71.75
N ALA F 113 8.11 -34.37 -71.76
CA ALA F 113 7.70 -35.59 -71.08
C ALA F 113 7.61 -36.75 -72.07
N ASN F 114 7.72 -36.44 -73.36
CA ASN F 114 7.57 -37.43 -74.42
C ASN F 114 8.89 -38.11 -74.79
N ARG F 115 9.04 -39.37 -74.40
CA ARG F 115 10.27 -40.11 -74.68
C ARG F 115 10.56 -40.23 -76.18
N TRP F 116 9.55 -40.02 -77.00
CA TRP F 116 9.68 -40.19 -78.43
C TRP F 116 10.10 -38.90 -79.11
N ARG F 117 10.35 -37.86 -78.32
CA ARG F 117 10.58 -36.53 -78.87
C ARG F 117 11.95 -36.43 -79.55
N PRO F 118 12.08 -35.48 -80.51
CA PRO F 118 13.37 -35.11 -81.09
C PRO F 118 14.36 -34.59 -80.05
N ARG F 119 15.61 -35.06 -80.13
CA ARG F 119 16.64 -34.74 -79.13
C ARG F 119 17.74 -33.83 -79.65
N ASP F 120 17.40 -33.13 -80.72
CA ASP F 120 18.25 -32.14 -81.37
C ASP F 120 18.60 -30.97 -80.46
N PRO F 121 19.90 -30.76 -80.18
CA PRO F 121 20.26 -29.60 -79.36
C PRO F 121 19.90 -28.26 -80.01
N THR F 122 19.71 -28.24 -81.33
CA THR F 122 19.38 -27.01 -82.05
C THR F 122 18.05 -26.42 -81.58
N GLN F 123 17.16 -27.26 -81.05
CA GLN F 123 15.83 -26.81 -80.63
C GLN F 123 15.92 -25.80 -79.51
N PHE F 124 16.99 -25.89 -78.73
CA PHE F 124 17.18 -24.99 -77.60
C PHE F 124 17.82 -23.67 -78.04
N ASP F 125 18.04 -23.53 -79.34
CA ASP F 125 18.51 -22.28 -79.92
C ASP F 125 17.35 -21.45 -80.46
N ARG F 126 16.15 -22.01 -80.43
CA ARG F 126 14.94 -21.31 -80.88
C ARG F 126 14.62 -20.16 -79.92
N PRO F 127 13.71 -19.26 -80.33
CA PRO F 127 13.53 -18.04 -79.55
C PRO F 127 12.78 -18.27 -78.24
N GLY F 128 12.13 -19.41 -78.11
CA GLY F 128 11.43 -19.77 -76.89
C GLY F 128 12.35 -20.11 -75.73
N TRP F 129 13.66 -20.08 -75.99
CA TRP F 129 14.66 -20.41 -74.98
C TRP F 129 15.63 -19.27 -74.73
N ALA F 130 15.97 -19.07 -73.47
CA ALA F 130 17.08 -18.22 -73.08
C ALA F 130 18.19 -19.13 -72.57
N ARG F 131 19.40 -18.59 -72.47
CA ARG F 131 20.54 -19.34 -71.96
C ARG F 131 20.99 -18.77 -70.62
N GLY F 132 21.11 -19.65 -69.63
CA GLY F 132 21.45 -19.22 -68.29
C GLY F 132 22.84 -18.61 -68.25
N ALA F 133 22.95 -17.47 -67.58
CA ALA F 133 24.19 -16.71 -67.57
C ALA F 133 25.32 -17.50 -66.94
N ARG F 134 24.99 -18.29 -65.93
CA ARG F 134 26.01 -19.00 -65.15
C ARG F 134 26.30 -20.41 -65.64
N THR F 135 25.31 -21.06 -66.22
CA THR F 135 25.41 -22.48 -66.59
C THR F 135 25.22 -22.71 -68.09
N GLY F 136 24.71 -21.69 -68.78
CA GLY F 136 24.36 -21.82 -70.19
C GLY F 136 23.21 -22.78 -70.43
N ALA F 137 22.55 -23.20 -69.36
CA ALA F 137 21.44 -24.14 -69.47
C ALA F 137 20.22 -23.44 -70.06
N PRO F 138 19.47 -24.14 -70.93
CA PRO F 138 18.26 -23.51 -71.47
C PRO F 138 17.23 -23.18 -70.39
N LEU F 139 16.66 -21.99 -70.47
CA LEU F 139 15.59 -21.55 -69.58
C LEU F 139 14.42 -21.06 -70.42
N ALA F 140 13.21 -21.53 -70.09
CA ALA F 140 12.04 -21.25 -70.88
C ALA F 140 11.51 -19.83 -70.70
N ARG F 141 11.39 -19.11 -71.80
CA ARG F 141 10.76 -17.80 -71.78
C ARG F 141 9.29 -17.96 -71.42
N GLY F 142 8.76 -17.01 -70.66
CA GLY F 142 7.36 -17.07 -70.25
C GLY F 142 7.12 -17.87 -68.98
N ALA F 143 8.18 -18.44 -68.43
CA ALA F 143 8.06 -19.21 -67.19
C ALA F 143 7.73 -18.31 -66.00
N LEU F 144 7.13 -18.89 -64.97
CA LEU F 144 6.86 -18.18 -63.73
C LEU F 144 8.16 -17.87 -62.98
N ALA F 145 9.17 -18.73 -63.15
CA ALA F 145 10.44 -18.52 -62.47
C ALA F 145 11.56 -19.34 -63.12
N TRP F 146 12.80 -18.88 -62.97
CA TRP F 146 14.00 -19.58 -63.44
C TRP F 146 14.94 -19.89 -62.28
N PHE F 147 15.60 -21.04 -62.35
CA PHE F 147 16.69 -21.35 -61.42
C PHE F 147 17.89 -21.88 -62.19
N GLU F 148 19.10 -21.48 -61.76
CA GLU F 148 20.33 -22.14 -62.17
C GLU F 148 20.98 -22.74 -60.94
N CYS F 149 21.52 -23.95 -61.10
CA CYS F 149 22.06 -24.69 -59.97
C CYS F 149 23.35 -25.39 -60.35
N ALA F 150 24.20 -25.57 -59.35
CA ALA F 150 25.37 -26.43 -59.48
C ALA F 150 25.06 -27.71 -58.72
N LEU F 151 25.41 -28.84 -59.29
CA LEU F 151 25.10 -30.11 -58.64
C LEU F 151 25.88 -30.16 -57.34
N TRP F 152 25.16 -30.30 -56.23
CA TRP F 152 25.75 -30.32 -54.91
C TRP F 152 26.05 -31.78 -54.63
N ARG F 153 24.99 -32.58 -54.62
CA ARG F 153 25.12 -34.02 -54.47
C ARG F 153 23.98 -34.78 -55.14
N ALA F 154 24.26 -36.03 -55.47
CA ALA F 154 23.28 -36.95 -56.03
C ALA F 154 23.16 -38.17 -55.12
N TYR F 155 21.95 -38.40 -54.62
CA TYR F 155 21.70 -39.46 -53.64
C TYR F 155 20.90 -40.60 -54.26
N ASP F 156 21.26 -41.84 -53.92
CA ASP F 156 20.48 -42.99 -54.39
C ASP F 156 19.08 -42.93 -53.81
N ALA F 157 18.11 -43.36 -54.60
CA ALA F 157 16.72 -43.32 -54.19
C ALA F 157 15.91 -44.31 -55.01
N GLY F 158 16.28 -45.58 -54.90
CA GLY F 158 15.62 -46.63 -55.62
C GLY F 158 15.83 -46.49 -57.13
N ASP F 159 14.73 -46.49 -57.87
CA ASP F 159 14.79 -46.42 -59.33
C ASP F 159 14.99 -44.98 -59.82
N HIS F 160 15.10 -44.05 -58.88
CA HIS F 160 15.46 -42.65 -59.17
C HIS F 160 16.71 -42.30 -58.38
N SER F 161 17.31 -41.17 -58.72
CA SER F 161 18.30 -40.54 -57.84
C SER F 161 17.81 -39.14 -57.46
N ILE F 162 18.15 -38.71 -56.25
CA ILE F 162 17.81 -37.39 -55.78
C ILE F 162 18.95 -36.42 -56.06
N PHE F 163 18.70 -35.46 -56.93
CA PHE F 163 19.73 -34.49 -57.31
C PHE F 163 19.54 -33.21 -56.53
N VAL F 164 20.49 -32.93 -55.63
CA VAL F 164 20.47 -31.72 -54.84
C VAL F 164 21.37 -30.67 -55.47
N GLY F 165 20.77 -29.51 -55.79
CA GLY F 165 21.50 -28.42 -56.39
C GLY F 165 21.59 -27.22 -55.48
N ARG F 166 22.78 -26.65 -55.37
CA ARG F 166 22.95 -25.36 -54.70
C ARG F 166 22.74 -24.27 -55.75
N LEU F 167 21.85 -23.33 -55.46
CA LEU F 167 21.48 -22.29 -56.41
C LEU F 167 22.62 -21.33 -56.72
N LEU F 168 22.78 -21.00 -58.00
CA LEU F 168 23.73 -19.95 -58.42
C LEU F 168 22.96 -18.69 -58.77
N THR F 169 21.77 -18.87 -59.35
CA THR F 169 20.86 -17.77 -59.65
C THR F 169 19.42 -18.24 -59.49
N ALA F 170 18.55 -17.27 -59.28
CA ALA F 170 17.12 -17.52 -59.15
C ALA F 170 16.41 -16.22 -59.45
N GLU F 171 15.25 -16.31 -60.08
CA GLU F 171 14.57 -15.13 -60.59
C GLU F 171 13.09 -15.41 -60.78
N ARG F 172 12.25 -14.56 -60.20
CA ARG F 172 10.82 -14.71 -60.36
C ARG F 172 10.33 -13.67 -61.37
N HIS F 173 9.47 -14.12 -62.27
CA HIS F 173 8.92 -13.26 -63.32
C HIS F 173 7.47 -12.92 -62.95
N ASP F 174 6.76 -12.25 -63.85
CA ASP F 174 5.36 -11.88 -63.60
C ASP F 174 4.52 -13.07 -63.15
N ARG F 175 3.72 -12.85 -62.11
CA ARG F 175 2.77 -13.84 -61.67
C ARG F 175 1.60 -13.90 -62.63
N ARG F 176 1.30 -15.10 -63.07
CA ARG F 176 0.13 -15.38 -63.88
C ARG F 176 -0.24 -16.82 -63.60
N ASP F 177 -1.29 -17.30 -64.23
CA ASP F 177 -1.79 -18.65 -63.96
C ASP F 177 -0.68 -19.69 -64.07
N ALA F 178 -0.64 -20.61 -63.12
CA ALA F 178 0.44 -21.60 -63.03
C ALA F 178 -0.02 -22.96 -63.54
N LEU F 179 0.90 -23.73 -64.09
CA LEU F 179 0.60 -25.08 -64.55
C LEU F 179 0.64 -26.04 -63.38
N VAL F 180 -0.45 -26.79 -63.20
CA VAL F 180 -0.53 -27.75 -62.11
C VAL F 180 -0.91 -29.14 -62.60
N TYR F 181 -0.28 -30.13 -61.99
CA TYR F 181 -0.52 -31.54 -62.31
C TYR F 181 -1.06 -32.27 -61.09
N HIS F 182 -2.32 -32.67 -61.19
CA HIS F 182 -3.02 -33.33 -60.10
C HIS F 182 -4.03 -34.34 -60.63
N SER F 183 -4.12 -35.49 -59.96
CA SER F 183 -5.01 -36.57 -60.36
C SER F 183 -4.75 -37.01 -61.80
N GLY F 184 -3.47 -36.96 -62.20
CA GLY F 184 -3.08 -37.36 -63.55
C GLY F 184 -3.57 -36.42 -64.64
N GLN F 185 -4.03 -35.24 -64.25
CA GLN F 185 -4.53 -34.22 -65.17
C GLN F 185 -3.67 -32.97 -65.11
N PHE F 186 -3.55 -32.27 -66.23
CA PHE F 186 -2.97 -30.93 -66.20
C PHE F 186 -4.03 -29.90 -65.87
N ARG F 187 -3.64 -28.93 -65.06
CA ARG F 187 -4.55 -27.90 -64.58
C ARG F 187 -3.93 -26.52 -64.57
N GLY F 188 -4.79 -25.52 -64.66
CA GLY F 188 -4.40 -24.13 -64.54
C GLY F 188 -4.79 -23.65 -63.16
N LEU F 189 -3.84 -23.06 -62.45
CA LEU F 189 -4.11 -22.48 -61.14
C LEU F 189 -4.07 -20.96 -61.29
N PRO F 190 -5.22 -20.30 -61.14
CA PRO F 190 -5.21 -18.84 -61.36
C PRO F 190 -4.35 -18.08 -60.36
N ASP F 191 -3.64 -17.08 -60.85
CA ASP F 191 -2.79 -16.24 -60.01
C ASP F 191 -2.51 -14.92 -60.73
N ARG F 192 -2.31 -13.85 -59.97
CA ARG F 192 -2.03 -12.55 -60.55
C ARG F 192 -1.15 -11.70 -59.64
N ASP G 33 -22.48 27.02 41.83
CA ASP G 33 -21.44 27.14 40.83
C ASP G 33 -20.05 27.06 41.43
N SER G 34 -19.26 26.12 40.91
CA SER G 34 -17.92 25.83 41.41
C SER G 34 -16.93 26.96 41.15
N ARG G 35 -16.95 27.54 39.95
CA ARG G 35 -15.99 28.57 39.58
C ARG G 35 -16.23 29.85 40.36
N SER G 36 -17.50 30.17 40.59
CA SER G 36 -17.86 31.39 41.30
C SER G 36 -17.46 31.28 42.78
N LEU G 37 -17.85 30.18 43.40
CA LEU G 37 -17.59 29.95 44.82
C LEU G 37 -16.09 29.80 45.10
N ARG G 38 -15.39 29.11 44.21
CA ARG G 38 -13.94 28.96 44.33
C ARG G 38 -13.30 30.34 44.31
N GLY G 39 -13.90 31.25 43.54
CA GLY G 39 -13.45 32.62 43.45
C GLY G 39 -13.60 33.42 44.73
N ILE G 40 -14.71 33.22 45.43
CA ILE G 40 -14.93 33.93 46.69
C ILE G 40 -13.97 33.40 47.75
N PHE G 41 -13.87 32.08 47.86
CA PHE G 41 -12.90 31.44 48.72
C PHE G 41 -11.49 32.01 48.53
N SER G 42 -11.18 32.40 47.30
CA SER G 42 -9.82 32.84 46.97
C SER G 42 -9.51 34.22 47.54
N SER G 43 -10.54 34.92 48.02
CA SER G 43 -10.32 36.23 48.63
C SER G 43 -9.52 36.10 49.91
N PHE G 44 -9.56 34.91 50.51
CA PHE G 44 -8.75 34.60 51.68
C PHE G 44 -7.38 34.06 51.29
N ALA G 45 -6.35 34.85 51.54
CA ALA G 45 -4.98 34.49 51.18
C ALA G 45 -4.46 33.34 52.04
N THR G 46 -3.51 32.59 51.48
CA THR G 46 -2.87 31.47 52.18
C THR G 46 -1.41 31.37 51.79
N GLY G 47 -0.63 30.70 52.63
CA GLY G 47 0.66 30.19 52.21
C GLY G 47 0.38 28.94 51.38
N VAL G 48 1.41 28.18 51.04
CA VAL G 48 1.22 26.95 50.29
C VAL G 48 2.15 25.88 50.82
N THR G 49 1.62 24.68 51.04
CA THR G 49 2.44 23.58 51.49
C THR G 49 2.43 22.42 50.51
N VAL G 50 3.39 21.52 50.69
CA VAL G 50 3.35 20.22 50.03
C VAL G 50 3.21 19.15 51.11
N VAL G 51 2.11 18.42 51.06
CA VAL G 51 1.89 17.30 51.97
C VAL G 51 2.41 16.03 51.33
N THR G 52 3.20 15.27 52.08
CA THR G 52 3.86 14.08 51.56
C THR G 52 3.73 12.90 52.54
N VAL G 53 3.82 11.68 52.01
CA VAL G 53 3.94 10.48 52.84
C VAL G 53 5.17 9.67 52.44
N GLY G 54 5.65 8.85 53.36
CA GLY G 54 6.74 7.93 53.06
C GLY G 54 6.22 6.53 52.83
N GLY G 55 6.95 5.53 53.32
CA GLY G 55 6.53 4.15 53.18
C GLY G 55 6.94 3.52 51.86
N ASP G 56 6.17 2.52 51.44
CA ASP G 56 6.45 1.76 50.23
C ASP G 56 6.15 2.57 48.98
N SER G 57 5.10 3.37 49.08
CA SER G 57 4.59 4.17 47.97
C SER G 57 4.63 5.66 48.27
N PRO G 58 5.83 6.25 48.31
CA PRO G 58 5.94 7.70 48.54
C PRO G 58 5.04 8.50 47.61
N HIS G 59 4.47 9.58 48.12
CA HIS G 59 3.54 10.38 47.35
C HIS G 59 3.53 11.81 47.88
N ALA G 60 3.07 12.74 47.05
CA ALA G 60 3.00 14.14 47.45
C ALA G 60 1.84 14.85 46.76
N MET G 61 1.33 15.89 47.40
CA MET G 61 0.30 16.72 46.80
C MET G 61 0.41 18.11 47.42
N THR G 62 0.01 19.11 46.65
CA THR G 62 0.09 20.50 47.08
C THR G 62 -1.19 20.88 47.81
N ALA G 63 -1.02 21.52 48.97
CA ALA G 63 -2.16 21.90 49.81
C ALA G 63 -2.00 23.31 50.38
N ASN G 64 -3.09 24.06 50.35
CA ASN G 64 -3.14 25.37 51.00
C ASN G 64 -4.20 25.35 52.11
N SER G 65 -4.78 24.18 52.33
CA SER G 65 -5.79 24.01 53.37
C SER G 65 -5.15 23.75 54.74
N PHE G 66 -3.84 23.90 54.81
CA PHE G 66 -3.07 23.69 56.03
C PHE G 66 -3.45 24.73 57.08
N THR G 67 -3.69 24.27 58.30
CA THR G 67 -4.13 25.15 59.38
C THR G 67 -3.63 24.61 60.71
N SER G 68 -2.96 25.46 61.47
CA SER G 68 -2.55 25.12 62.83
C SER G 68 -3.78 25.11 63.74
N VAL G 69 -3.93 24.04 64.50
CA VAL G 69 -5.17 23.74 65.21
C VAL G 69 -5.06 23.80 66.73
N SER G 70 -4.01 23.20 67.29
CA SER G 70 -3.91 23.03 68.74
C SER G 70 -2.47 22.98 69.21
N LEU G 71 -2.23 23.41 70.45
CA LEU G 71 -0.90 23.41 71.04
C LEU G 71 -0.69 22.30 72.06
N ASP G 72 -1.74 21.92 72.77
CA ASP G 72 -1.68 20.84 73.73
C ASP G 72 -2.91 19.93 73.58
N PRO G 73 -2.76 18.79 72.86
CA PRO G 73 -1.57 18.33 72.14
C PRO G 73 -1.30 19.16 70.88
N PRO G 74 -0.04 19.22 70.43
CA PRO G 74 0.32 19.98 69.23
C PRO G 74 -0.25 19.36 67.95
N LEU G 75 -1.25 20.02 67.36
CA LEU G 75 -1.97 19.49 66.21
C LEU G 75 -2.03 20.45 65.03
N ILE G 76 -2.11 19.87 63.83
CA ILE G 76 -2.39 20.61 62.60
C ILE G 76 -3.48 19.87 61.83
N LEU G 77 -4.03 20.51 60.80
CA LEU G 77 -4.94 19.82 59.89
C LEU G 77 -4.72 20.21 58.44
N VAL G 78 -5.15 19.33 57.54
CA VAL G 78 -5.24 19.62 56.12
C VAL G 78 -6.54 19.01 55.61
N CYS G 79 -7.13 19.60 54.57
CA CYS G 79 -8.33 19.04 53.96
C CYS G 79 -7.98 18.42 52.62
N VAL G 80 -8.30 17.14 52.47
CA VAL G 80 -7.95 16.39 51.26
C VAL G 80 -9.20 15.83 50.59
N GLU G 81 -9.31 16.13 49.29
CA GLU G 81 -10.38 15.65 48.44
C GLU G 81 -10.60 14.15 48.56
N CYS G 82 -11.86 13.74 48.60
CA CYS G 82 -12.19 12.33 48.73
C CYS G 82 -11.65 11.56 47.53
N ASP G 83 -11.76 12.16 46.35
CA ASP G 83 -11.32 11.51 45.11
C ASP G 83 -9.83 11.64 44.81
N ALA G 84 -9.08 12.33 45.66
CA ALA G 84 -7.63 12.48 45.46
C ALA G 84 -6.90 11.26 46.03
N ALA G 85 -5.79 10.88 45.40
CA ALA G 85 -5.03 9.71 45.82
C ALA G 85 -4.46 9.81 47.23
N MET G 86 -4.03 11.01 47.62
CA MET G 86 -3.40 11.23 48.90
C MET G 86 -4.37 10.94 50.04
N HIS G 87 -5.67 11.09 49.76
CA HIS G 87 -6.72 10.75 50.71
C HIS G 87 -6.52 9.33 51.21
N GLY G 88 -6.31 8.41 50.27
CA GLY G 88 -6.02 7.02 50.59
C GLY G 88 -4.64 6.79 51.16
N SER G 89 -3.64 7.46 50.59
CA SER G 89 -2.25 7.30 51.04
C SER G 89 -2.12 7.64 52.51
N LEU G 90 -2.83 8.68 52.95
CA LEU G 90 -2.75 9.11 54.34
C LEU G 90 -3.33 8.07 55.28
N LEU G 91 -4.53 7.58 54.95
CA LEU G 91 -5.15 6.54 55.76
C LEU G 91 -4.26 5.31 55.82
N GLU G 92 -3.66 4.97 54.69
CA GLU G 92 -2.79 3.79 54.60
C GLU G 92 -1.49 3.94 55.39
N VAL G 93 -0.77 5.05 55.21
CA VAL G 93 0.57 5.19 55.79
C VAL G 93 0.55 5.70 57.23
N GLY G 94 -0.47 6.49 57.57
CA GLY G 94 -0.65 6.98 58.92
C GLY G 94 0.33 8.01 59.47
N SER G 95 1.31 8.42 58.67
CA SER G 95 2.14 9.56 59.05
C SER G 95 2.50 10.33 57.80
N PHE G 96 2.90 11.60 57.97
CA PHE G 96 3.17 12.46 56.82
C PHE G 96 4.04 13.66 57.13
N GLY G 97 4.52 14.24 56.05
CA GLY G 97 5.35 15.43 56.11
C GLY G 97 4.56 16.61 55.55
N VAL G 98 4.94 17.80 55.99
CA VAL G 98 4.39 19.04 55.46
C VAL G 98 5.53 20.01 55.31
N SER G 99 5.63 20.60 54.13
CA SER G 99 6.65 21.59 53.85
C SER G 99 6.00 22.90 53.45
N VAL G 100 6.28 23.96 54.19
CA VAL G 100 5.74 25.27 53.87
C VAL G 100 6.69 25.94 52.89
N LEU G 101 6.16 26.35 51.75
CA LEU G 101 7.00 26.71 50.61
C LEU G 101 7.42 28.18 50.58
N ALA G 102 8.69 28.38 50.23
CA ALA G 102 9.23 29.71 49.98
C ALA G 102 8.73 30.22 48.63
N ALA G 103 8.90 31.51 48.41
CA ALA G 103 8.39 32.16 47.21
C ALA G 103 9.06 31.65 45.94
N ASP G 104 10.33 31.25 46.05
CA ASP G 104 11.06 30.74 44.89
C ASP G 104 10.84 29.24 44.68
N GLN G 105 9.76 28.71 45.26
CA GLN G 105 9.42 27.30 45.13
C GLN G 105 8.03 27.15 44.52
N GLN G 106 7.60 28.17 43.80
CA GLN G 106 6.34 28.10 43.05
C GLN G 106 6.26 26.87 42.14
N HIS G 107 7.39 26.50 41.53
CA HIS G 107 7.39 25.39 40.60
C HIS G 107 7.11 24.07 41.32
N VAL G 108 7.56 23.95 42.57
CA VAL G 108 7.22 22.78 43.38
C VAL G 108 5.72 22.72 43.63
N ALA G 109 5.14 23.86 43.96
CA ALA G 109 3.71 23.94 44.23
C ALA G 109 2.91 23.54 43.00
N LEU G 110 3.30 24.05 41.85
CA LEU G 110 2.60 23.73 40.61
C LEU G 110 2.71 22.25 40.27
N LEU G 111 3.91 21.69 40.35
CA LEU G 111 4.12 20.29 40.02
C LEU G 111 3.20 19.34 40.79
N TYR G 112 3.15 19.48 42.12
CA TYR G 112 2.42 18.52 42.94
C TYR G 112 0.96 18.93 43.07
N ALA G 113 0.57 19.95 42.31
CA ALA G 113 -0.84 20.27 42.08
C ALA G 113 -1.31 19.70 40.74
N ASN G 114 -0.36 19.18 39.97
CA ASN G 114 -0.62 18.68 38.62
C ASN G 114 -1.03 17.21 38.61
N ARG G 115 -2.31 16.94 38.38
CA ARG G 115 -2.81 15.56 38.36
C ARG G 115 -2.17 14.71 37.27
N TRP G 116 -1.57 15.35 36.27
CA TRP G 116 -0.98 14.62 35.16
C TRP G 116 0.48 14.30 35.46
N ARG G 117 0.91 14.61 36.68
CA ARG G 117 2.32 14.53 37.02
C ARG G 117 2.78 13.07 37.11
N PRO G 118 4.08 12.83 36.88
CA PRO G 118 4.67 11.51 37.12
C PRO G 118 4.54 11.13 38.59
N ARG G 119 4.13 9.89 38.87
CA ARG G 119 3.89 9.47 40.26
C ARG G 119 4.93 8.49 40.75
N ASP G 120 6.06 8.48 40.06
CA ASP G 120 7.20 7.64 40.40
C ASP G 120 7.84 8.00 41.75
N PRO G 121 7.92 7.03 42.68
CA PRO G 121 8.59 7.29 43.97
C PRO G 121 10.08 7.68 43.91
N THR G 122 10.80 7.34 42.84
CA THR G 122 12.22 7.72 42.72
C THR G 122 12.44 9.23 42.72
N GLN G 123 11.43 9.99 42.31
CA GLN G 123 11.59 11.44 42.21
C GLN G 123 11.92 12.04 43.58
N PHE G 124 11.46 11.38 44.64
CA PHE G 124 11.70 11.86 45.99
C PHE G 124 13.05 11.43 46.57
N ASP G 125 13.84 10.70 45.78
CA ASP G 125 15.19 10.35 46.20
C ASP G 125 16.19 11.36 45.64
N ARG G 126 15.68 12.29 44.83
CA ARG G 126 16.49 13.36 44.27
C ARG G 126 16.90 14.34 45.37
N PRO G 127 17.87 15.23 45.09
CA PRO G 127 18.47 16.03 46.17
C PRO G 127 17.60 17.17 46.68
N GLY G 128 16.56 17.55 45.95
CA GLY G 128 15.66 18.59 46.40
C GLY G 128 14.80 18.14 47.57
N TRP G 129 14.96 16.88 47.96
CA TRP G 129 14.20 16.28 49.05
C TRP G 129 15.08 15.74 50.16
N ALA G 130 14.65 15.95 51.40
CA ALA G 130 15.23 15.24 52.54
C ALA G 130 14.16 14.26 53.03
N ARG G 131 14.56 13.30 53.85
CA ARG G 131 13.61 12.32 54.39
C ARG G 131 13.42 12.50 55.89
N GLY G 132 12.16 12.60 56.31
CA GLY G 132 11.84 12.86 57.71
C GLY G 132 12.29 11.73 58.61
N ALA G 133 12.97 12.09 59.70
CA ALA G 133 13.56 11.10 60.59
C ALA G 133 12.51 10.23 61.30
N ARG G 134 11.36 10.81 61.61
CA ARG G 134 10.32 10.12 62.36
C ARG G 134 9.35 9.36 61.46
N THR G 135 9.14 9.88 60.26
CA THR G 135 8.12 9.34 59.35
C THR G 135 8.72 8.88 58.02
N GLY G 136 9.95 9.29 57.74
CA GLY G 136 10.56 9.04 56.44
C GLY G 136 9.89 9.76 55.29
N ALA G 137 8.96 10.66 55.60
CA ALA G 137 8.24 11.39 54.56
C ALA G 137 9.14 12.40 53.87
N PRO G 138 9.00 12.54 52.54
CA PRO G 138 9.83 13.55 51.87
C PRO G 138 9.54 14.96 52.39
N LEU G 139 10.60 15.72 52.64
CA LEU G 139 10.48 17.11 53.05
C LEU G 139 11.32 17.95 52.11
N ALA G 140 10.75 19.03 51.60
CA ALA G 140 11.41 19.83 50.58
C ALA G 140 12.54 20.65 51.16
N ARG G 141 13.75 20.44 50.65
CA ARG G 141 14.88 21.28 51.01
C ARG G 141 14.61 22.69 50.54
N GLY G 142 15.01 23.68 51.34
CA GLY G 142 14.81 25.07 51.00
C GLY G 142 13.46 25.64 51.44
N ALA G 143 12.60 24.80 52.02
CA ALA G 143 11.30 25.24 52.51
C ALA G 143 11.42 26.16 53.73
N LEU G 144 10.39 26.94 53.98
CA LEU G 144 10.33 27.79 55.17
C LEU G 144 10.21 27.00 56.46
N ALA G 145 9.56 25.82 56.39
CA ALA G 145 9.34 25.01 57.59
C ALA G 145 9.02 23.57 57.25
N TRP G 146 9.31 22.69 58.19
CA TRP G 146 8.98 21.27 58.09
C TRP G 146 8.11 20.83 59.26
N PHE G 147 7.17 19.93 58.99
CA PHE G 147 6.40 19.28 60.05
C PHE G 147 6.38 17.79 59.78
N GLU G 148 6.51 16.97 60.81
CA GLU G 148 6.16 15.56 60.70
C GLU G 148 5.03 15.31 61.68
N CYS G 149 4.03 14.55 61.25
CA CYS G 149 2.80 14.41 62.01
C CYS G 149 2.30 12.97 61.95
N ALA G 150 1.56 12.57 62.98
CA ALA G 150 0.85 11.30 62.99
C ALA G 150 -0.64 11.51 62.78
N LEU G 151 -1.27 10.67 61.95
CA LEU G 151 -2.70 10.84 61.70
C LEU G 151 -3.47 10.58 62.99
N TRP G 152 -4.21 11.60 63.42
CA TRP G 152 -4.94 11.55 64.67
C TRP G 152 -6.37 11.10 64.40
N ARG G 153 -7.04 11.85 63.55
CA ARG G 153 -8.40 11.51 63.14
C ARG G 153 -8.69 12.06 61.75
N ALA G 154 -9.64 11.43 61.06
CA ALA G 154 -10.13 11.90 59.78
C ALA G 154 -11.63 12.15 59.90
N TYR G 155 -12.04 13.38 59.64
CA TYR G 155 -13.43 13.78 59.84
C TYR G 155 -14.07 13.94 58.47
N ASP G 156 -15.29 13.44 58.33
CA ASP G 156 -16.02 13.60 57.08
C ASP G 156 -16.32 15.07 56.90
N ALA G 157 -16.26 15.54 55.66
CA ALA G 157 -16.47 16.95 55.38
C ALA G 157 -16.89 17.11 53.93
N GLY G 158 -18.02 16.48 53.59
CA GLY G 158 -18.53 16.54 52.24
C GLY G 158 -17.59 15.87 51.27
N ASP G 159 -17.21 16.61 50.23
CA ASP G 159 -16.36 16.08 49.18
C ASP G 159 -14.87 16.09 49.55
N HIS G 160 -14.57 16.57 50.75
CA HIS G 160 -13.23 16.48 51.31
C HIS G 160 -13.34 15.74 52.63
N SER G 161 -12.20 15.30 53.15
CA SER G 161 -12.11 14.86 54.54
C SER G 161 -11.08 15.72 55.27
N ILE G 162 -11.31 15.97 56.56
CA ILE G 162 -10.38 16.75 57.37
C ILE G 162 -9.42 15.83 58.10
N PHE G 163 -8.14 15.93 57.76
CA PHE G 163 -7.10 15.07 58.34
C PHE G 163 -6.35 15.80 59.44
N VAL G 164 -6.52 15.36 60.69
CA VAL G 164 -5.86 15.97 61.84
C VAL G 164 -4.60 15.19 62.21
N GLY G 165 -3.45 15.86 62.20
CA GLY G 165 -2.19 15.23 62.55
C GLY G 165 -1.55 15.78 63.83
N ARG G 166 -1.09 14.88 64.70
CA ARG G 166 -0.29 15.25 65.86
C ARG G 166 1.20 15.31 65.52
N LEU G 167 1.83 16.43 65.83
CA LEU G 167 3.22 16.68 65.47
C LEU G 167 4.20 15.76 66.18
N LEU G 168 5.17 15.24 65.42
CA LEU G 168 6.30 14.50 66.02
C LEU G 168 7.51 15.42 65.98
N THR G 169 7.59 16.21 64.91
CA THR G 169 8.64 17.21 64.74
C THR G 169 8.11 18.44 64.03
N ALA G 170 8.82 19.53 64.23
CA ALA G 170 8.51 20.81 63.63
C ALA G 170 9.79 21.60 63.63
N GLU G 171 10.04 22.37 62.58
CA GLU G 171 11.32 23.04 62.45
C GLU G 171 11.26 24.19 61.47
N ARG G 172 11.71 25.35 61.91
CA ARG G 172 11.76 26.53 61.06
C ARG G 172 13.17 26.83 60.57
N HIS G 173 13.25 27.16 59.29
CA HIS G 173 14.49 27.45 58.59
C HIS G 173 14.62 28.94 58.39
N ASP G 174 15.63 29.38 57.64
CA ASP G 174 15.82 30.80 57.39
C ASP G 174 14.53 31.42 56.88
N ARG G 175 14.18 32.56 57.47
CA ARG G 175 13.03 33.31 57.01
C ARG G 175 13.41 33.97 55.71
N ARG G 176 12.59 33.78 54.68
CA ARG G 176 12.79 34.45 53.43
C ARG G 176 11.44 34.62 52.75
N ASP G 177 11.45 35.21 51.56
CA ASP G 177 10.22 35.50 50.83
C ASP G 177 9.35 34.25 50.77
N ALA G 178 8.06 34.40 51.07
CA ALA G 178 7.16 33.27 51.21
C ALA G 178 6.23 33.13 50.01
N LEU G 179 5.84 31.89 49.69
CA LEU G 179 4.88 31.64 48.62
C LEU G 179 3.47 31.85 49.15
N VAL G 180 2.70 32.68 48.47
CA VAL G 180 1.34 32.98 48.87
C VAL G 180 0.41 32.71 47.70
N TYR G 181 -0.76 32.15 48.00
CA TYR G 181 -1.78 31.87 47.00
C TYR G 181 -3.01 32.70 47.32
N HIS G 182 -3.28 33.68 46.47
CA HIS G 182 -4.41 34.57 46.68
C HIS G 182 -5.01 35.02 45.36
N SER G 183 -6.34 35.07 45.31
CA SER G 183 -7.06 35.47 44.12
C SER G 183 -6.69 34.59 42.91
N GLY G 184 -6.46 33.31 43.18
CA GLY G 184 -6.11 32.35 42.14
C GLY G 184 -4.74 32.57 41.52
N GLN G 185 -3.96 33.44 42.15
CA GLN G 185 -2.61 33.77 41.70
C GLN G 185 -1.59 33.38 42.76
N PHE G 186 -0.40 32.99 42.31
CA PHE G 186 0.72 32.78 43.21
C PHE G 186 1.40 34.10 43.43
N ARG G 187 1.84 34.35 44.66
CA ARG G 187 2.42 35.62 45.03
C ARG G 187 3.65 35.44 45.90
N GLY G 188 4.52 36.42 45.88
CA GLY G 188 5.67 36.45 46.78
C GLY G 188 5.39 37.43 47.89
N LEU G 189 5.54 36.98 49.13
CA LEU G 189 5.40 37.85 50.29
C LEU G 189 6.79 38.05 50.88
N PRO G 190 7.35 39.27 50.77
CA PRO G 190 8.72 39.45 51.25
C PRO G 190 8.88 39.28 52.76
N ASP G 191 10.01 38.69 53.15
CA ASP G 191 10.34 38.49 54.56
C ASP G 191 11.85 38.32 54.69
N ARG G 192 12.41 38.78 55.80
CA ARG G 192 13.85 38.67 56.03
C ARG G 192 14.17 38.58 57.52
N SER H 34 5.51 26.51 73.73
CA SER H 34 4.40 27.17 73.03
C SER H 34 4.88 28.35 72.21
N ARG H 35 5.79 29.14 72.78
CA ARG H 35 6.27 30.34 72.10
C ARG H 35 7.07 29.88 70.89
N SER H 36 7.78 28.78 71.07
CA SER H 36 8.60 28.22 70.01
C SER H 36 7.71 27.66 68.89
N LEU H 37 6.72 26.87 69.26
CA LEU H 37 5.81 26.24 68.29
C LEU H 37 4.97 27.25 67.53
N ARG H 38 4.47 28.26 68.24
CA ARG H 38 3.69 29.33 67.62
C ARG H 38 4.53 30.03 66.56
N GLY H 39 5.83 30.11 66.83
CA GLY H 39 6.76 30.72 65.89
C GLY H 39 6.89 29.96 64.58
N ILE H 40 6.91 28.63 64.66
CA ILE H 40 7.04 27.82 63.45
C ILE H 40 5.73 27.88 62.66
N PHE H 41 4.61 27.68 63.36
CA PHE H 41 3.28 27.85 62.75
C PHE H 41 3.14 29.15 61.95
N SER H 42 3.82 30.19 62.39
CA SER H 42 3.63 31.51 61.80
C SER H 42 4.27 31.64 60.42
N SER H 43 5.14 30.70 60.05
CA SER H 43 5.78 30.74 58.73
C SER H 43 4.75 30.51 57.60
N PHE H 44 3.63 29.89 57.93
CA PHE H 44 2.54 29.73 56.98
C PHE H 44 1.66 30.98 57.03
N ALA H 45 1.74 31.77 55.96
CA ALA H 45 0.99 33.02 55.87
C ALA H 45 -0.49 32.74 55.78
N THR H 46 -1.30 33.67 56.26
CA THR H 46 -2.74 33.53 56.19
C THR H 46 -3.41 34.88 55.96
N GLY H 47 -4.65 34.83 55.48
CA GLY H 47 -5.52 35.99 55.53
C GLY H 47 -5.99 36.16 56.95
N VAL H 48 -6.94 37.06 57.15
CA VAL H 48 -7.51 37.29 58.46
C VAL H 48 -9.01 37.52 58.32
N THR H 49 -9.78 36.85 59.15
CA THR H 49 -11.22 37.06 59.15
C THR H 49 -11.69 37.51 60.53
N VAL H 50 -12.93 37.98 60.59
CA VAL H 50 -13.63 38.12 61.86
C VAL H 50 -14.87 37.23 61.89
N VAL H 51 -14.89 36.31 62.85
CA VAL H 51 -16.02 35.41 63.05
C VAL H 51 -17.02 36.00 64.03
N THR H 52 -18.30 35.98 63.66
CA THR H 52 -19.35 36.61 64.44
C THR H 52 -20.60 35.75 64.57
N VAL H 53 -21.37 36.00 65.62
CA VAL H 53 -22.72 35.45 65.74
C VAL H 53 -23.73 36.57 65.97
N GLY H 54 -24.99 36.31 65.64
CA GLY H 54 -26.08 37.21 65.96
C GLY H 54 -26.84 36.74 67.18
N GLY H 55 -28.16 36.87 67.13
CA GLY H 55 -29.00 36.46 68.24
C GLY H 55 -29.09 37.55 69.29
N ASP H 56 -29.37 37.16 70.53
CA ASP H 56 -29.51 38.14 71.62
C ASP H 56 -28.16 38.66 72.09
N SER H 57 -27.14 37.81 72.00
CA SER H 57 -25.80 38.16 72.43
C SER H 57 -24.82 38.15 71.27
N PRO H 58 -24.96 39.11 70.34
CA PRO H 58 -23.99 39.20 69.26
C PRO H 58 -22.57 39.26 69.80
N HIS H 59 -21.65 38.66 69.07
CA HIS H 59 -20.27 38.58 69.50
C HIS H 59 -19.39 38.48 68.28
N ALA H 60 -18.11 38.81 68.43
CA ALA H 60 -17.18 38.73 67.33
C ALA H 60 -15.79 38.37 67.83
N MET H 61 -14.99 37.76 66.98
CA MET H 61 -13.62 37.40 67.32
C MET H 61 -12.78 37.32 66.05
N THR H 62 -11.48 37.56 66.19
CA THR H 62 -10.57 37.52 65.06
C THR H 62 -10.08 36.10 64.85
N ALA H 63 -10.18 35.62 63.61
CA ALA H 63 -9.80 34.24 63.29
C ALA H 63 -9.05 34.16 61.96
N ASN H 64 -7.94 33.44 61.98
CA ASN H 64 -7.17 33.17 60.77
C ASN H 64 -7.08 31.68 60.44
N SER H 65 -7.74 30.86 61.24
CA SER H 65 -7.76 29.42 61.02
C SER H 65 -8.85 29.05 60.00
N PHE H 66 -9.43 30.08 59.38
CA PHE H 66 -10.50 29.90 58.40
C PHE H 66 -10.01 29.15 57.19
N THR H 67 -10.81 28.18 56.75
CA THR H 67 -10.42 27.29 55.67
C THR H 67 -11.62 26.82 54.85
N SER H 68 -11.51 26.97 53.53
CA SER H 68 -12.49 26.42 52.62
C SER H 68 -12.33 24.91 52.58
N VAL H 69 -13.44 24.20 52.74
CA VAL H 69 -13.40 22.76 52.97
C VAL H 69 -14.02 21.97 51.82
N SER H 70 -15.18 22.40 51.35
CA SER H 70 -15.95 21.61 50.38
C SER H 70 -16.83 22.50 49.49
N LEU H 71 -17.10 22.02 48.29
CA LEU H 71 -17.93 22.72 47.31
C LEU H 71 -19.31 22.05 47.24
N ASP H 72 -19.32 20.74 47.45
CA ASP H 72 -20.55 19.95 47.51
C ASP H 72 -20.54 18.98 48.68
N PRO H 73 -21.22 19.33 49.78
CA PRO H 73 -21.92 20.59 50.01
C PRO H 73 -20.92 21.71 50.27
N PRO H 74 -21.32 22.98 50.03
CA PRO H 74 -20.42 24.11 50.26
C PRO H 74 -20.09 24.28 51.75
N LEU H 75 -18.86 23.96 52.15
CA LEU H 75 -18.46 23.98 53.55
C LEU H 75 -17.20 24.81 53.80
N ILE H 76 -17.12 25.40 55.00
CA ILE H 76 -15.89 26.01 55.49
C ILE H 76 -15.66 25.55 56.92
N LEU H 77 -14.47 25.83 57.46
CA LEU H 77 -14.19 25.57 58.86
C LEU H 77 -13.38 26.67 59.52
N VAL H 78 -13.50 26.75 60.84
CA VAL H 78 -12.65 27.59 61.67
C VAL H 78 -12.29 26.82 62.94
N CYS H 79 -11.11 27.08 63.49
CA CYS H 79 -10.70 26.44 64.73
C CYS H 79 -10.81 27.43 65.86
N VAL H 80 -11.63 27.10 66.87
CA VAL H 80 -11.86 28.02 67.98
C VAL H 80 -11.49 27.34 69.31
N GLU H 81 -10.65 28.05 70.06
CA GLU H 81 -10.22 27.66 71.40
C GLU H 81 -11.37 27.28 72.33
N CYS H 82 -11.23 26.18 73.05
CA CYS H 82 -12.27 25.71 73.96
C CYS H 82 -12.54 26.74 75.07
N ASP H 83 -11.50 27.39 75.57
CA ASP H 83 -11.66 28.40 76.62
C ASP H 83 -12.13 29.75 76.08
N ALA H 84 -12.32 29.84 74.76
CA ALA H 84 -12.78 31.09 74.16
C ALA H 84 -14.29 31.20 74.23
N ALA H 85 -14.78 32.44 74.39
CA ALA H 85 -16.20 32.70 74.51
C ALA H 85 -16.97 32.30 73.25
N MET H 86 -16.35 32.51 72.08
CA MET H 86 -17.02 32.23 70.82
C MET H 86 -17.32 30.75 70.66
N HIS H 87 -16.50 29.91 71.29
CA HIS H 87 -16.72 28.47 71.30
C HIS H 87 -18.11 28.14 71.83
N GLY H 88 -18.45 28.76 72.95
CA GLY H 88 -19.77 28.60 73.54
C GLY H 88 -20.83 29.30 72.70
N SER H 89 -20.48 30.48 72.19
CA SER H 89 -21.40 31.27 71.37
C SER H 89 -21.87 30.56 70.13
N LEU H 90 -20.95 29.88 69.45
CA LEU H 90 -21.23 29.19 68.20
C LEU H 90 -22.18 28.03 68.40
N LEU H 91 -21.87 27.22 69.40
CA LEU H 91 -22.70 26.08 69.77
C LEU H 91 -24.09 26.56 70.17
N GLU H 92 -24.14 27.68 70.87
CA GLU H 92 -25.41 28.26 71.32
C GLU H 92 -26.27 28.80 70.17
N VAL H 93 -25.67 29.58 69.28
CA VAL H 93 -26.45 30.29 68.26
C VAL H 93 -26.74 29.45 67.02
N GLY H 94 -25.87 28.48 66.73
CA GLY H 94 -26.07 27.56 65.62
C GLY H 94 -25.92 28.14 64.21
N SER H 95 -25.59 29.42 64.10
CA SER H 95 -25.23 30.01 62.82
C SER H 95 -24.19 31.11 63.06
N PHE H 96 -23.43 31.48 62.03
CA PHE H 96 -22.39 32.49 62.23
C PHE H 96 -21.94 33.14 60.94
N GLY H 97 -21.29 34.30 61.07
CA GLY H 97 -20.78 35.05 59.95
C GLY H 97 -19.27 35.05 59.89
N VAL H 98 -18.73 35.27 58.68
CA VAL H 98 -17.29 35.38 58.50
C VAL H 98 -17.00 36.50 57.50
N SER H 99 -16.12 37.41 57.89
CA SER H 99 -15.70 38.49 57.00
C SER H 99 -14.19 38.42 56.80
N VAL H 100 -13.75 38.34 55.55
CA VAL H 100 -12.33 38.25 55.21
C VAL H 100 -11.77 39.67 55.11
N LEU H 101 -10.70 39.95 55.84
CA LEU H 101 -10.29 41.34 56.06
C LEU H 101 -9.35 41.92 55.01
N ALA H 102 -9.64 43.14 54.61
CA ALA H 102 -8.74 43.93 53.78
C ALA H 102 -7.60 44.49 54.62
N ALA H 103 -6.55 44.98 53.98
CA ALA H 103 -5.35 45.42 54.68
C ALA H 103 -5.58 46.66 55.55
N ASP H 104 -6.54 47.50 55.16
CA ASP H 104 -6.85 48.70 55.94
C ASP H 104 -7.85 48.43 57.06
N GLN H 105 -8.00 47.16 57.43
CA GLN H 105 -8.90 46.76 58.52
C GLN H 105 -8.10 46.03 59.59
N GLN H 106 -6.81 46.32 59.63
CA GLN H 106 -5.93 45.78 60.66
C GLN H 106 -6.43 46.06 62.07
N HIS H 107 -6.98 47.25 62.28
CA HIS H 107 -7.44 47.64 63.62
C HIS H 107 -8.61 46.78 64.03
N VAL H 108 -9.42 46.37 63.06
CA VAL H 108 -10.50 45.43 63.32
C VAL H 108 -9.95 44.09 63.81
N ALA H 109 -8.89 43.61 63.16
CA ALA H 109 -8.27 42.34 63.54
C ALA H 109 -7.72 42.42 64.96
N LEU H 110 -7.02 43.51 65.25
CA LEU H 110 -6.41 43.72 66.55
C LEU H 110 -7.46 43.84 67.66
N LEU H 111 -8.47 44.67 67.43
CA LEU H 111 -9.52 44.89 68.41
C LEU H 111 -10.17 43.58 68.85
N TYR H 112 -10.59 42.77 67.88
CA TYR H 112 -11.34 41.55 68.16
C TYR H 112 -10.44 40.35 68.41
N ALA H 113 -9.14 40.61 68.49
CA ALA H 113 -8.19 39.64 69.02
C ALA H 113 -7.89 39.97 70.47
N ASN H 114 -8.40 41.12 70.92
CA ASN H 114 -8.14 41.62 72.26
C ASN H 114 -9.14 41.13 73.28
N ARG H 115 -8.73 40.20 74.13
CA ARG H 115 -9.59 39.63 75.17
C ARG H 115 -10.11 40.68 76.17
N TRP H 116 -9.42 41.81 76.24
CA TRP H 116 -9.78 42.85 77.20
C TRP H 116 -10.79 43.82 76.60
N ARG H 117 -11.23 43.53 75.38
CA ARG H 117 -12.04 44.48 74.64
C ARG H 117 -13.44 44.57 75.24
N PRO H 118 -14.11 45.72 75.04
CA PRO H 118 -15.53 45.83 75.40
C PRO H 118 -16.40 44.83 74.63
N ARG H 119 -17.30 44.15 75.32
CA ARG H 119 -18.11 43.10 74.75
C ARG H 119 -19.58 43.50 74.59
N ASP H 120 -19.83 44.82 74.63
CA ASP H 120 -21.16 45.35 74.50
C ASP H 120 -21.73 45.00 73.12
N PRO H 121 -22.89 44.31 73.08
CA PRO H 121 -23.50 44.01 71.77
C PRO H 121 -23.84 45.25 70.94
N THR H 122 -23.93 46.39 71.60
CA THR H 122 -24.26 47.66 70.93
C THR H 122 -23.25 48.08 69.87
N GLN H 123 -22.00 47.64 70.02
CA GLN H 123 -20.95 48.02 69.08
C GLN H 123 -21.24 47.50 67.67
N PHE H 124 -21.99 46.40 67.60
CA PHE H 124 -22.31 45.79 66.31
C PHE H 124 -23.54 46.43 65.63
N ASP H 125 -24.10 47.45 66.27
CA ASP H 125 -25.17 48.24 65.66
C ASP H 125 -24.59 49.48 65.00
N ARG H 126 -23.28 49.67 65.18
CA ARG H 126 -22.58 50.81 64.59
C ARG H 126 -22.54 50.66 63.08
N PRO H 127 -22.17 51.73 62.37
CA PRO H 127 -22.33 51.68 60.92
C PRO H 127 -21.27 50.83 60.24
N GLY H 128 -20.20 50.51 60.96
CA GLY H 128 -19.15 49.66 60.43
C GLY H 128 -19.58 48.22 60.28
N TRP H 129 -20.80 47.93 60.71
CA TRP H 129 -21.34 46.58 60.66
C TRP H 129 -22.60 46.48 59.83
N ALA H 130 -22.71 45.41 59.06
CA ALA H 130 -23.97 45.04 58.43
C ALA H 130 -24.47 43.80 59.17
N ARG H 131 -25.74 43.48 59.00
CA ARG H 131 -26.31 42.30 59.64
C ARG H 131 -26.66 41.28 58.58
N GLY H 132 -26.21 40.05 58.76
CA GLY H 132 -26.41 39.01 57.78
C GLY H 132 -27.88 38.74 57.60
N ALA H 133 -28.31 38.68 56.35
CA ALA H 133 -29.72 38.55 56.03
C ALA H 133 -30.31 37.25 56.56
N ARG H 134 -29.51 36.19 56.54
CA ARG H 134 -29.97 34.86 56.92
C ARG H 134 -29.76 34.54 58.40
N THR H 135 -28.71 35.09 58.99
CA THR H 135 -28.31 34.72 60.35
C THR H 135 -28.32 35.90 61.32
N GLY H 136 -28.40 37.11 60.79
CA GLY H 136 -28.30 38.32 61.59
C GLY H 136 -26.91 38.52 62.18
N ALA H 137 -25.94 37.73 61.74
CA ALA H 137 -24.58 37.84 62.25
C ALA H 137 -23.93 39.10 61.68
N PRO H 138 -23.15 39.82 62.51
CA PRO H 138 -22.44 41.00 62.01
C PRO H 138 -21.42 40.69 60.92
N LEU H 139 -21.40 41.53 59.89
CA LEU H 139 -20.42 41.41 58.81
C LEU H 139 -19.72 42.75 58.64
N ALA H 140 -18.40 42.72 58.56
CA ALA H 140 -17.64 43.96 58.51
C ALA H 140 -17.77 44.57 57.12
N ARG H 141 -18.32 45.78 57.07
CA ARG H 141 -18.37 46.54 55.84
C ARG H 141 -16.95 46.87 55.43
N GLY H 142 -16.70 46.87 54.12
CA GLY H 142 -15.37 47.14 53.62
C GLY H 142 -14.50 45.90 53.52
N ALA H 143 -15.03 44.77 53.96
CA ALA H 143 -14.32 43.50 53.89
C ALA H 143 -14.16 43.03 52.44
N LEU H 144 -13.18 42.16 52.21
CA LEU H 144 -13.00 41.54 50.91
C LEU H 144 -14.11 40.55 50.57
N ALA H 145 -14.70 39.94 51.59
CA ALA H 145 -15.76 38.95 51.37
C ALA H 145 -16.58 38.69 52.63
N TRP H 146 -17.82 38.24 52.42
CA TRP H 146 -18.71 37.85 53.51
C TRP H 146 -19.17 36.40 53.36
N PHE H 147 -19.30 35.70 54.49
CA PHE H 147 -19.92 34.38 54.50
C PHE H 147 -20.93 34.30 55.65
N GLU H 148 -22.05 33.64 55.40
CA GLU H 148 -22.95 33.21 56.48
C GLU H 148 -23.00 31.69 56.47
N CYS H 149 -23.01 31.08 57.65
CA CYS H 149 -22.95 29.63 57.74
C CYS H 149 -23.92 29.11 58.80
N ALA H 150 -24.39 27.88 58.59
CA ALA H 150 -25.09 27.15 59.63
C ALA H 150 -24.11 26.12 60.14
N LEU H 151 -24.04 25.96 61.46
CA LEU H 151 -23.08 25.02 62.04
C LEU H 151 -23.46 23.60 61.64
N TRP H 152 -22.52 22.93 61.00
CA TRP H 152 -22.71 21.60 60.44
C TRP H 152 -22.31 20.54 61.46
N ARG H 153 -21.05 20.57 61.86
CA ARG H 153 -20.52 19.68 62.89
C ARG H 153 -19.38 20.39 63.60
N ALA H 154 -19.13 20.00 64.84
CA ALA H 154 -17.99 20.49 65.60
C ALA H 154 -17.15 19.31 66.07
N TYR H 155 -15.89 19.28 65.66
CA TYR H 155 -15.05 18.13 65.94
C TYR H 155 -13.99 18.50 66.96
N ASP H 156 -13.77 17.62 67.93
CA ASP H 156 -12.75 17.84 68.96
C ASP H 156 -11.37 17.85 68.31
N ALA H 157 -10.50 18.72 68.83
CA ALA H 157 -9.18 18.90 68.25
C ALA H 157 -8.21 19.49 69.28
N GLY H 158 -7.98 18.72 70.33
CA GLY H 158 -7.09 19.16 71.40
C GLY H 158 -7.66 20.35 72.14
N ASP H 159 -6.88 21.41 72.25
CA ASP H 159 -7.30 22.60 73.00
C ASP H 159 -8.21 23.52 72.19
N HIS H 160 -8.52 23.12 70.96
CA HIS H 160 -9.50 23.82 70.13
C HIS H 160 -10.58 22.82 69.72
N SER H 161 -11.68 23.35 69.18
CA SER H 161 -12.61 22.54 68.42
C SER H 161 -12.69 23.07 67.00
N ILE H 162 -12.88 22.16 66.05
CA ILE H 162 -13.04 22.52 64.64
C ILE H 162 -14.52 22.66 64.28
N PHE H 163 -14.91 23.87 63.92
CA PHE H 163 -16.31 24.18 63.60
C PHE H 163 -16.53 24.22 62.10
N VAL H 164 -17.28 23.26 61.59
CA VAL H 164 -17.58 23.20 60.16
C VAL H 164 -18.94 23.81 59.85
N GLY H 165 -18.94 24.80 58.96
CA GLY H 165 -20.16 25.47 58.56
C GLY H 165 -20.54 25.25 57.10
N ARG H 166 -21.83 24.96 56.89
CA ARG H 166 -22.41 24.95 55.55
C ARG H 166 -22.87 26.35 55.15
N LEU H 167 -22.43 26.78 53.98
CA LEU H 167 -22.71 28.13 53.50
C LEU H 167 -24.19 28.33 53.24
N LEU H 168 -24.71 29.45 53.72
CA LEU H 168 -26.07 29.87 53.44
C LEU H 168 -25.98 30.98 52.40
N THR H 169 -24.94 31.79 52.56
CA THR H 169 -24.66 32.87 51.63
C THR H 169 -23.16 33.06 51.51
N ALA H 170 -22.76 33.68 50.41
CA ALA H 170 -21.36 33.99 50.16
C ALA H 170 -21.33 35.15 49.17
N GLU H 171 -20.36 36.04 49.34
CA GLU H 171 -20.32 37.25 48.54
C GLU H 171 -18.92 37.84 48.56
N ARG H 172 -18.41 38.12 47.36
CA ARG H 172 -17.12 38.75 47.23
C ARG H 172 -17.29 40.22 46.85
N HIS H 173 -16.51 41.07 47.49
CA HIS H 173 -16.56 42.51 47.23
C HIS H 173 -15.35 42.93 46.41
N ASP H 174 -15.22 44.24 46.19
CA ASP H 174 -14.12 44.79 45.40
C ASP H 174 -12.76 44.28 45.86
N ARG H 175 -11.94 43.86 44.90
CA ARG H 175 -10.59 43.44 45.21
C ARG H 175 -9.71 44.66 45.47
N ARG H 176 -9.05 44.62 46.62
CA ARG H 176 -8.06 45.61 46.98
C ARG H 176 -7.10 44.90 47.93
N ASP H 177 -6.10 45.61 48.43
CA ASP H 177 -5.08 44.99 49.27
C ASP H 177 -5.69 44.18 50.41
N ALA H 178 -5.15 42.99 50.64
CA ALA H 178 -5.69 42.06 51.62
C ALA H 178 -4.84 42.07 52.88
N LEU H 179 -5.47 41.81 54.03
CA LEU H 179 -4.74 41.73 55.28
C LEU H 179 -4.12 40.34 55.42
N VAL H 180 -2.82 40.33 55.67
CA VAL H 180 -2.08 39.08 55.81
C VAL H 180 -1.32 39.03 57.12
N TYR H 181 -1.31 37.84 57.73
CA TYR H 181 -0.62 37.61 58.99
C TYR H 181 0.47 36.55 58.80
N HIS H 182 1.72 36.98 58.92
CA HIS H 182 2.88 36.10 58.69
C HIS H 182 4.05 36.48 59.60
N SER H 183 4.73 35.47 60.14
CA SER H 183 5.83 35.65 61.08
C SER H 183 5.34 36.48 62.26
N GLY H 184 4.08 36.27 62.63
CA GLY H 184 3.46 36.99 63.73
C GLY H 184 3.25 38.46 63.47
N GLN H 185 3.38 38.88 62.21
CA GLN H 185 3.24 40.29 61.86
C GLN H 185 2.05 40.44 60.94
N PHE H 186 1.40 41.59 61.00
CA PHE H 186 0.39 41.93 60.00
C PHE H 186 1.13 42.54 58.82
N ARG H 187 0.68 42.19 57.61
CA ARG H 187 1.33 42.61 56.38
C ARG H 187 0.28 43.03 55.36
N GLY H 188 0.68 43.86 54.41
CA GLY H 188 -0.21 44.25 53.33
C GLY H 188 0.13 43.47 52.08
N LEU H 189 -0.89 42.83 51.50
CA LEU H 189 -0.71 42.08 50.26
C LEU H 189 -1.43 42.82 49.13
N PRO H 190 -0.66 43.34 48.17
CA PRO H 190 -1.30 44.10 47.08
C PRO H 190 -2.22 43.26 46.21
N ASP H 191 -3.36 43.83 45.81
CA ASP H 191 -4.26 43.17 44.88
C ASP H 191 -5.15 44.21 44.23
N ARG H 192 -5.49 43.98 42.96
CA ARG H 192 -6.38 44.87 42.23
C ARG H 192 -7.10 44.07 41.15
N ALA H 193 -8.35 44.44 40.89
CA ALA H 193 -9.11 43.85 39.79
C ALA H 193 -8.38 43.97 38.46
PA FAD I . -9.04 1.79 -0.18
O1A FAD I . -10.17 1.30 -1.03
O2A FAD I . -8.02 0.74 -0.01
O5B FAD I . -8.35 3.07 -0.88
C5B FAD I . -7.18 3.63 -0.27
C4B FAD I . -6.46 4.63 -1.26
O4B FAD I . -5.93 3.96 -2.23
C3B FAD I . -7.50 5.56 -1.89
O3B FAD I . -7.00 6.85 -1.99
C2B FAD I . -7.76 4.98 -3.28
O2B FAD I . -7.94 6.11 -4.29
C1B FAD I . -6.72 4.32 -3.59
N9A FAD I . -7.09 3.11 -4.23
C8A FAD I . -7.18 1.88 -3.68
N7A FAD I . -7.57 1.01 -4.66
C5A FAD I . -7.73 1.72 -5.80
C6A FAD I . -8.11 1.34 -7.08
N6A FAD I . -8.48 0.08 -7.69
N1A FAD I . -8.18 2.28 -8.07
C2A FAD I . -7.87 3.59 -7.80
N3A FAD I . -7.50 3.96 -6.54
C4A FAD I . -7.42 3.02 -5.55
N1 FAD I . -6.06 6.04 5.98
C2 FAD I . -7.15 6.96 6.35
O2 FAD I . -8.03 7.25 5.55
N3 FAD I . -7.17 7.54 7.70
C4 FAD I . -6.14 7.21 8.62
O4 FAD I . -6.17 7.67 9.68
C4X FAD I . -5.04 6.27 8.22
N5 FAD I . -4.00 5.93 9.14
C5X FAD I . -2.92 5.00 8.74
C6 FAD I . -1.89 4.65 9.66
C7 FAD I . -0.87 3.77 9.27
C7M FAD I . 0.08 3.61 10.50
C8 FAD I . -0.88 3.23 7.98
C8M FAD I . 0.31 2.26 7.67
C9 FAD I . -1.91 3.57 7.09
C9A FAD I . -2.92 4.46 7.46
N10 FAD I . -3.98 4.80 6.51
C10 FAD I . -5.03 5.71 6.90
C1' FAD I . -4.00 4.23 5.13
C2' FAD I . -5.13 3.19 4.99
O2' FAD I . -4.96 2.21 5.97
C3' FAD I . -5.04 2.59 3.61
O3' FAD I . -5.29 3.58 2.65
C4' FAD I . -6.07 1.45 3.45
O4' FAD I . -5.78 0.76 2.30
C5' FAD I . -7.48 2.05 3.33
O5' FAD I . -8.43 1.00 3.18
P FAD I . -9.84 1.30 2.45
O1P FAD I . -10.42 0.01 1.95
O2P FAD I . -10.80 1.98 3.44
O3P FAD I . -9.57 2.26 1.24
PA FAD J . -8.45 25.62 31.71
O1A FAD J . -8.92 27.01 32.00
O2A FAD J . -7.15 25.38 32.41
O5B FAD J . -9.55 24.54 32.22
C5B FAD J . -9.19 23.18 32.40
C4B FAD J . -10.31 22.38 33.16
O4B FAD J . -10.25 22.61 34.42
C3B FAD J . -11.69 22.85 32.73
O3B FAD J . -12.61 21.82 32.76
C2B FAD J . -12.07 23.93 33.76
O2B FAD J . -13.58 23.93 33.98
C1B FAD J . -11.49 23.55 34.85
N9A FAD J . -10.96 24.65 35.57
C8A FAD J . -9.72 25.20 35.39
N7A FAD J . -9.57 26.20 36.29
C5A FAD J . -10.70 26.27 37.04
C6A FAD J . -11.07 27.11 38.08
N6A FAD J . -10.39 28.21 38.77
N1A FAD J . -12.26 26.96 38.67
C2A FAD J . -13.13 26.00 38.24
N3A FAD J . -12.78 25.17 37.21
C4A FAD J . -11.55 25.31 36.60
N1 FAD J . -7.23 19.17 27.07
C2 FAD J . -8.08 19.33 25.89
O2 FAD J . -9.08 20.04 25.94
N3 FAD J . -7.74 18.64 24.65
C4 FAD J . -6.57 17.81 24.61
O4 FAD J . -6.29 17.27 23.64
C4X FAD J . -5.72 17.65 25.83
N5 FAD J . -4.56 16.83 25.80
C5X FAD J . -3.71 16.68 27.01
C6 FAD J . -2.56 15.86 26.97
C7 FAD J . -1.76 15.73 28.13
C7M FAD J . -0.60 14.76 27.72
C8 FAD J . -2.12 16.41 29.30
C8M FAD J . -1.15 16.16 30.50
C9 FAD J . -3.26 17.21 29.32
C9A FAD J . -4.06 17.35 28.18
N10 FAD J . -5.26 18.20 28.22
C10 FAD J . -6.07 18.34 27.03
C1' FAD J . -5.66 18.94 29.45
C2' FAD J . -5.23 20.40 29.28
O2' FAD J . -3.86 20.43 28.97
C3' FAD J . -5.49 21.16 30.56
O3' FAD J . -6.85 21.06 30.87
C4' FAD J . -5.10 22.63 30.40
O4' FAD J . -4.92 23.20 31.64
C5' FAD J . -6.22 23.39 29.66
O5' FAD J . -5.83 24.73 29.47
P FAD J . -6.99 25.85 29.29
O1P FAD J . -6.49 27.18 29.75
O2P FAD J . -7.39 25.95 27.82
O3P FAD J . -8.26 25.43 30.14
PA FAD K . 6.91 4.15 -3.10
O1A FAD K . 7.90 5.03 -2.41
O2A FAD K . 6.31 3.21 -2.12
O5B FAD K . 5.73 5.05 -3.74
C5B FAD K . 4.65 4.39 -4.38
C4B FAD K . 3.42 5.36 -4.42
O4B FAD K . 3.06 5.65 -3.21
C3B FAD K . 3.87 6.67 -5.07
O3B FAD K . 2.89 7.18 -5.91
C2B FAD K . 4.11 7.61 -3.89
O2B FAD K . 3.82 9.06 -4.30
C1B FAD K . 3.27 7.23 -2.99
N9A FAD K . 3.81 7.47 -1.70
C8A FAD K . 4.40 6.56 -0.88
N7A FAD K . 4.77 7.21 0.25
C5A FAD K . 4.41 8.51 0.13
C6A FAD K . 4.55 9.59 0.98
N6A FAD K . 5.12 9.76 2.31
N1A FAD K . 4.10 10.81 0.60
C2A FAD K . 3.50 10.97 -0.62
N3A FAD K . 3.36 9.91 -1.46
C4A FAD K . 3.82 8.67 -1.08
N1 FAD K . 4.06 -0.17 -9.19
C2 FAD K . 4.79 0.31 -10.38
O2 FAD K . 5.31 1.43 -10.37
N3 FAD K . 4.87 -0.54 -11.55
C4 FAD K . 4.27 -1.83 -11.54
O4 FAD K . 4.35 -2.50 -12.46
C4X FAD K . 3.52 -2.30 -10.33
N5 FAD K . 2.91 -3.59 -10.31
C5X FAD K . 2.20 -4.06 -9.09
C6 FAD K . 1.58 -5.34 -9.07
C7 FAD K . 0.90 -5.77 -7.93
C7M FAD K . 0.37 -7.21 -8.24
C8 FAD K . 0.83 -4.95 -6.81
C8M FAD K . 0.04 -5.59 -5.63
C9 FAD K . 1.44 -3.68 -6.82
C9A FAD K . 2.12 -3.22 -7.97
N10 FAD K . 2.75 -1.90 -7.98
C10 FAD K . 3.45 -1.46 -9.18
C1' FAD K . 2.69 -0.99 -6.82
C2' FAD K . 4.07 -0.95 -6.11
O2' FAD K . 4.45 -2.25 -5.80
C3' FAD K . 3.93 -0.11 -4.86
O3' FAD K . 3.58 1.19 -5.22
C4' FAD K . 5.26 -0.09 -4.08
O4' FAD K . 5.04 0.45 -2.85
C5' FAD K . 6.30 0.78 -4.83
O5' FAD K . 7.53 0.77 -4.12
P FAD K . 8.48 2.07 -4.20
O1P FAD K . 9.32 2.15 -2.96
O2P FAD K . 9.39 2.00 -5.43
O3P FAD K . 7.58 3.36 -4.32
PA FAD L . 4.66 -11.50 -39.36
O1A FAD L . 4.77 -11.04 -40.77
O2A FAD L . 3.73 -12.67 -39.27
O5B FAD L . 6.13 -11.93 -38.82
C5B FAD L . 6.28 -12.83 -37.71
C4B FAD L . 7.71 -13.51 -37.73
O4B FAD L . 7.73 -14.45 -38.62
C3B FAD L . 8.79 -12.52 -38.15
O3B FAD L . 9.99 -12.83 -37.54
C2B FAD L . 8.88 -12.72 -39.66
O2B FAD L . 10.29 -12.34 -40.16
C1B FAD L . 8.68 -13.97 -39.82
N9A FAD L . 8.01 -14.23 -41.04
C8A FAD L . 6.66 -14.26 -41.25
N7A FAD L . 6.44 -14.56 -42.54
C5A FAD L . 7.64 -14.71 -43.16
C6A FAD L . 7.98 -15.02 -44.48
N6A FAD L . 7.20 -15.28 -45.68
N1A FAD L . 9.28 -15.12 -44.83
C2A FAD L . 10.27 -14.92 -43.89
N3A FAD L . 9.93 -14.62 -42.60
C4A FAD L . 8.62 -14.52 -42.24
N1 FAD L . 4.82 -11.26 -31.36
C2 FAD L . 5.28 -9.91 -31.04
O2 FAD L . 5.95 -9.27 -31.86
N3 FAD L . 4.93 -9.33 -29.74
C4 FAD L . 4.16 -10.09 -28.81
O4 FAD L . 3.89 -9.62 -27.79
C4X FAD L . 3.71 -11.47 -29.16
N5 FAD L . 2.95 -12.25 -28.23
C5X FAD L . 2.49 -13.61 -28.60
C6 FAD L . 1.72 -14.37 -27.67
C7 FAD L . 1.30 -15.66 -28.00
C7M FAD L . 0.50 -16.18 -26.77
C8 FAD L . 1.64 -16.20 -29.25
C8M FAD L . 1.08 -17.65 -29.47
C9 FAD L . 2.39 -15.45 -30.17
C9A FAD L . 2.83 -14.15 -29.84
N10 FAD L . 3.62 -13.36 -30.78
C10 FAD L . 4.05 -12.02 -30.42
C1' FAD L . 4.00 -13.88 -32.12
C2' FAD L . 3.12 -13.17 -33.17
O2' FAD L . 1.78 -13.33 -32.81
C3' FAD L . 3.38 -13.77 -34.52
O3' FAD L . 4.71 -13.55 -34.86
C4' FAD L . 2.48 -13.13 -35.58
O4' FAD L . 2.42 -13.97 -36.67
C5' FAD L . 3.04 -11.77 -36.04
O5' FAD L . 2.15 -11.21 -37.00
P FAD L . 2.67 -10.02 -37.95
O1P FAD L . 1.75 -9.90 -39.13
O2P FAD L . 2.65 -8.71 -37.17
O3P FAD L . 4.15 -10.30 -38.43
PA FAD M . 8.92 -26.70 -34.45
O1A FAD M . 9.24 -27.05 -33.04
O2A FAD M . 7.54 -26.14 -34.54
O5B FAD M . 10.01 -25.62 -35.00
C5B FAD M . 9.70 -24.93 -36.21
C4B FAD M . 10.61 -23.65 -36.38
O4B FAD M . 10.25 -22.74 -35.54
C3B FAD M . 12.06 -23.95 -36.06
O3B FAD M . 12.89 -23.22 -36.92
C2B FAD M . 12.26 -23.50 -34.63
O2B FAD M . 13.68 -22.96 -34.41
C1B FAD M . 11.41 -22.55 -34.45
N9A FAD M . 10.83 -22.62 -33.16
C8A FAD M . 9.64 -23.19 -32.84
N7A FAD M . 9.45 -23.04 -31.50
C5A FAD M . 10.52 -22.37 -31.00
C6A FAD M . 10.82 -21.96 -29.72
N6A FAD M . 10.13 -22.09 -28.45
N1A FAD M . 11.98 -21.30 -29.48
C2A FAD M . 12.84 -21.03 -30.51
N3A FAD M . 12.54 -21.43 -31.78
C4A FAD M . 11.37 -22.10 -32.03
N1 FAD M . 8.59 -27.09 -42.51
C2 FAD M . 9.60 -28.06 -42.92
O2 FAD M . 10.59 -28.25 -42.21
N3 FAD M . 9.44 -28.79 -44.17
C4 FAD M . 8.29 -28.57 -44.98
O4 FAD M . 8.17 -29.15 -45.97
C4X FAD M . 7.26 -27.58 -44.55
N5 FAD M . 6.10 -27.32 -45.35
C5X FAD M . 5.08 -26.34 -44.91
C6 FAD M . 3.92 -26.11 -45.70
C7 FAD M . 2.97 -25.17 -45.29
C7M FAD M . 1.87 -25.17 -46.39
C8 FAD M . 3.15 -24.49 -44.09
C8M FAD M . 1.99 -23.48 -43.75
C9 FAD M . 4.28 -24.73 -43.29
C9A FAD M . 5.26 -25.65 -43.71
N10 FAD M . 6.44 -25.90 -42.89
C10 FAD M . 7.43 -26.87 -43.32
C1' FAD M . 6.66 -25.19 -41.60
C2' FAD M . 6.30 -26.16 -40.46
O2' FAD M . 4.99 -26.60 -40.66
C3' FAD M . 6.43 -25.46 -39.13
O3' FAD M . 7.75 -25.03 -38.96
C4' FAD M . 6.05 -26.43 -38.00
O4' FAD M . 5.76 -25.70 -36.88
C5' FAD M . 7.22 -27.38 -37.67
O5' FAD M . 6.78 -28.33 -36.72
P FAD M . 7.82 -28.99 -35.68
O1P FAD M . 7.11 -29.33 -34.41
O2P FAD M . 8.37 -30.29 -36.29
O3P FAD M . 9.00 -28.00 -35.37
PA FAD N . 14.46 -40.65 -71.27
O1A FAD N . 15.64 -41.08 -72.08
O2A FAD N . 13.48 -39.96 -72.16
O5B FAD N . 13.78 -41.95 -70.56
C5B FAD N . 12.38 -41.93 -70.28
C4B FAD N . 11.80 -43.35 -69.91
O4B FAD N . 11.36 -43.92 -70.98
C3B FAD N . 12.84 -44.31 -69.31
O3B FAD N . 12.25 -45.04 -68.30
C2B FAD N . 13.26 -45.22 -70.47
O2B FAD N . 13.40 -46.66 -69.96
C1B FAD N . 12.30 -45.18 -71.33
N9A FAD N . 12.85 -45.00 -72.62
C8A FAD N . 12.97 -43.83 -73.30
N7A FAD N . 13.56 -44.10 -74.50
C5A FAD N . 13.80 -45.43 -74.55
C6A FAD N . 14.37 -46.24 -75.52
N6A FAD N . 14.93 -45.97 -76.84
N1A FAD N . 14.49 -47.57 -75.31
C2A FAD N . 14.06 -48.13 -74.13
N3A FAD N . 13.49 -47.34 -73.18
C4A FAD N . 13.36 -45.99 -73.38
N1 FAD N . 10.59 -37.97 -64.94
C2 FAD N . 11.63 -37.98 -63.90
O2 FAD N . 12.64 -38.69 -64.04
N3 FAD N . 11.48 -37.15 -62.71
C4 FAD N . 10.32 -36.33 -62.58
O4 FAD N . 10.19 -35.68 -61.64
C4X FAD N . 9.26 -36.34 -63.64
N5 FAD N . 8.11 -35.53 -63.49
C5X FAD N . 7.07 -35.53 -64.55
C6 FAD N . 5.92 -34.71 -64.38
C7 FAD N . 4.92 -34.70 -65.36
C7M FAD N . 3.84 -33.70 -64.84
C8 FAD N . 5.07 -35.48 -66.49
C8M FAD N . 3.87 -35.35 -67.50
C9 FAD N . 6.20 -36.30 -66.66
C9A FAD N . 7.22 -36.32 -65.68
N10 FAD N . 8.41 -37.16 -65.85
C10 FAD N . 9.42 -37.15 -64.80
C1' FAD N . 8.58 -38.03 -67.07
C2' FAD N . 9.83 -37.61 -67.86
O2' FAD N . 9.80 -36.22 -68.07
C3' FAD N . 9.80 -38.31 -69.20
O3' FAD N . 9.97 -39.68 -68.99
C4' FAD N . 10.91 -37.80 -70.11
O4' FAD N . 10.80 -38.39 -71.34
C5' FAD N . 12.31 -38.11 -69.53
O5' FAD N . 13.27 -37.64 -70.44
P FAD N . 14.81 -38.07 -70.25
O1P FAD N . 15.59 -37.58 -71.42
O2P FAD N . 15.35 -37.44 -68.96
O3P FAD N . 14.93 -39.63 -70.14
PA FAD O . -5.09 13.11 42.39
O1A FAD O . -5.02 11.65 42.04
O2A FAD O . -4.08 13.84 41.58
O5B FAD O . -6.58 13.68 42.04
C5B FAD O . -6.78 15.10 41.95
C4B FAD O . -8.13 15.42 41.21
O4B FAD O . -8.02 15.20 39.94
C3B FAD O . -9.26 14.52 41.69
O3B FAD O . -10.47 15.21 41.70
C2B FAD O . -9.31 13.39 40.66
O2B FAD O . -10.74 12.88 40.52
C1B FAD O . -8.93 13.93 39.56
N9A FAD O . -8.12 13.05 38.79
C8A FAD O . -6.78 12.86 38.96
N7A FAD O . -6.37 11.97 38.03
C5A FAD O . -7.45 11.61 37.28
C6A FAD O . -7.57 10.73 36.22
N6A FAD O . -6.63 9.89 35.51
N1A FAD O . -8.78 10.55 35.64
C2A FAD O . -9.87 11.23 36.10
N3A FAD O . -9.74 12.10 37.16
C4A FAD O . -8.53 12.29 37.75
N1 FAD O . -6.35 19.76 46.82
C2 FAD O . -7.02 19.31 48.04
O2 FAD O . -7.65 18.24 48.04
N3 FAD O . -6.94 20.11 49.26
C4 FAD O . -6.22 21.35 49.23
O4 FAD O . -6.15 21.99 50.19
C4X FAD O . -5.54 21.79 47.98
N5 FAD O . -4.81 23.02 47.94
C5X FAD O . -4.14 23.46 46.69
C6 FAD O . -3.42 24.67 46.67
C7 FAD O . -2.79 25.10 45.50
C7M FAD O . -2.12 26.45 45.88
C8 FAD O . -2.87 24.31 44.35
C8M FAD O . -2.10 24.91 43.12
C9 FAD O . -3.58 23.10 44.36
C9A FAD O . -4.22 22.67 45.54
N10 FAD O . -4.97 21.42 45.58
C10 FAD O . -5.61 20.99 46.80
C1' FAD O . -5.08 20.54 44.37
C2' FAD O . -4.15 19.32 44.52
O2' FAD O . -2.84 19.78 44.67
C3' FAD O . -4.29 18.48 43.28
O3' FAD O . -5.59 18.01 43.20
C4' FAD O . -3.32 17.29 43.29
O4' FAD O . -3.24 16.78 42.02
C5' FAD O . -3.84 16.18 44.24
O5' FAD O . -2.93 15.10 44.21
P FAD O . -3.44 13.62 44.63
O1P FAD O . -2.43 12.60 44.19
O2P FAD O . -3.59 13.55 46.15
O3P FAD O . -4.83 13.34 43.94
PA FAD P . -12.06 34.91 74.89
O1A FAD P . -13.08 34.75 75.96
O2A FAD P . -11.79 36.36 74.69
O5B FAD P . -10.71 34.12 75.33
C5B FAD P . -9.44 34.50 74.76
C4B FAD P . -8.27 33.70 75.46
O4B FAD P . -7.81 34.38 76.46
C3B FAD P . -8.77 32.39 76.07
O3B FAD P . -7.77 31.43 76.09
C2B FAD P . -9.16 32.77 77.50
O2B FAD P . -8.92 31.59 78.44
C1B FAD P . -8.37 33.74 77.82
N9A FAD P . -9.09 34.75 78.52
C8A FAD P . -9.64 35.86 77.99
N7A FAD P . -10.23 36.56 79.00
C5A FAD P . -10.03 35.88 80.14
C6A FAD P . -10.41 36.14 81.45
N6A FAD P . -11.15 37.22 82.08
N1A FAD P . -10.08 35.27 82.43
C2A FAD P . -9.37 34.14 82.14
N3A FAD P . -8.99 33.88 80.85
C4A FAD P . -9.33 34.75 79.85
N1 FAD P . -8.42 32.47 68.25
C2 FAD P . -9.07 31.21 67.91
O2 FAD P . -9.69 30.58 68.77
N3 FAD P . -9.00 30.71 66.54
C4 FAD P . -8.29 31.45 65.55
O4 FAD P . -8.24 31.05 64.47
C4X FAD P . -7.62 32.73 65.93
N5 FAD P . -6.92 33.47 64.94
C5X FAD P . -6.25 34.74 65.31
C6 FAD P . -5.55 35.47 64.31
C7 FAD P . -4.92 36.66 64.64
C7M FAD P . -4.26 37.16 63.31
C8 FAD P . -4.98 37.15 65.94
C8M FAD P . -4.22 38.50 66.11
C9 FAD P . -5.68 36.44 66.93
C9A FAD P . -6.32 35.23 66.62
N10 FAD P . -7.05 34.47 67.63
C10 FAD P . -7.70 33.22 67.26
C1' FAD P . -7.15 34.94 69.05
C2' FAD P . -8.62 35.32 69.35
O2' FAD P . -9.08 36.14 68.32
C3' FAD P . -8.70 36.05 70.68
O3' FAD P . -8.34 35.16 71.69
C4' FAD P . -10.12 36.56 70.90
O4' FAD P . -10.11 37.52 71.87
C5' FAD P . -11.02 35.40 71.37
O5' FAD P . -12.37 35.82 71.42
P FAD P . -13.37 35.07 72.42
O1P FAD P . -14.24 36.09 73.10
O2P FAD P . -14.26 34.09 71.64
O3P FAD P . -12.58 34.27 73.53
#